data_3PGY
#
_entry.id   3PGY
#
_cell.length_a   69.081
_cell.length_b   86.531
_cell.length_c   301.806
_cell.angle_alpha   90.000
_cell.angle_beta   90.000
_cell.angle_gamma   90.000
#
_symmetry.space_group_name_H-M   'P 21 21 21'
#
loop_
_entity.id
_entity.type
_entity.pdbx_description
1 polymer 'Serine hydroxymethyltransferase'
2 non-polymer 'CITRIC ACID'
3 non-polymer GLYCINE
4 non-polymer 1,2-ETHANEDIOL
5 water water
#
_entity_poly.entity_id   1
_entity_poly.type   'polypeptide(L)'
_entity_poly.pdbx_seq_one_letter_code
;SNAMSYITKQDKVIAEAIEREFQRQNSNIELIASENFVSEAVMEAQGSVLTNKYAEGYPGRRYYGGCEFVDVTESIAIDR
AKALFGAEHVNVQPHSGPQANMAVYLVALEMGDTVLGMNLSHGGHLTHGAPVNFSGKFYNFVEYGVDKDTERINYDEVRK
LALEHKPKLIVAGASAYSRTIDFKKFKEIADEVNAKLMVDMAHIAGLVAAGLHPNPVEYADFVTTTTHKTLRGPRGGMIL
CKEEYKKDIDKTIFPGIQGGPLEHVIAAKAVAFGEALENNFKTYQQQVVKNAKVLAEALINEGFRIVSGGTDNHLVAVDV
KGSIGLTGKEAEETLDSVGITCNKNTIPFDQEKPFVTSGIRLGTPAATTRGFDEKAFEEVAKIISLALKNSKDEEKLQQA
KERVAKLTAEYPLYQ
;
_entity_poly.pdbx_strand_id   A,B,C,D
#
loop_
_chem_comp.id
_chem_comp.type
_chem_comp.name
_chem_comp.formula
CIT non-polymer 'CITRIC ACID' 'C6 H8 O7'
EDO non-polymer 1,2-ETHANEDIOL 'C2 H6 O2'
#
# COMPACT_ATOMS: atom_id res chain seq x y z
N MET A 4 -15.39 34.52 -8.88
CA MET A 4 -15.67 33.17 -8.29
C MET A 4 -17.16 32.81 -8.37
N SER A 5 -17.87 33.53 -9.24
CA SER A 5 -19.30 33.32 -9.40
C SER A 5 -19.65 31.86 -9.78
N TYR A 6 -19.07 31.38 -10.87
CA TYR A 6 -19.41 30.06 -11.36
C TYR A 6 -18.95 28.94 -10.39
N ILE A 7 -17.84 29.15 -9.71
CA ILE A 7 -17.27 28.08 -8.90
C ILE A 7 -18.02 27.96 -7.57
N THR A 8 -18.48 29.09 -7.04
CA THR A 8 -19.26 29.03 -5.80
C THR A 8 -20.58 28.27 -6.03
N LYS A 9 -21.22 28.53 -7.17
CA LYS A 9 -22.43 27.82 -7.56
C LYS A 9 -22.16 26.34 -7.79
N GLN A 10 -21.12 26.01 -8.56
CA GLN A 10 -20.83 24.62 -8.96
C GLN A 10 -20.28 23.81 -7.78
N ASP A 11 -19.36 24.38 -7.00
CA ASP A 11 -18.54 23.60 -6.09
C ASP A 11 -18.16 24.42 -4.85
N LYS A 12 -19.16 24.62 -4.00
CA LYS A 12 -18.99 25.43 -2.79
C LYS A 12 -17.76 25.05 -1.97
N VAL A 13 -17.50 23.76 -1.81
CA VAL A 13 -16.41 23.33 -0.94
C VAL A 13 -15.03 23.76 -1.50
N ILE A 14 -14.87 23.71 -2.80
CA ILE A 14 -13.60 24.18 -3.42
C ILE A 14 -13.52 25.69 -3.38
N ALA A 15 -14.65 26.35 -3.61
CA ALA A 15 -14.67 27.79 -3.61
C ALA A 15 -14.34 28.31 -2.25
N GLU A 16 -14.88 27.70 -1.19
CA GLU A 16 -14.54 28.12 0.17
CA GLU A 16 -14.54 28.15 0.17
C GLU A 16 -13.08 27.89 0.52
N ALA A 17 -12.50 26.79 0.05
CA ALA A 17 -11.09 26.53 0.27
C ALA A 17 -10.25 27.60 -0.45
N ILE A 18 -10.65 27.96 -1.66
CA ILE A 18 -9.88 28.98 -2.40
C ILE A 18 -9.95 30.32 -1.65
N GLU A 19 -11.12 30.69 -1.16
CA GLU A 19 -11.26 31.94 -0.42
C GLU A 19 -10.43 31.88 0.87
N ARG A 20 -10.39 30.75 1.54
CA ARG A 20 -9.59 30.66 2.76
C ARG A 20 -8.10 30.77 2.49
N GLU A 21 -7.66 30.25 1.33
CA GLU A 21 -6.29 30.40 0.91
C GLU A 21 -5.94 31.87 0.63
N PHE A 22 -6.83 32.59 -0.04
CA PHE A 22 -6.64 34.02 -0.18
C PHE A 22 -6.50 34.65 1.23
N GLN A 23 -7.39 34.29 2.17
CA GLN A 23 -7.35 34.94 3.48
C GLN A 23 -6.09 34.54 4.28
N ARG A 24 -5.60 33.33 4.08
CA ARG A 24 -4.37 32.90 4.71
C ARG A 24 -3.16 33.74 4.20
N GLN A 25 -3.10 33.93 2.89
CA GLN A 25 -2.05 34.72 2.27
C GLN A 25 -2.13 36.16 2.78
N ASN A 26 -3.34 36.65 2.99
CA ASN A 26 -3.52 37.98 3.51
C ASN A 26 -3.17 38.16 5.00
N SER A 27 -3.59 37.23 5.85
CA SER A 27 -3.49 37.39 7.31
C SER A 27 -2.14 36.92 7.88
N ASN A 28 -1.30 36.29 7.07
CA ASN A 28 0.04 35.93 7.50
C ASN A 28 1.05 36.77 6.71
N ILE A 29 2.21 37.02 7.29
CA ILE A 29 3.28 37.68 6.59
C ILE A 29 4.12 36.52 6.12
N GLU A 30 3.97 36.15 4.86
CA GLU A 30 4.79 35.07 4.31
C GLU A 30 6.16 35.58 3.84
N LEU A 31 7.20 34.92 4.30
CA LEU A 31 8.56 35.24 4.03
C LEU A 31 9.22 33.95 3.55
N ILE A 32 8.49 33.30 2.64
CA ILE A 32 8.87 32.01 2.10
CA ILE A 32 8.89 32.00 2.11
C ILE A 32 9.83 32.21 0.95
N ALA A 33 11.12 32.16 1.25
CA ALA A 33 12.18 32.22 0.24
C ALA A 33 11.88 33.13 -0.94
N SER A 34 11.84 32.61 -2.15
CA SER A 34 11.66 33.44 -3.32
C SER A 34 10.21 33.55 -3.81
N GLU A 35 9.26 33.10 -2.98
CA GLU A 35 7.86 33.02 -3.46
C GLU A 35 7.23 34.40 -3.60
N ASN A 36 6.10 34.50 -4.29
CA ASN A 36 5.59 35.83 -4.63
C ASN A 36 4.07 35.85 -4.81
N PHE A 37 3.51 37.05 -4.99
CA PHE A 37 2.13 37.26 -5.39
C PHE A 37 2.03 37.73 -6.84
N VAL A 38 1.37 36.98 -7.69
CA VAL A 38 1.17 37.42 -9.09
C VAL A 38 0.04 38.47 -9.20
N SER A 39 0.00 39.20 -10.31
CA SER A 39 -0.98 40.21 -10.56
C SER A 39 -2.28 39.58 -10.96
N GLU A 40 -3.33 40.36 -10.86
CA GLU A 40 -4.62 39.97 -11.39
C GLU A 40 -4.53 39.67 -12.89
N ALA A 41 -3.80 40.48 -13.63
CA ALA A 41 -3.61 40.20 -15.10
C ALA A 41 -3.07 38.82 -15.35
N VAL A 42 -2.12 38.40 -14.53
CA VAL A 42 -1.46 37.10 -14.72
C VAL A 42 -2.49 36.00 -14.47
N MET A 43 -3.23 36.12 -13.37
CA MET A 43 -4.25 35.15 -13.06
C MET A 43 -5.38 35.09 -14.09
N GLU A 44 -5.77 36.22 -14.65
CA GLU A 44 -6.75 36.27 -15.73
C GLU A 44 -6.30 35.51 -16.96
N ALA A 45 -5.04 35.65 -17.34
CA ALA A 45 -4.50 34.84 -18.43
C ALA A 45 -4.55 33.35 -18.12
N GLN A 46 -4.08 32.92 -16.95
CA GLN A 46 -4.07 31.48 -16.57
C GLN A 46 -5.47 30.90 -16.54
N GLY A 47 -6.44 31.75 -16.24
CA GLY A 47 -7.84 31.38 -16.16
C GLY A 47 -8.64 31.55 -17.43
N SER A 48 -7.97 31.69 -18.57
CA SER A 48 -8.59 31.94 -19.87
C SER A 48 -8.94 30.64 -20.62
N VAL A 49 -9.65 30.81 -21.74
CA VAL A 49 -10.05 29.72 -22.64
C VAL A 49 -8.88 29.14 -23.38
N LEU A 50 -7.67 29.69 -23.21
CA LEU A 50 -6.54 29.05 -23.87
C LEU A 50 -6.21 27.65 -23.31
N THR A 51 -6.76 27.31 -22.14
CA THR A 51 -6.64 25.98 -21.58
C THR A 51 -7.27 24.95 -22.52
N ASN A 52 -8.25 25.37 -23.31
CA ASN A 52 -8.89 24.43 -24.23
C ASN A 52 -7.97 24.08 -25.43
N LYS A 53 -6.93 24.87 -25.67
CA LYS A 53 -6.20 24.71 -26.95
C LYS A 53 -5.13 23.64 -26.91
N TYR A 54 -5.17 22.77 -27.92
CA TYR A 54 -4.15 21.77 -28.15
C TYR A 54 -3.16 22.28 -29.21
N ALA A 55 -1.91 22.49 -28.82
CA ALA A 55 -0.94 23.27 -29.61
C ALA A 55 0.42 22.62 -29.60
N GLU A 56 0.46 21.32 -29.81
CA GLU A 56 1.75 20.64 -30.05
C GLU A 56 2.62 21.28 -31.14
N GLY A 57 3.90 21.43 -30.83
CA GLY A 57 4.86 22.01 -31.73
C GLY A 57 5.14 23.44 -31.33
N TYR A 58 5.77 24.19 -32.23
CA TYR A 58 6.24 25.53 -31.93
C TYR A 58 5.63 26.57 -32.91
N PRO A 59 5.62 27.87 -32.53
CA PRO A 59 4.96 28.88 -33.36
C PRO A 59 5.53 28.87 -34.75
N GLY A 60 4.67 29.00 -35.75
CA GLY A 60 5.11 28.82 -37.14
C GLY A 60 5.22 27.36 -37.62
N ARG A 61 5.17 26.36 -36.71
CA ARG A 61 5.34 24.92 -37.09
C ARG A 61 4.69 23.93 -36.10
N ARG A 62 3.37 24.02 -36.05
CA ARG A 62 2.54 23.29 -35.06
C ARG A 62 2.15 21.86 -35.52
N GLY A 65 -4.25 24.46 -38.46
CA GLY A 65 -4.16 23.84 -37.14
C GLY A 65 -4.92 24.61 -36.06
N GLY A 66 -5.45 25.80 -36.37
CA GLY A 66 -6.14 26.63 -35.38
C GLY A 66 -5.22 27.32 -34.35
N CYS A 67 -3.93 27.40 -34.62
CA CYS A 67 -3.00 27.91 -33.60
C CYS A 67 -2.60 29.38 -33.79
N GLU A 68 -3.28 30.06 -34.70
CA GLU A 68 -2.92 31.43 -35.06
CA GLU A 68 -3.08 31.46 -35.07
C GLU A 68 -2.80 32.37 -33.84
N PHE A 69 -3.66 32.24 -32.83
CA PHE A 69 -3.67 33.17 -31.72
C PHE A 69 -2.78 32.77 -30.56
N VAL A 70 -2.68 31.47 -30.30
CA VAL A 70 -1.66 30.99 -29.35
C VAL A 70 -0.26 31.15 -29.95
N ASP A 71 -0.14 31.18 -31.27
CA ASP A 71 1.13 31.60 -31.87
C ASP A 71 1.51 33.02 -31.48
N VAL A 72 0.51 33.89 -31.39
CA VAL A 72 0.76 35.28 -30.99
C VAL A 72 1.20 35.34 -29.52
N THR A 73 0.42 34.74 -28.62
CA THR A 73 0.78 34.83 -27.20
C THR A 73 2.11 34.12 -26.90
N GLU A 74 2.34 32.97 -27.50
CA GLU A 74 3.66 32.28 -27.34
C GLU A 74 4.83 33.08 -27.89
N SER A 75 4.66 33.62 -29.08
CA SER A 75 5.75 34.38 -29.68
C SER A 75 6.09 35.65 -28.89
N ILE A 76 5.07 36.30 -28.31
CA ILE A 76 5.27 37.45 -27.49
C ILE A 76 5.93 37.11 -26.15
N ALA A 77 5.54 35.99 -25.53
CA ALA A 77 6.34 35.44 -24.45
C ALA A 77 7.79 35.31 -24.76
N ILE A 78 8.12 34.71 -25.90
CA ILE A 78 9.50 34.57 -26.33
C ILE A 78 10.21 35.94 -26.57
N ASP A 79 9.55 36.84 -27.29
CA ASP A 79 10.07 38.17 -27.55
C ASP A 79 10.41 38.91 -26.26
N ARG A 80 9.46 38.86 -25.30
CA ARG A 80 9.64 39.62 -24.10
C ARG A 80 10.79 39.03 -23.31
N ALA A 81 10.92 37.72 -23.38
CA ALA A 81 11.99 37.01 -22.69
C ALA A 81 13.33 37.43 -23.24
N LYS A 82 13.42 37.57 -24.57
CA LYS A 82 14.62 38.09 -25.17
C LYS A 82 14.93 39.54 -24.74
N ALA A 83 13.90 40.36 -24.65
CA ALA A 83 14.05 41.74 -24.24
C ALA A 83 14.57 41.83 -22.82
N LEU A 84 14.07 40.97 -21.93
CA LEU A 84 14.53 40.93 -20.56
C LEU A 84 15.96 40.40 -20.37
N PHE A 85 16.30 39.33 -21.08
CA PHE A 85 17.46 38.57 -20.72
C PHE A 85 18.51 38.49 -21.83
N GLY A 86 18.14 38.84 -23.05
CA GLY A 86 19.08 38.95 -24.15
C GLY A 86 19.54 37.62 -24.70
N ALA A 87 18.74 36.57 -24.49
CA ALA A 87 19.10 35.21 -24.89
C ALA A 87 18.96 35.01 -26.40
N GLU A 88 19.74 34.10 -26.97
CA GLU A 88 19.68 33.88 -28.41
C GLU A 88 18.44 33.09 -28.77
N HIS A 89 18.09 32.12 -27.92
CA HIS A 89 16.98 31.24 -28.19
C HIS A 89 16.24 31.07 -26.89
N VAL A 90 14.92 31.14 -26.99
CA VAL A 90 14.06 30.96 -25.82
C VAL A 90 13.00 29.88 -26.04
N ASN A 91 12.76 29.01 -25.03
CA ASN A 91 11.65 28.07 -25.07
C ASN A 91 10.84 28.34 -23.82
N VAL A 92 9.59 28.71 -24.01
CA VAL A 92 8.67 29.10 -22.93
C VAL A 92 7.70 27.93 -22.69
N GLN A 93 7.94 26.76 -23.31
CA GLN A 93 7.04 25.64 -23.06
C GLN A 93 7.25 24.80 -21.81
N PRO A 94 8.41 24.87 -21.12
CA PRO A 94 8.54 23.90 -20.02
C PRO A 94 7.47 24.10 -18.95
N HIS A 95 6.85 23.00 -18.55
CA HIS A 95 5.79 23.02 -17.51
C HIS A 95 6.25 23.45 -16.13
N SER A 96 7.53 23.30 -15.85
CA SER A 96 8.11 23.68 -14.56
C SER A 96 9.58 23.89 -14.70
N GLY A 97 10.21 24.35 -13.65
CA GLY A 97 11.68 24.38 -13.58
C GLY A 97 12.37 23.06 -13.80
N PRO A 98 11.89 22.01 -13.12
CA PRO A 98 12.45 20.67 -13.33
C PRO A 98 12.38 20.15 -14.75
N GLN A 99 11.29 20.45 -15.45
CA GLN A 99 11.21 20.09 -16.85
C GLN A 99 12.22 20.86 -17.66
N ALA A 100 12.39 22.16 -17.39
CA ALA A 100 13.43 22.95 -18.05
C ALA A 100 14.81 22.36 -17.77
N ASN A 101 15.06 22.05 -16.49
CA ASN A 101 16.33 21.42 -16.11
C ASN A 101 16.60 20.06 -16.74
N MET A 102 15.58 19.22 -16.82
CA MET A 102 15.75 17.91 -17.40
C MET A 102 16.14 18.03 -18.87
N ALA A 103 15.49 18.92 -19.58
CA ALA A 103 15.75 19.06 -21.00
C ALA A 103 17.16 19.47 -21.25
N VAL A 104 17.67 20.38 -20.40
CA VAL A 104 19.04 20.81 -20.53
C VAL A 104 20.03 19.65 -20.30
N TYR A 105 19.81 18.89 -19.23
CA TYR A 105 20.66 17.73 -18.93
C TYR A 105 20.65 16.71 -20.05
N LEU A 106 19.46 16.45 -20.57
CA LEU A 106 19.29 15.51 -21.67
C LEU A 106 20.00 15.96 -22.93
N VAL A 107 20.11 17.27 -23.10
CA VAL A 107 20.89 17.80 -24.25
C VAL A 107 22.41 17.83 -24.00
N ALA A 108 22.79 18.26 -22.81
CA ALA A 108 24.20 18.49 -22.51
C ALA A 108 24.97 17.21 -22.18
N LEU A 109 24.27 16.17 -21.72
CA LEU A 109 24.92 15.01 -21.17
C LEU A 109 24.44 13.72 -21.78
N GLU A 110 25.30 12.69 -21.70
CA GLU A 110 24.87 11.31 -21.83
C GLU A 110 24.65 10.76 -20.43
N MET A 111 23.75 9.78 -20.29
CA MET A 111 23.49 9.12 -19.01
C MET A 111 24.81 8.60 -18.43
N GLY A 112 25.00 8.74 -17.12
CA GLY A 112 26.30 8.33 -16.53
C GLY A 112 27.39 9.40 -16.49
N ASP A 113 27.25 10.46 -17.27
CA ASP A 113 28.23 11.56 -17.28
C ASP A 113 28.28 12.29 -15.94
N THR A 114 29.39 12.98 -15.70
CA THR A 114 29.61 13.70 -14.49
C THR A 114 29.14 15.16 -14.64
N VAL A 115 28.43 15.62 -13.62
CA VAL A 115 27.90 16.99 -13.55
C VAL A 115 28.37 17.56 -12.23
N LEU A 116 28.81 18.80 -12.26
CA LEU A 116 29.28 19.51 -11.07
C LEU A 116 28.33 20.66 -10.79
N GLY A 117 27.65 20.60 -9.64
CA GLY A 117 26.66 21.62 -9.29
C GLY A 117 26.66 21.98 -7.83
N MET A 118 25.94 23.02 -7.47
CA MET A 118 26.08 23.53 -6.14
C MET A 118 25.61 22.57 -5.05
N ASN A 119 24.41 22.05 -5.17
CA ASN A 119 23.89 21.06 -4.20
C ASN A 119 22.95 20.16 -5.00
N LEU A 120 22.83 18.88 -4.64
CA LEU A 120 21.86 18.02 -5.33
C LEU A 120 20.48 18.32 -4.73
N SER A 121 19.53 18.75 -5.57
CA SER A 121 18.15 18.99 -5.10
C SER A 121 17.64 17.81 -4.26
N HIS A 122 17.21 18.09 -3.03
CA HIS A 122 16.70 17.07 -2.09
C HIS A 122 17.61 15.86 -2.00
N PRO A 131 20.16 8.51 -5.31
CA PRO A 131 19.30 9.67 -5.10
C PRO A 131 17.99 9.55 -5.87
N VAL A 132 16.95 10.17 -5.32
CA VAL A 132 15.63 10.11 -5.95
C VAL A 132 15.62 11.09 -7.14
N ASN A 133 16.15 12.31 -6.93
CA ASN A 133 16.10 13.35 -7.98
C ASN A 133 16.78 12.86 -9.25
N PHE A 134 16.13 13.07 -10.41
CA PHE A 134 16.65 12.59 -11.69
CA PHE A 134 16.66 12.62 -11.72
C PHE A 134 18.13 13.00 -11.95
N SER A 135 18.52 14.19 -11.50
CA SER A 135 19.83 14.71 -11.77
C SER A 135 20.90 13.91 -11.03
N GLY A 136 20.56 13.40 -9.86
CA GLY A 136 21.47 12.54 -9.13
C GLY A 136 21.43 11.07 -9.51
N LYS A 137 20.28 10.63 -10.01
CA LYS A 137 20.03 9.23 -10.35
C LYS A 137 20.69 8.84 -11.66
N PHE A 138 20.52 9.63 -12.73
CA PHE A 138 21.03 9.17 -14.02
C PHE A 138 22.36 9.73 -14.43
N TYR A 139 22.92 10.58 -13.59
CA TYR A 139 24.23 11.19 -13.82
C TYR A 139 25.04 11.11 -12.54
N ASN A 140 26.34 11.27 -12.68
CA ASN A 140 27.23 11.30 -11.52
C ASN A 140 27.28 12.76 -11.07
N PHE A 141 26.45 13.12 -10.09
CA PHE A 141 26.34 14.51 -9.67
C PHE A 141 27.35 14.81 -8.53
N VAL A 142 28.28 15.71 -8.78
CA VAL A 142 29.26 16.12 -7.74
C VAL A 142 28.88 17.52 -7.25
N GLU A 143 28.79 17.70 -5.93
CA GLU A 143 28.44 18.98 -5.32
C GLU A 143 29.64 19.77 -4.89
N TYR A 144 29.63 21.08 -5.14
CA TYR A 144 30.63 21.96 -4.57
C TYR A 144 30.23 22.71 -3.26
N GLY A 145 28.96 22.95 -3.07
CA GLY A 145 28.46 23.63 -1.86
C GLY A 145 29.16 24.95 -1.57
N VAL A 146 29.28 25.28 -0.28
CA VAL A 146 29.93 26.51 0.17
C VAL A 146 31.08 26.15 1.11
N ASP A 147 31.98 27.09 1.32
CA ASP A 147 33.13 26.90 2.18
C ASP A 147 32.66 26.95 3.67
N LYS A 148 33.20 26.05 4.51
CA LYS A 148 32.85 26.03 5.93
C LYS A 148 33.19 27.32 6.69
N ASP A 149 34.18 28.06 6.24
CA ASP A 149 34.61 29.28 6.98
C ASP A 149 33.81 30.51 6.50
N THR A 150 33.74 30.68 5.20
CA THR A 150 33.03 31.86 4.64
C THR A 150 31.52 31.66 4.47
N GLU A 151 31.10 30.40 4.40
CA GLU A 151 29.72 30.03 4.08
C GLU A 151 29.32 30.54 2.71
N ARG A 152 30.29 30.70 1.82
CA ARG A 152 30.04 31.14 0.48
C ARG A 152 30.83 30.31 -0.51
N ILE A 153 30.44 30.40 -1.79
CA ILE A 153 31.19 29.72 -2.85
C ILE A 153 32.66 30.03 -2.70
N ASN A 154 33.50 28.98 -2.84
CA ASN A 154 34.96 29.14 -2.94
C ASN A 154 35.35 28.68 -4.35
N TYR A 155 35.68 29.65 -5.19
CA TYR A 155 35.96 29.39 -6.61
C TYR A 155 37.21 28.58 -6.77
N ASP A 156 38.13 28.67 -5.82
CA ASP A 156 39.30 27.78 -5.84
C ASP A 156 38.88 26.32 -5.71
N GLU A 157 38.00 26.06 -4.76
CA GLU A 157 37.41 24.75 -4.45
CA GLU A 157 37.53 24.72 -4.52
C GLU A 157 36.60 24.24 -5.64
N VAL A 158 35.75 25.11 -6.19
CA VAL A 158 34.99 24.76 -7.42
C VAL A 158 35.95 24.33 -8.56
N ARG A 159 36.97 25.12 -8.78
CA ARG A 159 37.97 24.81 -9.79
C ARG A 159 38.71 23.47 -9.52
N LYS A 160 39.10 23.22 -8.27
CA LYS A 160 39.79 21.97 -7.94
CA LYS A 160 39.76 21.96 -7.88
C LYS A 160 38.88 20.76 -8.24
N LEU A 161 37.61 20.86 -7.87
CA LEU A 161 36.63 19.79 -8.17
C LEU A 161 36.46 19.56 -9.67
N ALA A 162 36.43 20.64 -10.44
CA ALA A 162 36.28 20.56 -11.85
C ALA A 162 37.50 19.89 -12.48
N LEU A 163 38.70 20.22 -12.02
CA LEU A 163 39.93 19.58 -12.53
C LEU A 163 40.00 18.09 -12.17
N GLU A 164 39.53 17.75 -10.97
CA GLU A 164 39.57 16.40 -10.44
C GLU A 164 38.50 15.49 -11.08
N HIS A 165 37.27 15.97 -11.16
CA HIS A 165 36.16 15.14 -11.64
C HIS A 165 35.86 15.27 -13.11
N LYS A 166 36.41 16.27 -13.78
CA LYS A 166 36.19 16.50 -15.23
C LYS A 166 34.73 16.46 -15.66
N PRO A 167 33.89 17.31 -15.07
CA PRO A 167 32.48 17.25 -15.43
C PRO A 167 32.27 17.61 -16.86
N LYS A 168 31.21 17.07 -17.46
CA LYS A 168 30.83 17.50 -18.80
C LYS A 168 29.96 18.71 -18.73
N LEU A 169 29.31 18.92 -17.59
CA LEU A 169 28.46 20.10 -17.37
C LEU A 169 28.72 20.65 -15.97
N ILE A 170 28.90 21.96 -15.88
CA ILE A 170 28.95 22.65 -14.58
C ILE A 170 27.64 23.44 -14.42
N VAL A 171 27.00 23.34 -13.27
CA VAL A 171 25.78 24.10 -13.01
C VAL A 171 26.06 25.11 -11.91
N ALA A 172 25.65 26.36 -12.12
CA ALA A 172 25.58 27.37 -11.08
C ALA A 172 24.16 27.77 -10.84
N GLY A 173 23.94 28.34 -9.64
CA GLY A 173 22.59 28.71 -9.20
C GLY A 173 21.87 27.51 -8.61
N ALA A 174 20.59 27.35 -8.95
CA ALA A 174 19.74 26.26 -8.42
C ALA A 174 19.40 26.45 -6.94
N SER A 175 20.42 26.54 -6.08
CA SER A 175 20.18 26.65 -4.64
C SER A 175 19.67 28.03 -4.28
N ALA A 176 18.92 28.08 -3.18
CA ALA A 176 18.44 29.33 -2.61
C ALA A 176 19.59 30.02 -1.83
N TYR A 177 20.58 30.48 -2.56
CA TYR A 177 21.79 31.05 -2.00
C TYR A 177 21.66 32.55 -1.89
N SER A 178 22.13 33.10 -0.77
CA SER A 178 21.91 34.54 -0.48
C SER A 178 22.99 35.52 -0.92
N ARG A 179 24.00 35.07 -1.70
CA ARG A 179 25.02 35.96 -2.13
C ARG A 179 25.12 35.89 -3.65
N THR A 180 25.76 36.88 -4.24
CA THR A 180 25.98 36.95 -5.67
C THR A 180 26.76 35.75 -6.20
N ILE A 181 26.50 35.39 -7.46
CA ILE A 181 27.16 34.28 -8.07
C ILE A 181 27.85 34.87 -9.29
N ASP A 182 29.15 34.58 -9.44
CA ASP A 182 29.92 35.23 -10.42
C ASP A 182 30.04 34.30 -11.60
N PHE A 183 29.23 34.60 -12.61
CA PHE A 183 29.11 33.67 -13.74
C PHE A 183 30.35 33.71 -14.59
N LYS A 184 31.02 34.85 -14.62
CA LYS A 184 32.30 34.93 -15.37
C LYS A 184 33.32 33.91 -14.83
N LYS A 185 33.37 33.72 -13.52
CA LYS A 185 34.31 32.80 -12.93
C LYS A 185 33.89 31.35 -13.15
N PHE A 186 32.59 31.10 -13.17
CA PHE A 186 32.13 29.77 -13.62
C PHE A 186 32.48 29.50 -15.08
N LYS A 187 32.27 30.49 -15.93
CA LYS A 187 32.63 30.30 -17.33
C LYS A 187 34.13 29.99 -17.50
N GLU A 188 35.00 30.76 -16.85
CA GLU A 188 36.44 30.49 -16.82
C GLU A 188 36.77 29.06 -16.43
N ILE A 189 36.15 28.60 -15.36
CA ILE A 189 36.35 27.22 -14.85
C ILE A 189 35.86 26.20 -15.86
N ALA A 190 34.66 26.45 -16.42
CA ALA A 190 34.08 25.55 -17.39
C ALA A 190 34.96 25.47 -18.62
N ASP A 191 35.44 26.60 -19.08
CA ASP A 191 36.32 26.57 -20.29
C ASP A 191 37.61 25.79 -20.00
N GLU A 192 38.15 25.96 -18.79
CA GLU A 192 39.40 25.26 -18.44
C GLU A 192 39.29 23.73 -18.59
N VAL A 193 38.12 23.16 -18.24
CA VAL A 193 37.96 21.70 -18.26
C VAL A 193 37.09 21.22 -19.43
N ASN A 194 36.79 22.12 -20.35
CA ASN A 194 35.98 21.86 -21.54
C ASN A 194 34.56 21.39 -21.19
N ALA A 195 33.97 22.01 -20.18
CA ALA A 195 32.59 21.75 -19.79
C ALA A 195 31.66 22.83 -20.33
N LYS A 196 30.43 22.43 -20.64
CA LYS A 196 29.38 23.39 -20.90
C LYS A 196 28.96 23.96 -19.54
N LEU A 197 28.34 25.13 -19.56
CA LEU A 197 27.86 25.79 -18.35
C LEU A 197 26.39 26.02 -18.42
N MET A 198 25.71 25.57 -17.35
CA MET A 198 24.30 25.83 -17.18
C MET A 198 24.12 26.67 -15.94
N VAL A 199 23.22 27.63 -16.00
CA VAL A 199 22.79 28.34 -14.78
C VAL A 199 21.31 28.19 -14.57
N ASP A 200 20.91 27.80 -13.38
CA ASP A 200 19.51 27.77 -13.04
C ASP A 200 19.28 29.02 -12.17
N MET A 201 18.65 30.04 -12.75
CA MET A 201 18.46 31.32 -12.12
C MET A 201 17.08 31.50 -11.47
N ALA A 202 16.37 30.43 -11.21
CA ALA A 202 14.99 30.50 -10.70
C ALA A 202 14.87 31.52 -9.54
N HIS A 203 15.81 31.47 -8.60
CA HIS A 203 15.64 32.28 -7.40
C HIS A 203 15.84 33.77 -7.72
N ILE A 204 16.75 34.03 -8.65
CA ILE A 204 17.22 35.37 -8.91
C ILE A 204 16.78 35.96 -10.21
N ALA A 205 15.92 35.30 -10.96
CA ALA A 205 15.59 35.79 -12.32
C ALA A 205 14.99 37.19 -12.31
N GLY A 206 14.20 37.51 -11.30
CA GLY A 206 13.67 38.88 -11.26
C GLY A 206 14.73 39.97 -10.99
N LEU A 207 15.71 39.62 -10.19
CA LEU A 207 16.83 40.49 -9.93
C LEU A 207 17.67 40.69 -11.19
N VAL A 208 17.94 39.60 -11.88
CA VAL A 208 18.59 39.65 -13.21
C VAL A 208 17.85 40.57 -14.18
N ALA A 209 16.53 40.38 -14.24
CA ALA A 209 15.66 41.19 -15.14
C ALA A 209 15.78 42.67 -14.87
N ALA A 210 15.91 43.02 -13.59
CA ALA A 210 16.03 44.40 -13.13
C ALA A 210 17.48 44.96 -13.08
N GLY A 211 18.46 44.18 -13.51
CA GLY A 211 19.86 44.60 -13.52
C GLY A 211 20.56 44.59 -12.18
N LEU A 212 19.96 43.96 -11.16
CA LEU A 212 20.50 43.97 -9.82
C LEU A 212 21.31 42.69 -9.47
N HIS A 213 21.40 41.75 -10.39
CA HIS A 213 22.31 40.63 -10.28
C HIS A 213 22.88 40.48 -11.70
N PRO A 214 24.18 40.17 -11.83
CA PRO A 214 24.70 39.94 -13.17
C PRO A 214 23.91 38.85 -13.93
N ASN A 215 23.87 38.99 -15.25
CA ASN A 215 23.03 38.17 -16.10
C ASN A 215 23.86 36.98 -16.59
N PRO A 216 23.43 35.74 -16.26
CA PRO A 216 24.19 34.56 -16.69
C PRO A 216 24.15 34.29 -18.19
N VAL A 217 23.24 34.95 -18.92
CA VAL A 217 23.14 34.75 -20.37
C VAL A 217 24.40 35.19 -21.09
N GLU A 218 25.12 36.16 -20.55
CA GLU A 218 26.41 36.62 -21.08
C GLU A 218 27.41 35.45 -21.15
N TYR A 219 27.33 34.48 -20.23
CA TYR A 219 28.34 33.44 -20.12
C TYR A 219 27.93 31.99 -20.34
N ALA A 220 26.68 31.68 -20.03
CA ALA A 220 26.21 30.28 -20.02
C ALA A 220 25.86 29.76 -21.40
N ASP A 221 26.08 28.45 -21.59
CA ASP A 221 25.49 27.74 -22.66
C ASP A 221 23.97 27.66 -22.56
N PHE A 222 23.46 27.48 -21.33
CA PHE A 222 22.07 27.27 -21.09
C PHE A 222 21.73 27.96 -19.82
N VAL A 223 20.57 28.57 -19.81
CA VAL A 223 20.02 29.16 -18.60
C VAL A 223 18.62 28.66 -18.46
N THR A 224 18.29 28.12 -17.26
CA THR A 224 16.96 27.72 -17.01
C THR A 224 16.40 28.62 -15.94
N THR A 225 15.08 28.66 -15.84
CA THR A 225 14.43 29.42 -14.76
C THR A 225 13.01 28.95 -14.55
N THR A 226 12.49 29.23 -13.36
CA THR A 226 11.08 29.26 -13.17
C THR A 226 10.57 30.63 -13.62
N THR A 227 9.29 30.69 -13.98
CA THR A 227 8.67 31.98 -14.33
C THR A 227 8.01 32.60 -13.10
N HIS A 228 7.78 31.81 -12.07
CA HIS A 228 7.37 32.35 -10.80
C HIS A 228 8.61 32.67 -9.95
N LYS A 229 8.37 33.26 -8.78
CA LYS A 229 9.37 33.57 -7.75
C LYS A 229 9.69 35.04 -7.89
N THR A 230 10.96 35.41 -7.93
CA THR A 230 11.32 36.83 -8.07
C THR A 230 10.84 37.40 -9.39
N LEU A 231 10.75 36.56 -10.44
CA LEU A 231 10.24 37.04 -11.71
C LEU A 231 8.73 37.33 -11.64
N ARG A 232 8.06 36.84 -10.58
CA ARG A 232 6.69 37.20 -10.25
C ARG A 232 5.66 36.75 -11.32
N GLY A 233 5.96 35.67 -12.02
CA GLY A 233 5.02 35.15 -13.03
C GLY A 233 4.27 33.93 -12.58
N PRO A 234 3.55 33.31 -13.51
CA PRO A 234 2.87 32.08 -13.16
C PRO A 234 3.83 30.94 -12.94
N ARG A 235 3.40 29.87 -12.26
CA ARG A 235 4.26 28.73 -12.03
C ARG A 235 4.51 28.01 -13.36
N GLY A 236 5.79 27.84 -13.67
CA GLY A 236 6.23 27.25 -14.90
C GLY A 236 7.71 27.39 -15.12
N GLY A 237 8.18 26.90 -16.24
CA GLY A 237 9.60 27.01 -16.57
C GLY A 237 9.91 27.67 -17.90
N MET A 238 11.20 27.81 -18.17
CA MET A 238 11.71 28.42 -19.40
C MET A 238 13.16 28.07 -19.54
N ILE A 239 13.59 27.91 -20.79
CA ILE A 239 14.96 27.66 -21.10
C ILE A 239 15.42 28.80 -22.04
N LEU A 240 16.58 29.38 -21.72
CA LEU A 240 17.32 30.24 -22.66
C LEU A 240 18.62 29.52 -23.02
N CYS A 241 19.09 29.62 -24.25
CA CYS A 241 20.28 28.93 -24.66
C CYS A 241 20.83 29.62 -25.90
N LYS A 242 22.09 29.28 -26.15
CA LYS A 242 22.79 29.68 -27.35
C LYS A 242 22.15 29.02 -28.56
N GLU A 243 22.24 29.69 -29.70
CA GLU A 243 21.57 29.26 -30.91
C GLU A 243 22.01 27.86 -31.32
N GLU A 244 23.24 27.45 -31.01
CA GLU A 244 23.68 26.12 -31.43
C GLU A 244 22.90 24.99 -30.76
N TYR A 245 22.26 25.27 -29.62
CA TYR A 245 21.52 24.21 -28.91
C TYR A 245 20.02 24.20 -29.18
N LYS A 246 19.55 25.14 -30.01
CA LYS A 246 18.12 25.39 -30.20
C LYS A 246 17.32 24.14 -30.66
N LYS A 247 17.84 23.51 -31.70
CA LYS A 247 17.20 22.36 -32.28
CA LYS A 247 17.23 22.33 -32.29
C LYS A 247 17.08 21.20 -31.29
N ASP A 248 18.15 20.94 -30.55
CA ASP A 248 18.15 19.83 -29.63
C ASP A 248 17.27 20.17 -28.44
N ILE A 249 17.38 21.40 -27.98
CA ILE A 249 16.56 21.84 -26.82
C ILE A 249 15.07 21.76 -27.15
N ASP A 250 14.68 22.30 -28.31
CA ASP A 250 13.25 22.30 -28.66
C ASP A 250 12.62 20.91 -28.83
N LYS A 251 13.37 20.03 -29.50
CA LYS A 251 12.89 18.68 -29.73
C LYS A 251 12.91 17.86 -28.45
N THR A 252 13.74 18.23 -27.50
CA THR A 252 13.80 17.54 -26.23
C THR A 252 12.59 17.90 -25.39
N ILE A 253 12.18 19.15 -25.44
CA ILE A 253 10.96 19.56 -24.73
C ILE A 253 9.74 18.92 -25.38
N PHE A 254 9.65 19.01 -26.71
CA PHE A 254 8.56 18.38 -27.43
C PHE A 254 9.08 17.79 -28.75
N PRO A 255 8.86 16.49 -28.99
CA PRO A 255 8.12 15.52 -28.21
C PRO A 255 8.91 14.75 -27.19
N GLY A 256 10.10 15.21 -26.82
CA GLY A 256 10.94 14.43 -25.94
C GLY A 256 10.36 14.10 -24.59
N ILE A 257 9.98 15.10 -23.81
CA ILE A 257 9.50 14.89 -22.42
C ILE A 257 8.18 15.58 -22.14
N GLN A 258 7.67 16.38 -23.10
CA GLN A 258 6.34 17.00 -22.96
C GLN A 258 5.55 16.75 -24.22
N GLY A 259 4.25 17.00 -24.10
CA GLY A 259 3.35 17.03 -25.20
C GLY A 259 2.96 18.48 -25.52
N GLY A 260 1.66 18.75 -25.51
CA GLY A 260 1.14 20.06 -25.75
C GLY A 260 1.55 20.96 -24.62
N PRO A 261 1.80 22.23 -24.94
CA PRO A 261 2.17 23.22 -23.97
C PRO A 261 0.92 23.74 -23.28
N LEU A 262 1.10 24.38 -22.13
CA LEU A 262 -0.03 25.01 -21.42
C LEU A 262 -0.15 26.46 -21.90
N GLU A 263 -0.96 26.68 -22.93
CA GLU A 263 -0.98 27.98 -23.58
C GLU A 263 -1.56 29.09 -22.73
N HIS A 264 -2.47 28.74 -21.83
CA HIS A 264 -2.98 29.71 -20.83
C HIS A 264 -1.88 30.16 -19.88
N VAL A 265 -1.07 29.22 -19.42
CA VAL A 265 0.04 29.57 -18.58
C VAL A 265 1.08 30.37 -19.38
N ILE A 266 1.32 29.98 -20.62
CA ILE A 266 2.28 30.70 -21.46
C ILE A 266 1.84 32.16 -21.71
N ALA A 267 0.56 32.37 -21.94
CA ALA A 267 0.03 33.74 -22.06
C ALA A 267 0.27 34.50 -20.78
N ALA A 268 0.10 33.81 -19.64
CA ALA A 268 0.35 34.42 -18.35
C ALA A 268 1.85 34.73 -18.17
N LYS A 269 2.74 33.89 -18.76
CA LYS A 269 4.17 34.20 -18.76
C LYS A 269 4.44 35.51 -19.53
N ALA A 270 3.87 35.62 -20.73
CA ALA A 270 3.89 36.85 -21.52
C ALA A 270 3.49 38.08 -20.66
N VAL A 271 2.37 37.97 -19.94
CA VAL A 271 1.86 39.10 -19.11
C VAL A 271 2.90 39.48 -18.04
N ALA A 272 3.47 38.46 -17.41
CA ALA A 272 4.44 38.71 -16.35
C ALA A 272 5.71 39.29 -16.93
N PHE A 273 6.13 38.81 -18.09
CA PHE A 273 7.32 39.34 -18.70
C PHE A 273 7.11 40.82 -19.08
N GLY A 274 5.92 41.18 -19.53
CA GLY A 274 5.58 42.58 -19.84
C GLY A 274 5.66 43.45 -18.60
N GLU A 275 5.11 42.96 -17.49
CA GLU A 275 5.31 43.61 -16.20
C GLU A 275 6.77 43.81 -15.83
N ALA A 276 7.64 42.84 -16.12
CA ALA A 276 9.04 42.88 -15.71
C ALA A 276 9.82 43.86 -16.53
N LEU A 277 9.30 44.19 -17.70
CA LEU A 277 9.95 45.16 -18.57
C LEU A 277 9.60 46.60 -18.16
N GLU A 278 8.57 46.80 -17.34
CA GLU A 278 8.26 48.14 -16.87
C GLU A 278 9.35 48.70 -15.96
N ASN A 279 9.55 50.01 -16.08
CA ASN A 279 10.43 50.74 -15.16
C ASN A 279 10.12 50.46 -13.69
N ASN A 280 8.86 50.35 -13.33
CA ASN A 280 8.59 50.12 -11.91
C ASN A 280 8.94 48.74 -11.40
N PHE A 281 9.30 47.81 -12.28
CA PHE A 281 9.75 46.50 -11.82
C PHE A 281 11.12 46.60 -11.20
N LYS A 282 11.99 47.35 -11.85
CA LYS A 282 13.30 47.69 -11.28
C LYS A 282 13.19 48.35 -9.87
N THR A 283 12.27 49.31 -9.73
CA THR A 283 12.03 49.99 -8.45
C THR A 283 11.61 48.96 -7.40
N TYR A 284 10.71 48.08 -7.82
CA TYR A 284 10.26 46.94 -7.04
C TYR A 284 11.40 46.05 -6.54
N GLN A 285 12.25 45.59 -7.45
CA GLN A 285 13.34 44.76 -7.08
C GLN A 285 14.41 45.50 -6.26
N GLN A 286 14.61 46.80 -6.50
CA GLN A 286 15.49 47.57 -5.63
C GLN A 286 14.94 47.58 -4.20
N GLN A 287 13.62 47.70 -4.06
CA GLN A 287 12.97 47.62 -2.72
C GLN A 287 13.07 46.23 -2.06
N VAL A 288 12.90 45.16 -2.84
CA VAL A 288 13.09 43.78 -2.40
C VAL A 288 14.45 43.62 -1.74
N VAL A 289 15.51 44.05 -2.43
CA VAL A 289 16.90 43.87 -1.95
C VAL A 289 17.21 44.77 -0.68
N LYS A 290 16.67 46.01 -0.67
CA LYS A 290 16.83 46.95 0.44
CA LYS A 290 16.89 46.92 0.44
C LYS A 290 16.17 46.38 1.67
N ASN A 291 14.99 45.83 1.46
CA ASN A 291 14.23 45.24 2.50
C ASN A 291 14.97 44.06 3.10
N ALA A 292 15.60 43.23 2.26
CA ALA A 292 16.34 42.08 2.76
C ALA A 292 17.57 42.57 3.58
N LYS A 293 18.26 43.59 3.08
CA LYS A 293 19.39 44.17 3.85
C LYS A 293 18.96 44.78 5.16
N VAL A 294 17.84 45.48 5.17
CA VAL A 294 17.28 46.04 6.42
C VAL A 294 16.98 44.96 7.44
N LEU A 295 16.39 43.86 6.96
CA LEU A 295 15.98 42.75 7.82
C LEU A 295 17.19 42.07 8.46
N ALA A 296 18.19 41.81 7.64
CA ALA A 296 19.41 41.17 8.10
C ALA A 296 20.16 42.03 9.11
N GLU A 297 20.28 43.30 8.80
CA GLU A 297 21.00 44.23 9.66
CA GLU A 297 20.98 44.27 9.65
C GLU A 297 20.30 44.37 11.00
N ALA A 298 18.98 44.47 10.96
CA ALA A 298 18.22 44.65 12.21
C ALA A 298 18.39 43.43 13.11
N LEU A 299 18.30 42.25 12.51
CA LEU A 299 18.52 41.00 13.23
C LEU A 299 19.98 40.92 13.79
N ILE A 300 20.96 41.25 12.95
CA ILE A 300 22.34 41.35 13.38
C ILE A 300 22.51 42.29 14.59
N ASN A 301 21.90 43.47 14.52
CA ASN A 301 21.95 44.45 15.61
C ASN A 301 21.48 43.91 16.99
N GLU A 302 20.63 42.90 16.92
CA GLU A 302 20.06 42.23 18.08
C GLU A 302 20.78 40.92 18.44
N GLY A 303 21.88 40.60 17.78
CA GLY A 303 22.62 39.38 18.11
C GLY A 303 22.40 38.14 17.25
N PHE A 304 21.59 38.23 16.20
CA PHE A 304 21.32 37.06 15.35
C PHE A 304 22.41 36.92 14.35
N ARG A 305 23.00 35.74 14.26
CA ARG A 305 24.02 35.49 13.22
C ARG A 305 23.29 35.16 11.95
N ILE A 306 23.71 35.80 10.87
CA ILE A 306 23.19 35.56 9.56
C ILE A 306 24.25 34.73 8.78
N VAL A 307 23.83 33.65 8.14
CA VAL A 307 24.73 32.83 7.30
C VAL A 307 25.41 33.71 6.26
N SER A 308 26.73 33.60 6.18
CA SER A 308 27.61 34.46 5.36
C SER A 308 27.73 35.91 5.86
N GLY A 309 27.10 36.21 6.99
CA GLY A 309 27.14 37.55 7.59
C GLY A 309 26.28 38.62 6.90
N GLY A 310 25.37 38.20 6.00
CA GLY A 310 24.56 39.20 5.26
C GLY A 310 23.89 38.57 4.05
N THR A 311 23.43 39.42 3.14
CA THR A 311 22.86 38.99 1.87
C THR A 311 23.16 40.01 0.81
N ASP A 312 23.21 39.56 -0.44
CA ASP A 312 23.29 40.41 -1.63
C ASP A 312 21.95 40.42 -2.38
N ASN A 313 20.99 39.60 -1.96
CA ASN A 313 19.72 39.45 -2.68
C ASN A 313 18.53 39.54 -1.72
N HIS A 314 17.45 38.84 -2.04
CA HIS A 314 16.16 38.90 -1.35
C HIS A 314 16.11 37.88 -0.22
N LEU A 315 17.14 37.05 -0.07
CA LEU A 315 17.10 35.97 0.89
C LEU A 315 17.90 36.27 2.15
N VAL A 316 17.36 35.90 3.30
CA VAL A 316 18.10 36.05 4.56
C VAL A 316 18.04 34.74 5.32
N ALA A 317 19.21 34.12 5.49
CA ALA A 317 19.33 32.87 6.24
C ALA A 317 19.88 33.10 7.64
N VAL A 318 19.10 32.76 8.67
CA VAL A 318 19.44 33.07 10.05
C VAL A 318 19.85 31.77 10.71
N ASP A 319 20.99 31.78 11.40
CA ASP A 319 21.42 30.68 12.25
C ASP A 319 20.82 30.88 13.65
N VAL A 320 19.63 30.32 13.86
CA VAL A 320 18.90 30.51 15.13
C VAL A 320 19.51 29.68 16.24
N LYS A 321 19.99 28.46 15.92
CA LYS A 321 20.65 27.60 16.91
C LYS A 321 21.90 28.24 17.51
N GLY A 322 22.75 28.76 16.66
CA GLY A 322 23.99 29.42 17.09
C GLY A 322 23.75 30.75 17.81
N SER A 323 22.69 31.45 17.46
CA SER A 323 22.39 32.74 18.03
C SER A 323 21.68 32.65 19.37
N ILE A 324 20.60 31.87 19.44
CA ILE A 324 19.77 31.80 20.65
CA ILE A 324 19.79 31.79 20.67
C ILE A 324 19.50 30.36 21.14
N GLY A 325 20.06 29.35 20.49
CA GLY A 325 19.86 27.97 20.99
C GLY A 325 18.57 27.27 20.61
N LEU A 326 17.71 27.91 19.83
CA LEU A 326 16.51 27.26 19.27
C LEU A 326 16.85 26.56 17.96
N THR A 327 16.21 25.43 17.70
CA THR A 327 16.36 24.78 16.39
C THR A 327 15.56 25.50 15.31
N GLY A 328 15.89 25.22 14.06
CA GLY A 328 15.17 25.82 12.95
C GLY A 328 13.70 25.44 13.00
N LYS A 329 13.45 24.18 13.36
CA LYS A 329 12.10 23.68 13.48
C LYS A 329 11.35 24.48 14.54
N GLU A 330 12.00 24.72 15.67
CA GLU A 330 11.39 25.46 16.77
C GLU A 330 11.08 26.89 16.37
N ALA A 331 12.07 27.54 15.73
CA ALA A 331 11.92 28.90 15.23
C ALA A 331 10.76 29.03 14.24
N GLU A 332 10.72 28.12 13.28
CA GLU A 332 9.64 28.09 12.30
C GLU A 332 8.23 28.04 12.96
N GLU A 333 8.06 27.12 13.91
CA GLU A 333 6.76 26.93 14.55
C GLU A 333 6.42 28.15 15.39
N THR A 334 7.40 28.66 16.11
CA THR A 334 7.19 29.84 16.95
C THR A 334 6.71 31.03 16.12
N LEU A 335 7.39 31.27 15.01
CA LEU A 335 6.99 32.32 14.09
C LEU A 335 5.60 32.10 13.44
N ASP A 336 5.30 30.86 13.05
CA ASP A 336 4.02 30.56 12.44
C ASP A 336 2.90 30.91 13.43
N SER A 337 3.11 30.62 14.71
CA SER A 337 2.11 30.85 15.75
C SER A 337 1.81 32.34 15.93
N VAL A 338 2.73 33.24 15.55
CA VAL A 338 2.42 34.68 15.58
C VAL A 338 2.08 35.30 14.22
N GLY A 339 2.06 34.51 13.15
CA GLY A 339 1.57 34.97 11.85
C GLY A 339 2.64 35.22 10.79
N ILE A 340 3.87 34.83 11.09
CA ILE A 340 4.97 34.91 10.13
C ILE A 340 5.32 33.53 9.62
N THR A 341 5.26 33.37 8.29
CA THR A 341 5.54 32.08 7.69
C THR A 341 6.91 32.08 7.03
N CYS A 342 7.78 31.21 7.53
CA CYS A 342 9.11 31.02 6.94
C CYS A 342 9.42 29.56 7.02
N ASN A 343 10.57 29.13 6.52
CA ASN A 343 10.96 27.71 6.66
C ASN A 343 12.27 27.46 7.33
N LYS A 344 12.26 26.43 8.17
CA LYS A 344 13.48 25.91 8.74
C LYS A 344 14.45 25.60 7.60
N ASN A 345 15.75 25.63 7.86
CA ASN A 345 16.77 25.64 6.84
C ASN A 345 18.04 25.00 7.38
N THR A 346 18.64 24.09 6.62
CA THR A 346 19.95 23.54 6.94
C THR A 346 21.03 24.61 6.69
N ILE A 347 21.77 24.99 7.72
CA ILE A 347 22.87 25.95 7.51
C ILE A 347 24.08 25.15 7.00
N PRO A 348 25.10 25.85 6.47
CA PRO A 348 26.19 25.06 5.92
C PRO A 348 26.83 24.21 7.03
N PHE A 349 27.11 22.94 6.74
CA PHE A 349 27.74 22.01 7.70
C PHE A 349 26.97 21.92 9.04
N ASP A 350 25.64 22.02 8.95
CA ASP A 350 24.71 21.97 10.07
C ASP A 350 24.93 20.68 10.89
N GLN A 351 25.10 20.84 12.19
CA GLN A 351 25.27 19.73 13.12
C GLN A 351 23.92 19.09 13.42
N GLU A 352 22.85 19.88 13.39
CA GLU A 352 21.51 19.36 13.66
C GLU A 352 21.03 18.48 12.52
N LYS A 353 20.19 17.50 12.83
CA LYS A 353 19.67 16.60 11.78
C LYS A 353 18.80 17.37 10.79
N PRO A 354 18.65 16.85 9.55
CA PRO A 354 17.95 17.57 8.48
C PRO A 354 16.47 17.89 8.77
N PHE A 355 15.86 17.11 9.66
CA PHE A 355 14.47 17.29 10.08
C PHE A 355 14.31 18.45 11.09
N VAL A 356 15.42 18.89 11.66
CA VAL A 356 15.39 19.78 12.81
C VAL A 356 16.11 21.09 12.45
N THR A 357 17.36 20.98 12.00
CA THR A 357 18.16 22.10 11.41
C THR A 357 18.49 23.21 12.40
N SER A 358 19.46 24.04 12.03
CA SER A 358 19.86 25.19 12.83
C SER A 358 19.33 26.53 12.36
N GLY A 359 18.73 26.57 11.18
CA GLY A 359 18.40 27.86 10.56
C GLY A 359 16.95 28.03 10.18
N ILE A 360 16.61 29.27 9.81
CA ILE A 360 15.38 29.56 9.11
C ILE A 360 15.78 30.42 7.93
N ARG A 361 15.05 30.30 6.85
CA ARG A 361 15.29 31.11 5.68
C ARG A 361 14.16 32.07 5.49
N LEU A 362 14.47 33.35 5.35
CA LEU A 362 13.48 34.41 5.14
C LEU A 362 13.70 35.01 3.75
N GLY A 363 12.62 35.33 3.03
CA GLY A 363 12.69 35.99 1.70
C GLY A 363 11.72 37.16 1.72
N THR A 364 12.10 38.25 1.08
CA THR A 364 11.33 39.48 1.01
C THR A 364 10.43 39.75 -0.25
N PRO A 365 10.49 38.89 -1.31
CA PRO A 365 9.70 39.28 -2.53
C PRO A 365 8.20 39.48 -2.30
N ALA A 366 7.58 38.52 -1.65
CA ALA A 366 6.13 38.56 -1.52
C ALA A 366 5.69 39.74 -0.64
N ALA A 367 6.37 39.97 0.47
CA ALA A 367 5.90 41.01 1.42
C ALA A 367 6.16 42.38 0.80
N THR A 368 7.22 42.44 -0.01
CA THR A 368 7.56 43.65 -0.78
C THR A 368 6.49 43.94 -1.85
N THR A 369 6.00 42.89 -2.51
CA THR A 369 4.93 43.03 -3.48
C THR A 369 3.65 43.61 -2.86
N ARG A 370 3.32 43.22 -1.64
CA ARG A 370 2.13 43.78 -0.97
C ARG A 370 2.30 45.17 -0.36
N GLY A 371 3.52 45.70 -0.46
CA GLY A 371 3.79 47.10 -0.09
C GLY A 371 4.84 47.31 0.99
N PHE A 372 5.41 46.24 1.57
CA PHE A 372 6.29 46.43 2.76
C PHE A 372 7.51 47.23 2.34
N ASP A 373 7.92 48.17 3.17
CA ASP A 373 9.09 48.98 2.91
C ASP A 373 10.09 48.80 4.04
N GLU A 374 11.07 49.69 4.14
CA GLU A 374 12.12 49.52 5.13
C GLU A 374 11.56 49.57 6.54
N LYS A 375 10.70 50.55 6.81
CA LYS A 375 10.11 50.66 8.15
C LYS A 375 9.34 49.42 8.50
N ALA A 376 8.66 48.84 7.50
CA ALA A 376 7.88 47.63 7.75
C ALA A 376 8.81 46.45 8.06
N PHE A 377 9.92 46.36 7.35
CA PHE A 377 10.85 45.27 7.60
C PHE A 377 11.65 45.43 8.89
N GLU A 378 11.85 46.68 9.33
CA GLU A 378 12.49 46.89 10.62
CA GLU A 378 12.48 46.91 10.62
C GLU A 378 11.55 46.39 11.70
N GLU A 379 10.26 46.60 11.52
CA GLU A 379 9.27 46.11 12.46
C GLU A 379 9.16 44.60 12.40
N VAL A 380 9.34 43.99 11.21
CA VAL A 380 9.31 42.53 11.09
C VAL A 380 10.49 41.95 11.86
N ALA A 381 11.64 42.61 11.78
CA ALA A 381 12.85 42.17 12.50
C ALA A 381 12.59 42.18 14.00
N LYS A 382 11.98 43.26 14.44
CA LYS A 382 11.63 43.46 15.86
C LYS A 382 10.68 42.35 16.30
N ILE A 383 9.66 42.05 15.49
CA ILE A 383 8.72 40.99 15.82
C ILE A 383 9.41 39.64 15.92
N ILE A 384 10.29 39.34 14.96
CA ILE A 384 10.96 38.05 14.92
C ILE A 384 11.78 37.88 16.16
N SER A 385 12.51 38.93 16.51
CA SER A 385 13.37 38.92 17.70
C SER A 385 12.56 38.77 18.96
N LEU A 386 11.42 39.44 19.03
CA LEU A 386 10.55 39.35 20.22
C LEU A 386 10.10 37.91 20.43
N ALA A 387 9.61 37.30 19.35
CA ALA A 387 9.02 35.98 19.41
C ALA A 387 10.05 34.90 19.69
N LEU A 388 11.18 34.96 18.99
CA LEU A 388 12.18 33.92 19.10
C LEU A 388 12.94 33.97 20.43
N LYS A 389 13.21 35.17 20.94
CA LYS A 389 13.90 35.33 22.22
C LYS A 389 12.98 35.04 23.40
N ASN A 390 11.66 35.05 23.15
CA ASN A 390 10.67 34.81 24.22
C ASN A 390 9.67 33.75 23.82
N SER A 391 10.13 32.59 23.38
CA SER A 391 9.28 31.61 22.70
C SER A 391 8.27 30.89 23.60
N LYS A 392 8.45 31.03 24.91
CA LYS A 392 7.56 30.46 25.93
C LYS A 392 6.70 31.49 26.69
N ASP A 393 6.76 32.76 26.30
CA ASP A 393 6.04 33.82 27.02
C ASP A 393 4.78 34.22 26.23
N GLU A 394 3.60 33.82 26.71
CA GLU A 394 2.36 34.04 25.96
C GLU A 394 2.07 35.51 25.73
N GLU A 395 2.25 36.35 26.74
CA GLU A 395 2.04 37.79 26.55
C GLU A 395 2.93 38.33 25.43
N LYS A 396 4.20 37.90 25.40
CA LYS A 396 5.16 38.36 24.39
C LYS A 396 4.68 37.91 23.01
N LEU A 397 4.32 36.63 22.92
CA LEU A 397 3.81 36.06 21.69
C LEU A 397 2.51 36.73 21.23
N GLN A 398 1.59 36.99 22.15
CA GLN A 398 0.36 37.69 21.80
C GLN A 398 0.71 39.10 21.27
N GLN A 399 1.66 39.78 21.90
CA GLN A 399 2.11 41.09 21.43
C GLN A 399 2.59 41.00 19.98
N ALA A 400 3.44 40.02 19.72
CA ALA A 400 4.04 39.82 18.40
C ALA A 400 2.93 39.61 17.36
N LYS A 401 1.98 38.74 17.69
CA LYS A 401 0.83 38.46 16.83
C LYS A 401 0.00 39.71 16.48
N GLU A 402 -0.27 40.53 17.49
CA GLU A 402 -0.92 41.83 17.29
C GLU A 402 -0.11 42.78 16.40
N ARG A 403 1.21 42.76 16.53
CA ARG A 403 2.05 43.60 15.68
C ARG A 403 2.08 43.07 14.24
N VAL A 404 2.05 41.75 14.08
CA VAL A 404 1.88 41.14 12.75
C VAL A 404 0.53 41.56 12.15
N ALA A 405 -0.53 41.44 12.94
CA ALA A 405 -1.85 41.93 12.54
C ALA A 405 -1.84 43.41 12.13
N LYS A 406 -1.05 44.27 12.79
CA LYS A 406 -1.00 45.69 12.39
C LYS A 406 -0.45 45.82 10.96
N LEU A 407 0.61 45.08 10.66
CA LEU A 407 1.22 45.11 9.33
C LEU A 407 0.29 44.57 8.25
N THR A 408 -0.36 43.43 8.48
CA THR A 408 -1.26 42.87 7.48
C THR A 408 -2.43 43.80 7.15
N ALA A 409 -2.94 44.48 8.17
CA ALA A 409 -4.02 45.45 8.00
C ALA A 409 -3.50 46.66 7.26
N GLU A 410 -2.27 47.06 7.56
CA GLU A 410 -1.66 48.15 6.83
C GLU A 410 -1.47 47.82 5.34
N TYR A 411 -1.16 46.58 5.04
CA TYR A 411 -0.84 46.18 3.67
C TYR A 411 -1.70 45.04 3.19
N PRO A 412 -2.99 45.28 2.93
CA PRO A 412 -3.84 44.18 2.56
C PRO A 412 -3.55 43.60 1.18
N LEU A 413 -3.77 42.30 1.04
CA LEU A 413 -3.44 41.64 -0.18
C LEU A 413 -4.49 41.95 -1.25
N TYR A 414 -4.01 42.22 -2.46
CA TYR A 414 -4.84 42.36 -3.65
C TYR A 414 -5.86 43.51 -3.52
N GLN A 415 -5.39 44.64 -3.03
CA GLN A 415 -6.15 45.90 -3.12
C GLN A 415 -5.45 46.88 -4.09
N MET B 4 -11.71 39.82 -17.66
CA MET B 4 -10.53 40.26 -18.51
C MET B 4 -10.11 41.72 -18.35
N SER B 5 -10.70 42.41 -17.38
CA SER B 5 -10.53 43.84 -17.29
C SER B 5 -9.10 44.18 -16.90
N TYR B 6 -8.45 43.38 -16.06
CA TYR B 6 -7.07 43.72 -15.66
C TYR B 6 -6.06 43.55 -16.78
N ILE B 7 -6.18 42.47 -17.53
CA ILE B 7 -5.31 42.24 -18.64
C ILE B 7 -5.57 43.28 -19.75
N THR B 8 -6.84 43.68 -19.96
CA THR B 8 -7.14 44.66 -21.00
C THR B 8 -6.51 46.00 -20.68
N LYS B 9 -6.57 46.38 -19.42
CA LYS B 9 -5.99 47.64 -18.93
C LYS B 9 -4.46 47.66 -19.13
N GLN B 10 -3.83 46.56 -18.78
CA GLN B 10 -2.40 46.50 -18.63
C GLN B 10 -1.62 46.02 -19.86
N ASP B 11 -2.22 45.10 -20.63
CA ASP B 11 -1.51 44.41 -21.71
C ASP B 11 -2.47 44.13 -22.86
N LYS B 12 -2.78 45.18 -23.60
CA LYS B 12 -3.79 45.14 -24.65
C LYS B 12 -3.50 44.05 -25.67
N VAL B 13 -2.24 43.85 -26.03
CA VAL B 13 -1.92 42.90 -27.10
C VAL B 13 -2.32 41.48 -26.71
N ILE B 14 -2.01 41.11 -25.49
CA ILE B 14 -2.37 39.79 -25.00
C ILE B 14 -3.87 39.68 -24.83
N ALA B 15 -4.53 40.72 -24.29
CA ALA B 15 -6.01 40.67 -24.11
C ALA B 15 -6.68 40.46 -25.47
N GLU B 16 -6.15 41.14 -26.48
CA GLU B 16 -6.68 41.05 -27.85
C GLU B 16 -6.56 39.63 -28.41
N ALA B 17 -5.36 39.06 -28.31
CA ALA B 17 -5.13 37.69 -28.76
C ALA B 17 -6.04 36.67 -28.04
N ILE B 18 -6.21 36.83 -26.73
CA ILE B 18 -7.08 35.95 -25.98
C ILE B 18 -8.55 36.09 -26.44
N GLU B 19 -9.00 37.32 -26.65
CA GLU B 19 -10.35 37.54 -27.17
C GLU B 19 -10.53 36.91 -28.55
N ARG B 20 -9.52 37.06 -29.41
CA ARG B 20 -9.54 36.39 -30.72
C ARG B 20 -9.57 34.89 -30.61
N GLU B 21 -8.83 34.34 -29.66
CA GLU B 21 -8.87 32.89 -29.44
C GLU B 21 -10.24 32.42 -29.06
N PHE B 22 -10.87 33.12 -28.13
CA PHE B 22 -12.24 32.84 -27.78
C PHE B 22 -13.15 32.83 -29.02
N GLN B 23 -13.00 33.85 -29.88
CA GLN B 23 -13.81 33.97 -31.07
C GLN B 23 -13.53 32.87 -32.08
N ARG B 24 -12.28 32.45 -32.18
CA ARG B 24 -11.91 31.36 -33.06
C ARG B 24 -12.51 30.04 -32.61
N GLN B 25 -12.44 29.78 -31.31
CA GLN B 25 -13.12 28.62 -30.73
C GLN B 25 -14.62 28.67 -31.04
N ASN B 26 -15.22 29.85 -30.94
CA ASN B 26 -16.63 29.96 -31.15
C ASN B 26 -17.03 29.80 -32.63
N SER B 27 -16.30 30.43 -33.53
CA SER B 27 -16.61 30.48 -34.96
CA SER B 27 -16.67 30.47 -34.95
C SER B 27 -16.28 29.24 -35.76
N ASN B 28 -15.40 28.40 -35.22
CA ASN B 28 -14.98 27.18 -35.90
C ASN B 28 -15.65 25.97 -35.22
N ILE B 29 -15.81 24.88 -35.97
CA ILE B 29 -16.32 23.66 -35.40
C ILE B 29 -15.10 22.79 -35.20
N GLU B 30 -14.73 22.68 -33.93
CA GLU B 30 -13.53 21.95 -33.61
CA GLU B 30 -13.58 21.94 -33.47
C GLU B 30 -13.88 20.46 -33.37
N LEU B 31 -13.30 19.63 -34.23
CA LEU B 31 -13.45 18.16 -34.17
C LEU B 31 -12.08 17.50 -33.92
N ILE B 32 -11.23 18.16 -33.14
CA ILE B 32 -9.87 17.67 -32.89
C ILE B 32 -9.94 16.56 -31.87
N ALA B 33 -9.65 15.33 -32.33
CA ALA B 33 -9.76 14.06 -31.58
C ALA B 33 -10.47 14.16 -30.26
N SER B 34 -9.74 14.24 -29.15
CA SER B 34 -10.37 14.11 -27.84
C SER B 34 -10.53 15.45 -27.09
N GLU B 35 -10.15 16.56 -27.74
CA GLU B 35 -10.15 17.91 -27.09
C GLU B 35 -11.56 18.43 -26.69
N ASN B 36 -11.63 19.49 -25.89
CA ASN B 36 -12.88 19.81 -25.21
C ASN B 36 -12.96 21.25 -24.73
N PHE B 37 -14.11 21.64 -24.16
CA PHE B 37 -14.33 22.95 -23.58
C PHE B 37 -14.61 22.78 -22.11
N VAL B 38 -13.77 23.37 -21.27
CA VAL B 38 -13.95 23.27 -19.86
C VAL B 38 -14.95 24.31 -19.38
N SER B 39 -15.50 24.08 -18.19
CA SER B 39 -16.46 24.97 -17.61
C SER B 39 -15.83 26.23 -17.06
N GLU B 40 -16.69 27.21 -16.82
CA GLU B 40 -16.23 28.44 -16.25
C GLU B 40 -15.75 28.17 -14.83
N ALA B 41 -16.41 27.28 -14.08
CA ALA B 41 -15.89 26.88 -12.73
C ALA B 41 -14.44 26.36 -12.75
N VAL B 42 -14.15 25.45 -13.67
CA VAL B 42 -12.78 24.95 -13.87
C VAL B 42 -11.80 26.11 -14.13
N MET B 43 -12.14 27.02 -15.06
CA MET B 43 -11.27 28.18 -15.33
C MET B 43 -11.04 29.09 -14.12
N GLU B 44 -12.09 29.32 -13.34
CA GLU B 44 -11.98 30.10 -12.11
C GLU B 44 -11.02 29.50 -11.11
N ALA B 45 -10.99 28.19 -11.01
CA ALA B 45 -10.03 27.54 -10.15
C ALA B 45 -8.57 27.73 -10.65
N GLN B 46 -8.36 27.56 -11.96
CA GLN B 46 -7.04 27.70 -12.58
C GLN B 46 -6.54 29.11 -12.47
N GLY B 47 -7.46 30.06 -12.56
CA GLY B 47 -7.19 31.49 -12.43
C GLY B 47 -7.11 32.04 -11.02
N SER B 48 -6.94 31.15 -10.05
CA SER B 48 -7.02 31.57 -8.66
C SER B 48 -5.66 31.87 -8.04
N VAL B 49 -5.68 32.46 -6.85
CA VAL B 49 -4.44 32.73 -6.09
C VAL B 49 -3.64 31.51 -5.64
N LEU B 50 -4.15 30.30 -5.88
CA LEU B 50 -3.41 29.06 -5.56
C LEU B 50 -2.14 28.95 -6.38
N THR B 51 -2.06 29.69 -7.48
CA THR B 51 -0.80 29.82 -8.21
C THR B 51 0.39 30.36 -7.35
N ASN B 52 0.11 31.12 -6.29
CA ASN B 52 1.15 31.70 -5.49
C ASN B 52 1.73 30.69 -4.49
N LYS B 53 1.05 29.57 -4.31
CA LYS B 53 1.41 28.64 -3.23
C LYS B 53 2.44 27.58 -3.60
N TYR B 54 3.57 27.60 -2.89
CA TYR B 54 4.61 26.57 -3.00
C TYR B 54 4.26 25.41 -2.07
N ALA B 55 4.01 24.25 -2.65
CA ALA B 55 3.46 23.10 -1.89
C ALA B 55 4.15 21.75 -2.18
N GLU B 56 5.47 21.80 -2.20
CA GLU B 56 6.27 20.59 -2.32
C GLU B 56 5.82 19.55 -1.28
N GLY B 57 5.72 18.30 -1.74
CA GLY B 57 5.27 17.20 -0.91
C GLY B 57 3.82 16.86 -1.21
N TYR B 58 3.20 16.12 -0.29
CA TYR B 58 1.85 15.62 -0.47
C TYR B 58 1.00 16.01 0.74
N PRO B 59 -0.33 15.93 0.61
CA PRO B 59 -1.15 16.45 1.70
C PRO B 59 -0.80 15.80 3.02
N GLY B 60 -0.68 16.63 4.05
CA GLY B 60 -0.28 16.18 5.40
C GLY B 60 1.20 15.91 5.57
N ARG B 61 1.97 16.02 4.48
CA ARG B 61 3.41 15.66 4.50
C ARG B 61 4.18 16.65 3.65
N ARG B 62 3.99 17.93 3.92
CA ARG B 62 4.58 19.00 3.11
C ARG B 62 5.97 19.39 3.62
N TYR B 63 6.76 20.00 2.75
CA TYR B 63 8.12 20.42 3.12
C TYR B 63 8.16 21.89 3.57
N TYR B 64 7.30 22.70 2.98
CA TYR B 64 7.07 24.06 3.43
C TYR B 64 5.66 24.09 4.05
N GLY B 65 5.49 24.84 5.13
CA GLY B 65 4.19 24.93 5.82
C GLY B 65 3.18 25.90 5.18
N GLY B 66 2.07 26.13 5.88
CA GLY B 66 1.03 27.02 5.41
C GLY B 66 0.20 26.38 4.31
N CYS B 67 0.16 25.06 4.31
CA CYS B 67 -0.51 24.29 3.26
C CYS B 67 -1.92 23.78 3.65
N GLU B 68 -2.47 24.31 4.74
CA GLU B 68 -3.79 23.92 5.25
CA GLU B 68 -3.79 23.85 5.23
C GLU B 68 -4.84 23.77 4.11
N PHE B 69 -4.94 24.79 3.28
CA PHE B 69 -6.05 24.82 2.32
C PHE B 69 -5.79 24.11 1.02
N VAL B 70 -4.55 24.14 0.55
CA VAL B 70 -4.19 23.36 -0.64
C VAL B 70 -4.22 21.89 -0.33
N ASP B 71 -4.03 21.55 0.94
CA ASP B 71 -4.26 20.19 1.39
C ASP B 71 -5.73 19.79 1.23
N VAL B 72 -6.66 20.70 1.52
CA VAL B 72 -8.07 20.43 1.33
C VAL B 72 -8.37 20.19 -0.18
N THR B 73 -7.96 21.12 -1.05
CA THR B 73 -8.24 20.99 -2.49
C THR B 73 -7.55 19.77 -3.11
N GLU B 74 -6.29 19.53 -2.78
CA GLU B 74 -5.62 18.37 -3.31
C GLU B 74 -6.29 17.08 -2.80
N SER B 75 -6.64 17.04 -1.51
CA SER B 75 -7.32 15.85 -0.94
C SER B 75 -8.71 15.62 -1.56
N ILE B 76 -9.43 16.68 -1.85
CA ILE B 76 -10.72 16.54 -2.54
C ILE B 76 -10.51 16.00 -3.98
N ALA B 77 -9.50 16.48 -4.71
CA ALA B 77 -9.18 15.97 -6.06
C ALA B 77 -8.91 14.46 -6.04
N ILE B 78 -8.11 14.06 -5.05
CA ILE B 78 -7.81 12.63 -4.85
C ILE B 78 -9.07 11.83 -4.53
N ASP B 79 -9.86 12.31 -3.57
CA ASP B 79 -11.07 11.58 -3.14
C ASP B 79 -12.10 11.45 -4.31
N ARG B 80 -12.28 12.52 -5.09
CA ARG B 80 -13.21 12.46 -6.20
C ARG B 80 -12.67 11.54 -7.31
N ALA B 81 -11.38 11.53 -7.51
CA ALA B 81 -10.76 10.63 -8.53
C ALA B 81 -10.98 9.15 -8.15
N LYS B 82 -10.85 8.84 -6.87
CA LYS B 82 -11.19 7.52 -6.37
C LYS B 82 -12.67 7.15 -6.55
N ALA B 83 -13.57 8.14 -6.38
CA ALA B 83 -15.00 7.88 -6.54
C ALA B 83 -15.32 7.63 -7.99
N LEU B 84 -14.62 8.30 -8.90
CA LEU B 84 -14.81 8.11 -10.32
C LEU B 84 -14.21 6.81 -10.85
N PHE B 85 -13.01 6.44 -10.44
CA PHE B 85 -12.30 5.32 -11.04
C PHE B 85 -12.03 4.13 -10.13
N GLY B 86 -12.28 4.28 -8.84
CA GLY B 86 -12.12 3.17 -7.92
C GLY B 86 -10.68 2.73 -7.68
N ALA B 87 -9.73 3.64 -7.90
CA ALA B 87 -8.30 3.37 -7.81
C ALA B 87 -7.89 3.22 -6.35
N GLU B 88 -6.86 2.41 -6.10
CA GLU B 88 -6.32 2.26 -4.74
C GLU B 88 -5.50 3.47 -4.35
N HIS B 89 -4.65 3.95 -5.25
CA HIS B 89 -3.85 5.14 -4.95
C HIS B 89 -3.99 6.10 -6.13
N VAL B 90 -4.05 7.38 -5.82
CA VAL B 90 -4.12 8.45 -6.82
C VAL B 90 -3.06 9.51 -6.53
N ASN B 91 -2.39 9.97 -7.58
CA ASN B 91 -1.49 11.09 -7.55
C ASN B 91 -1.98 12.09 -8.58
N VAL B 92 -2.41 13.25 -8.08
CA VAL B 92 -2.96 14.31 -8.93
C VAL B 92 -1.93 15.40 -9.30
N GLN B 93 -0.68 15.25 -8.85
CA GLN B 93 0.32 16.26 -9.11
C GLN B 93 0.93 16.26 -10.55
N PRO B 94 0.82 15.15 -11.32
CA PRO B 94 1.58 15.26 -12.61
C PRO B 94 1.17 16.46 -13.45
N HIS B 95 2.16 17.22 -13.94
CA HIS B 95 1.94 18.42 -14.72
C HIS B 95 1.27 18.16 -16.05
N SER B 96 1.43 16.93 -16.59
CA SER B 96 0.91 16.58 -17.92
C SER B 96 0.83 15.06 -18.00
N GLY B 97 0.13 14.61 -19.01
CA GLY B 97 0.08 13.19 -19.32
C GLY B 97 1.45 12.59 -19.44
N PRO B 98 2.37 13.24 -20.20
CA PRO B 98 3.71 12.67 -20.33
C PRO B 98 4.53 12.61 -19.05
N GLN B 99 4.32 13.55 -18.12
CA GLN B 99 4.94 13.42 -16.78
C GLN B 99 4.35 12.22 -15.99
N ALA B 100 3.04 12.04 -16.04
CA ALA B 100 2.39 10.85 -15.51
C ALA B 100 2.99 9.58 -16.09
N ASN B 101 3.13 9.55 -17.42
CA ASN B 101 3.66 8.40 -18.12
C ASN B 101 5.12 8.14 -17.75
N MET B 102 5.96 9.17 -17.76
CA MET B 102 7.36 9.03 -17.40
C MET B 102 7.55 8.45 -16.01
N ALA B 103 6.72 8.89 -15.07
CA ALA B 103 6.86 8.42 -13.71
C ALA B 103 6.58 6.93 -13.64
N VAL B 104 5.53 6.46 -14.33
CA VAL B 104 5.23 5.06 -14.37
C VAL B 104 6.39 4.24 -14.96
N TYR B 105 6.92 4.67 -16.11
CA TYR B 105 8.02 3.95 -16.72
C TYR B 105 9.26 3.91 -15.84
N LEU B 106 9.58 5.01 -15.15
CA LEU B 106 10.69 5.06 -14.20
C LEU B 106 10.53 4.09 -13.03
N VAL B 107 9.29 3.84 -12.65
CA VAL B 107 9.02 2.90 -11.58
C VAL B 107 9.03 1.43 -12.06
N ALA B 108 8.40 1.17 -13.19
CA ALA B 108 8.22 -0.20 -13.66
C ALA B 108 9.46 -0.69 -14.37
N LEU B 109 10.31 0.20 -14.85
CA LEU B 109 11.41 -0.20 -15.75
C LEU B 109 12.78 0.29 -15.28
N GLU B 110 13.84 -0.41 -15.73
CA GLU B 110 15.22 0.06 -15.73
C GLU B 110 15.50 0.51 -17.14
N MET B 111 16.39 1.49 -17.27
CA MET B 111 16.84 1.96 -18.56
C MET B 111 17.27 0.76 -19.41
N GLY B 112 16.89 0.76 -20.69
CA GLY B 112 17.19 -0.37 -21.57
C GLY B 112 16.17 -1.52 -21.67
N ASP B 113 15.33 -1.66 -20.63
CA ASP B 113 14.30 -2.71 -20.52
C ASP B 113 13.28 -2.62 -21.65
N THR B 114 12.64 -3.75 -21.92
CA THR B 114 11.68 -3.85 -23.04
C THR B 114 10.29 -3.48 -22.57
N VAL B 115 9.62 -2.68 -23.36
CA VAL B 115 8.26 -2.30 -23.11
C VAL B 115 7.49 -2.56 -24.41
N LEU B 116 6.24 -3.04 -24.24
CA LEU B 116 5.41 -3.38 -25.39
C LEU B 116 4.17 -2.50 -25.37
N GLY B 117 3.99 -1.70 -26.41
CA GLY B 117 2.95 -0.65 -26.36
C GLY B 117 2.30 -0.41 -27.72
N MET B 118 1.12 0.20 -27.75
CA MET B 118 0.44 0.42 -29.03
C MET B 118 1.05 1.60 -29.76
N ASN B 119 1.19 1.51 -31.05
CA ASN B 119 1.35 2.76 -31.84
C ASN B 119 0.49 2.71 -33.08
N LEU B 120 -0.21 3.81 -33.38
CA LEU B 120 -0.86 4.00 -34.69
C LEU B 120 -0.15 5.02 -35.58
N SER B 121 0.45 6.05 -34.97
CA SER B 121 1.04 7.17 -35.73
C SER B 121 2.11 6.74 -36.75
N HIS B 122 2.71 5.56 -36.56
CA HIS B 122 3.66 5.04 -37.57
C HIS B 122 2.98 4.06 -38.53
N ALA B 130 17.04 8.11 -34.31
CA ALA B 130 16.41 7.27 -33.27
C ALA B 130 15.05 7.86 -32.85
N PRO B 131 14.41 7.32 -31.80
CA PRO B 131 13.18 7.99 -31.36
C PRO B 131 13.48 9.26 -30.56
N VAL B 132 12.62 10.27 -30.65
CA VAL B 132 12.83 11.48 -29.83
C VAL B 132 12.12 11.33 -28.50
N ASN B 133 10.97 10.66 -28.49
CA ASN B 133 10.22 10.47 -27.25
C ASN B 133 11.04 9.70 -26.17
N PHE B 134 10.95 10.11 -24.90
CA PHE B 134 11.71 9.46 -23.83
CA PHE B 134 11.67 9.45 -23.81
C PHE B 134 11.44 7.95 -23.79
N SER B 135 10.19 7.55 -24.01
CA SER B 135 9.81 6.13 -23.91
C SER B 135 10.56 5.28 -24.95
N GLY B 136 10.79 5.83 -26.13
CA GLY B 136 11.53 5.15 -27.19
C GLY B 136 13.02 5.27 -27.11
N LYS B 137 13.51 6.32 -26.48
CA LYS B 137 14.93 6.57 -26.47
C LYS B 137 15.59 5.85 -25.34
N PHE B 138 14.95 5.79 -24.18
CA PHE B 138 15.63 5.17 -23.06
C PHE B 138 15.23 3.74 -22.70
N TYR B 139 14.25 3.22 -23.43
CA TYR B 139 13.79 1.87 -23.30
C TYR B 139 13.74 1.22 -24.68
N ASN B 140 13.66 -0.11 -24.68
CA ASN B 140 13.49 -0.86 -25.94
C ASN B 140 11.99 -1.00 -26.17
N PHE B 141 11.44 -0.08 -26.95
CA PHE B 141 10.01 0.05 -27.09
C PHE B 141 9.57 -0.78 -28.28
N VAL B 142 8.80 -1.83 -28.01
CA VAL B 142 8.23 -2.65 -29.12
C VAL B 142 6.79 -2.23 -29.33
N GLU B 143 6.44 -1.93 -30.59
CA GLU B 143 5.09 -1.47 -30.93
C GLU B 143 4.19 -2.63 -31.33
N TYR B 144 2.94 -2.58 -30.94
CA TYR B 144 1.91 -3.32 -31.67
C TYR B 144 1.02 -2.19 -32.26
N GLY B 145 0.32 -2.55 -33.29
CA GLY B 145 -0.64 -1.69 -33.92
C GLY B 145 -1.95 -2.46 -34.04
N VAL B 146 -2.51 -2.40 -35.23
CA VAL B 146 -3.75 -3.09 -35.57
C VAL B 146 -3.53 -3.99 -36.79
N ASP B 147 -4.43 -4.95 -36.98
CA ASP B 147 -4.34 -5.88 -38.09
C ASP B 147 -4.61 -5.14 -39.39
N LYS B 148 -3.92 -5.54 -40.43
CA LYS B 148 -4.01 -4.91 -41.72
C LYS B 148 -5.43 -5.01 -42.36
N ASP B 149 -6.17 -6.08 -42.05
CA ASP B 149 -7.45 -6.28 -42.72
C ASP B 149 -8.60 -5.75 -41.85
N THR B 150 -8.56 -5.98 -40.53
CA THR B 150 -9.65 -5.56 -39.66
C THR B 150 -9.48 -4.13 -39.19
N GLU B 151 -8.23 -3.70 -39.13
CA GLU B 151 -7.83 -2.43 -38.58
C GLU B 151 -8.20 -2.33 -37.11
N ARG B 152 -8.24 -3.48 -36.47
CA ARG B 152 -8.43 -3.58 -35.01
C ARG B 152 -7.24 -4.31 -34.35
N ILE B 153 -7.15 -4.18 -33.02
CA ILE B 153 -6.16 -4.90 -32.26
C ILE B 153 -6.38 -6.41 -32.46
N ASN B 154 -5.30 -7.14 -32.73
CA ASN B 154 -5.35 -8.59 -32.81
C ASN B 154 -4.63 -9.07 -31.58
N TYR B 155 -5.37 -9.53 -30.57
CA TYR B 155 -4.78 -9.88 -29.31
C TYR B 155 -3.84 -11.11 -29.37
N ASP B 156 -4.05 -12.02 -30.31
CA ASP B 156 -3.08 -13.14 -30.53
C ASP B 156 -1.72 -12.62 -30.98
N GLU B 157 -1.72 -11.55 -31.77
CA GLU B 157 -0.48 -10.92 -32.20
C GLU B 157 0.16 -10.17 -31.04
N VAL B 158 -0.64 -9.44 -30.27
CA VAL B 158 -0.12 -8.84 -29.05
C VAL B 158 0.55 -9.92 -28.21
N ARG B 159 -0.14 -11.04 -27.98
CA ARG B 159 0.43 -12.13 -27.16
C ARG B 159 1.71 -12.67 -27.77
N LYS B 160 1.72 -12.85 -29.09
CA LYS B 160 2.93 -13.33 -29.76
C LYS B 160 4.12 -12.39 -29.49
N LEU B 161 3.91 -11.08 -29.64
CA LEU B 161 4.95 -10.09 -29.38
C LEU B 161 5.43 -10.15 -27.95
N ALA B 162 4.51 -10.33 -27.03
CA ALA B 162 4.86 -10.40 -25.61
C ALA B 162 5.78 -11.62 -25.34
N LEU B 163 5.43 -12.75 -25.92
CA LEU B 163 6.18 -13.98 -25.72
C LEU B 163 7.55 -13.89 -26.37
N GLU B 164 7.60 -13.24 -27.53
CA GLU B 164 8.83 -13.09 -28.29
C GLU B 164 9.79 -12.10 -27.55
N HIS B 165 9.27 -10.96 -27.13
CA HIS B 165 10.13 -9.90 -26.59
C HIS B 165 10.24 -9.83 -25.05
N LYS B 166 9.37 -10.52 -24.34
CA LYS B 166 9.45 -10.51 -22.86
C LYS B 166 9.52 -9.13 -22.29
N PRO B 167 8.51 -8.29 -22.60
CA PRO B 167 8.47 -6.98 -22.03
C PRO B 167 8.36 -7.00 -20.52
N LYS B 168 9.01 -6.06 -19.86
CA LYS B 168 8.78 -5.89 -18.43
C LYS B 168 7.52 -5.09 -18.14
N LEU B 169 7.09 -4.33 -19.14
CA LEU B 169 5.87 -3.52 -19.06
C LEU B 169 5.10 -3.62 -20.37
N ILE B 170 3.80 -3.83 -20.26
CA ILE B 170 2.94 -3.76 -21.44
C ILE B 170 2.02 -2.57 -21.24
N VAL B 171 1.89 -1.75 -22.26
CA VAL B 171 1.03 -0.57 -22.18
C VAL B 171 -0.12 -0.76 -23.15
N ALA B 172 -1.34 -0.49 -22.71
CA ALA B 172 -2.53 -0.48 -23.57
C ALA B 172 -3.11 0.94 -23.53
N GLY B 173 -3.84 1.29 -24.57
CA GLY B 173 -4.34 2.64 -24.69
C GLY B 173 -3.30 3.49 -25.35
N ALA B 174 -3.18 4.72 -24.84
CA ALA B 174 -2.25 5.73 -25.37
C ALA B 174 -2.63 6.23 -26.77
N SER B 175 -2.77 5.35 -27.73
CA SER B 175 -3.14 5.80 -29.06
C SER B 175 -4.63 6.18 -29.17
N ALA B 176 -4.92 7.04 -30.13
CA ALA B 176 -6.26 7.50 -30.43
C ALA B 176 -7.04 6.45 -31.23
N TYR B 177 -7.39 5.36 -30.58
CA TYR B 177 -7.98 4.17 -31.19
C TYR B 177 -9.49 4.25 -31.08
N SER B 178 -10.21 3.92 -32.17
CA SER B 178 -11.67 4.07 -32.24
C SER B 178 -12.50 2.92 -31.67
N ARG B 179 -11.89 1.83 -31.22
CA ARG B 179 -12.64 0.67 -30.76
C ARG B 179 -12.32 0.39 -29.30
N THR B 180 -13.20 -0.38 -28.66
CA THR B 180 -13.04 -0.73 -27.24
C THR B 180 -11.82 -1.59 -27.09
N ILE B 181 -11.06 -1.38 -26.02
CA ILE B 181 -9.83 -2.13 -25.74
C ILE B 181 -10.21 -3.07 -24.60
N ASP B 182 -9.90 -4.35 -24.79
CA ASP B 182 -10.17 -5.39 -23.80
C ASP B 182 -8.99 -5.49 -22.84
N PHE B 183 -9.15 -4.90 -21.64
CA PHE B 183 -8.06 -4.85 -20.65
C PHE B 183 -7.89 -6.17 -19.95
N LYS B 184 -8.97 -6.96 -19.89
CA LYS B 184 -8.85 -8.34 -19.43
C LYS B 184 -7.85 -9.16 -20.25
N LYS B 185 -7.93 -9.06 -21.57
CA LYS B 185 -7.04 -9.78 -22.45
C LYS B 185 -5.61 -9.26 -22.28
N PHE B 186 -5.45 -7.96 -22.09
CA PHE B 186 -4.12 -7.40 -21.80
C PHE B 186 -3.51 -7.93 -20.50
N LYS B 187 -4.32 -8.00 -19.46
CA LYS B 187 -3.92 -8.51 -18.17
C LYS B 187 -3.54 -10.00 -18.29
N GLU B 188 -4.32 -10.78 -19.01
CA GLU B 188 -3.99 -12.20 -19.25
C GLU B 188 -2.61 -12.36 -19.92
N ILE B 189 -2.34 -11.50 -20.90
CA ILE B 189 -1.09 -11.52 -21.62
C ILE B 189 0.06 -11.08 -20.71
N ALA B 190 -0.15 -9.99 -19.96
CA ALA B 190 0.86 -9.48 -19.01
C ALA B 190 1.23 -10.56 -17.98
N ASP B 191 0.21 -11.20 -17.39
CA ASP B 191 0.41 -12.28 -16.39
C ASP B 191 1.19 -13.44 -17.00
N GLU B 192 0.92 -13.78 -18.25
CA GLU B 192 1.61 -14.89 -18.92
C GLU B 192 3.13 -14.68 -19.03
N VAL B 193 3.55 -13.44 -19.24
CA VAL B 193 4.96 -13.11 -19.45
C VAL B 193 5.55 -12.40 -18.24
N ASN B 194 4.78 -12.35 -17.15
CA ASN B 194 5.20 -11.72 -15.94
C ASN B 194 5.58 -10.26 -16.14
N ALA B 195 4.72 -9.53 -16.87
CA ALA B 195 4.90 -8.09 -17.10
C ALA B 195 3.91 -7.36 -16.25
N LYS B 196 4.26 -6.14 -15.87
CA LYS B 196 3.28 -5.21 -15.32
C LYS B 196 2.46 -4.64 -16.44
N LEU B 197 1.24 -4.21 -16.13
CA LEU B 197 0.35 -3.65 -17.13
C LEU B 197 0.07 -2.20 -16.80
N MET B 198 0.29 -1.31 -17.77
CA MET B 198 -0.07 0.09 -17.64
C MET B 198 -1.12 0.38 -18.69
N VAL B 199 -2.14 1.14 -18.31
CA VAL B 199 -3.07 1.68 -19.29
C VAL B 199 -2.99 3.21 -19.32
N ASP B 200 -2.74 3.78 -20.49
CA ASP B 200 -2.85 5.22 -20.67
C ASP B 200 -4.24 5.50 -21.21
N MET B 201 -5.17 5.89 -20.32
CA MET B 201 -6.55 6.08 -20.77
C MET B 201 -6.89 7.54 -21.13
N ALA B 202 -5.91 8.36 -21.49
CA ALA B 202 -6.13 9.79 -21.72
C ALA B 202 -7.29 10.04 -22.66
N HIS B 203 -7.32 9.32 -23.77
CA HIS B 203 -8.45 9.52 -24.73
C HIS B 203 -9.85 9.15 -24.20
N ILE B 204 -9.92 8.11 -23.37
CA ILE B 204 -11.19 7.47 -23.03
C ILE B 204 -11.61 7.72 -21.55
N ALA B 205 -10.84 8.52 -20.83
CA ALA B 205 -11.06 8.69 -19.41
C ALA B 205 -12.47 9.13 -19.07
N GLY B 206 -13.01 10.02 -19.87
CA GLY B 206 -14.40 10.45 -19.64
C GLY B 206 -15.43 9.35 -19.84
N LEU B 207 -15.18 8.53 -20.85
CA LEU B 207 -16.04 7.40 -21.17
C LEU B 207 -15.97 6.41 -20.02
N VAL B 208 -14.77 6.15 -19.51
CA VAL B 208 -14.59 5.25 -18.37
C VAL B 208 -15.34 5.77 -17.16
N ALA B 209 -15.14 7.04 -16.84
CA ALA B 209 -15.87 7.68 -15.73
C ALA B 209 -17.38 7.53 -15.86
N ALA B 210 -17.88 7.57 -17.09
CA ALA B 210 -19.33 7.49 -17.34
C ALA B 210 -19.83 6.06 -17.39
N GLY B 211 -18.93 5.09 -17.31
CA GLY B 211 -19.33 3.70 -17.43
C GLY B 211 -19.53 3.23 -18.83
N LEU B 212 -19.17 4.02 -19.83
CA LEU B 212 -19.39 3.62 -21.20
C LEU B 212 -18.26 2.78 -21.79
N HIS B 213 -17.08 2.82 -21.18
CA HIS B 213 -15.95 1.98 -21.59
C HIS B 213 -15.50 1.25 -20.35
N PRO B 214 -15.13 -0.04 -20.49
CA PRO B 214 -14.67 -0.75 -19.31
C PRO B 214 -13.52 -0.01 -18.59
N ASN B 215 -13.51 -0.08 -17.26
CA ASN B 215 -12.52 0.59 -16.43
C ASN B 215 -11.21 -0.21 -16.34
N PRO B 216 -10.08 0.37 -16.83
CA PRO B 216 -8.80 -0.39 -16.75
C PRO B 216 -8.26 -0.55 -15.35
N VAL B 217 -8.82 0.18 -14.39
CA VAL B 217 -8.37 0.09 -13.01
C VAL B 217 -8.63 -1.31 -12.41
N GLU B 218 -9.63 -2.01 -12.93
CA GLU B 218 -9.92 -3.38 -12.54
CA GLU B 218 -9.91 -3.39 -12.52
C GLU B 218 -8.71 -4.31 -12.72
N TYR B 219 -7.91 -4.03 -13.75
CA TYR B 219 -6.85 -4.94 -14.18
C TYR B 219 -5.42 -4.43 -14.14
N ALA B 220 -5.23 -3.10 -14.22
CA ALA B 220 -3.92 -2.57 -14.42
C ALA B 220 -3.16 -2.35 -13.13
N ASP B 221 -1.86 -2.47 -13.23
CA ASP B 221 -0.93 -2.07 -12.18
C ASP B 221 -0.93 -0.53 -12.06
N PHE B 222 -0.91 0.15 -13.21
CA PHE B 222 -0.87 1.60 -13.31
C PHE B 222 -1.84 2.07 -14.37
N VAL B 223 -2.59 3.12 -14.07
CA VAL B 223 -3.36 3.79 -15.09
C VAL B 223 -2.94 5.26 -15.09
N THR B 224 -2.54 5.77 -16.26
CA THR B 224 -2.29 7.18 -16.41
C THR B 224 -3.43 7.82 -17.21
N THR B 225 -3.59 9.12 -16.99
CA THR B 225 -4.48 9.90 -17.81
C THR B 225 -4.13 11.36 -17.85
N THR B 226 -4.65 12.04 -18.87
CA THR B 226 -4.73 13.47 -18.83
C THR B 226 -6.02 13.78 -18.08
N THR B 227 -6.11 14.98 -17.50
CA THR B 227 -7.35 15.44 -16.86
C THR B 227 -8.21 16.24 -17.85
N HIS B 228 -7.63 16.65 -18.97
CA HIS B 228 -8.37 17.25 -20.05
C HIS B 228 -8.75 16.14 -21.04
N LYS B 229 -9.40 16.53 -22.14
CA LYS B 229 -9.91 15.62 -23.17
C LYS B 229 -11.34 15.16 -22.82
N THR B 230 -11.63 13.89 -22.91
CA THR B 230 -12.99 13.43 -22.63
C THR B 230 -13.35 13.64 -21.18
N LEU B 231 -12.37 13.68 -20.27
CA LEU B 231 -12.66 13.94 -18.83
C LEU B 231 -13.07 15.41 -18.59
N ARG B 232 -12.78 16.25 -19.59
CA ARG B 232 -13.24 17.60 -19.64
C ARG B 232 -12.71 18.50 -18.52
N GLY B 233 -11.48 18.21 -18.07
CA GLY B 233 -10.86 18.99 -17.02
C GLY B 233 -9.76 19.89 -17.54
N PRO B 234 -9.03 20.53 -16.61
CA PRO B 234 -7.91 21.37 -17.00
C PRO B 234 -6.80 20.47 -17.55
N ARG B 235 -5.88 21.08 -18.30
CA ARG B 235 -4.76 20.32 -18.86
C ARG B 235 -3.80 19.94 -17.77
N GLY B 236 -3.52 18.66 -17.70
CA GLY B 236 -2.63 18.11 -16.72
C GLY B 236 -2.74 16.62 -16.70
N GLY B 237 -2.03 16.01 -15.74
CA GLY B 237 -1.90 14.56 -15.62
C GLY B 237 -2.38 13.99 -14.31
N MET B 238 -2.46 12.67 -14.29
CA MET B 238 -2.90 11.93 -13.09
C MET B 238 -2.41 10.49 -13.21
N ILE B 239 -2.04 9.88 -12.07
CA ILE B 239 -1.66 8.46 -12.02
C ILE B 239 -2.55 7.81 -11.03
N LEU B 240 -3.07 6.66 -11.41
CA LEU B 240 -3.82 5.78 -10.51
C LEU B 240 -3.01 4.51 -10.45
N CYS B 241 -2.87 3.91 -9.27
CA CYS B 241 -2.05 2.70 -9.23
C CYS B 241 -2.39 1.86 -8.05
N LYS B 242 -1.97 0.62 -8.10
CA LYS B 242 -2.16 -0.31 -6.96
CA LYS B 242 -2.16 -0.30 -6.97
C LYS B 242 -1.37 0.19 -5.75
N GLU B 243 -1.85 -0.10 -4.55
CA GLU B 243 -1.24 0.44 -3.32
C GLU B 243 0.22 0.04 -3.25
N GLU B 244 0.57 -1.10 -3.83
CA GLU B 244 1.94 -1.57 -3.68
C GLU B 244 2.99 -0.67 -4.37
N TYR B 245 2.56 0.15 -5.32
CA TYR B 245 3.44 1.07 -6.04
C TYR B 245 3.36 2.51 -5.57
N LYS B 246 2.53 2.79 -4.58
CA LYS B 246 2.26 4.15 -4.19
C LYS B 246 3.53 4.92 -3.76
N LYS B 247 4.40 4.29 -2.96
CA LYS B 247 5.58 4.98 -2.49
C LYS B 247 6.53 5.35 -3.63
N ASP B 248 6.82 4.39 -4.48
CA ASP B 248 7.71 4.63 -5.64
C ASP B 248 7.12 5.64 -6.61
N ILE B 249 5.84 5.51 -6.90
CA ILE B 249 5.17 6.50 -7.78
C ILE B 249 5.23 7.93 -7.21
N ASP B 250 4.85 8.11 -5.93
CA ASP B 250 4.83 9.45 -5.38
C ASP B 250 6.26 10.02 -5.32
N LYS B 251 7.29 9.21 -5.02
CA LYS B 251 8.59 9.80 -4.94
C LYS B 251 9.21 10.03 -6.32
N THR B 252 8.73 9.34 -7.33
CA THR B 252 9.21 9.56 -8.69
C THR B 252 8.61 10.86 -9.20
N ILE B 253 7.36 11.13 -8.88
CA ILE B 253 6.79 12.43 -9.24
C ILE B 253 7.49 13.56 -8.43
N PHE B 254 7.63 13.40 -7.12
CA PHE B 254 8.34 14.38 -6.31
C PHE B 254 9.12 13.71 -5.21
N PRO B 255 10.44 13.93 -5.15
CA PRO B 255 11.27 14.86 -5.95
C PRO B 255 11.91 14.31 -7.23
N GLY B 256 11.44 13.18 -7.73
CA GLY B 256 12.08 12.53 -8.89
C GLY B 256 12.17 13.39 -10.14
N ILE B 257 11.02 13.83 -10.65
CA ILE B 257 10.94 14.53 -11.93
C ILE B 257 10.16 15.86 -11.85
N GLN B 258 9.51 16.12 -10.73
CA GLN B 258 8.86 17.41 -10.51
C GLN B 258 9.30 18.01 -9.15
N GLY B 259 8.91 19.26 -8.97
CA GLY B 259 9.05 19.94 -7.71
C GLY B 259 7.67 20.24 -7.16
N GLY B 260 7.35 21.50 -7.00
CA GLY B 260 6.05 21.85 -6.46
C GLY B 260 4.94 21.57 -7.45
N PRO B 261 3.76 21.15 -6.95
CA PRO B 261 2.63 20.88 -7.84
C PRO B 261 1.98 22.19 -8.27
N LEU B 262 1.16 22.15 -9.29
CA LEU B 262 0.42 23.35 -9.68
C LEU B 262 -0.93 23.35 -8.94
N GLU B 263 -1.02 23.96 -7.77
CA GLU B 263 -2.21 23.68 -6.94
C GLU B 263 -3.51 24.31 -7.44
N HIS B 264 -3.36 25.42 -8.15
CA HIS B 264 -4.46 26.03 -8.86
C HIS B 264 -5.04 25.07 -9.90
N VAL B 265 -4.16 24.40 -10.68
CA VAL B 265 -4.62 23.44 -11.63
C VAL B 265 -5.22 22.25 -10.89
N ILE B 266 -4.58 21.82 -9.82
CA ILE B 266 -5.17 20.68 -9.07
C ILE B 266 -6.58 20.99 -8.51
N ALA B 267 -6.81 22.22 -8.09
CA ALA B 267 -8.15 22.63 -7.63
C ALA B 267 -9.11 22.56 -8.80
N ALA B 268 -8.63 22.95 -9.99
CA ALA B 268 -9.41 22.85 -11.22
C ALA B 268 -9.69 21.38 -11.59
N LYS B 269 -8.76 20.46 -11.30
CA LYS B 269 -9.02 19.02 -11.43
C LYS B 269 -10.15 18.58 -10.53
N ALA B 270 -10.06 18.99 -9.28
CA ALA B 270 -11.12 18.65 -8.33
C ALA B 270 -12.49 19.09 -8.87
N VAL B 271 -12.58 20.33 -9.35
CA VAL B 271 -13.82 20.85 -9.93
C VAL B 271 -14.29 19.99 -11.10
N ALA B 272 -13.39 19.66 -12.06
CA ALA B 272 -13.74 18.80 -13.18
C ALA B 272 -14.21 17.42 -12.70
N PHE B 273 -13.58 16.88 -11.65
CA PHE B 273 -13.91 15.55 -11.18
C PHE B 273 -15.32 15.56 -10.58
N GLY B 274 -15.62 16.64 -9.85
CA GLY B 274 -16.98 16.92 -9.33
C GLY B 274 -18.04 16.96 -10.40
N GLU B 275 -17.75 17.65 -11.50
CA GLU B 275 -18.62 17.68 -12.63
C GLU B 275 -18.82 16.31 -13.21
N ALA B 276 -17.76 15.52 -13.23
CA ALA B 276 -17.80 14.22 -13.84
C ALA B 276 -18.58 13.25 -12.99
N LEU B 277 -18.76 13.58 -11.71
CA LEU B 277 -19.52 12.68 -10.85
C LEU B 277 -21.02 12.84 -11.02
N GLU B 278 -21.45 13.92 -11.67
CA GLU B 278 -22.84 14.21 -11.77
C GLU B 278 -23.48 13.28 -12.82
N ASN B 279 -24.77 12.98 -12.60
CA ASN B 279 -25.53 12.19 -13.56
C ASN B 279 -25.53 12.77 -14.96
N ASN B 280 -25.54 14.11 -15.09
CA ASN B 280 -25.56 14.71 -16.41
C ASN B 280 -24.26 14.47 -17.20
N PHE B 281 -23.17 14.15 -16.49
CA PHE B 281 -21.95 13.75 -17.20
C PHE B 281 -22.14 12.48 -17.99
N LYS B 282 -22.83 11.48 -17.42
CA LYS B 282 -23.08 10.24 -18.19
C LYS B 282 -23.93 10.50 -19.44
N THR B 283 -24.98 11.28 -19.26
CA THR B 283 -25.85 11.74 -20.35
C THR B 283 -25.04 12.43 -21.45
N TYR B 284 -24.09 13.29 -21.05
CA TYR B 284 -23.18 13.98 -21.99
C TYR B 284 -22.36 12.95 -22.73
N GLN B 285 -21.72 12.03 -22.01
CA GLN B 285 -20.90 11.01 -22.69
C GLN B 285 -21.70 10.07 -23.64
N GLN B 286 -22.91 9.72 -23.23
CA GLN B 286 -23.83 8.98 -24.12
C GLN B 286 -24.10 9.72 -25.43
N GLN B 287 -24.30 11.03 -25.34
CA GLN B 287 -24.47 11.86 -26.50
C GLN B 287 -23.18 11.95 -27.34
N VAL B 288 -22.02 12.04 -26.67
CA VAL B 288 -20.74 12.03 -27.36
C VAL B 288 -20.61 10.83 -28.27
N VAL B 289 -20.84 9.66 -27.69
CA VAL B 289 -20.71 8.42 -28.41
C VAL B 289 -21.78 8.20 -29.48
N LYS B 290 -23.01 8.58 -29.19
CA LYS B 290 -24.06 8.57 -30.21
C LYS B 290 -23.75 9.50 -31.35
N ASN B 291 -23.26 10.70 -31.04
CA ASN B 291 -22.92 11.65 -32.06
C ASN B 291 -21.81 11.08 -32.98
N ALA B 292 -20.83 10.38 -32.41
CA ALA B 292 -19.74 9.86 -33.22
C ALA B 292 -20.28 8.74 -34.14
N LYS B 293 -21.21 7.93 -33.63
CA LYS B 293 -21.80 6.87 -34.48
C LYS B 293 -22.56 7.48 -35.68
N VAL B 294 -23.31 8.53 -35.41
CA VAL B 294 -24.07 9.24 -36.43
C VAL B 294 -23.11 9.82 -37.46
N LEU B 295 -22.02 10.42 -37.00
CA LEU B 295 -21.06 11.03 -37.91
C LEU B 295 -20.41 10.00 -38.80
N ALA B 296 -19.99 8.89 -38.20
CA ALA B 296 -19.39 7.79 -38.95
C ALA B 296 -20.38 7.23 -40.01
N GLU B 297 -21.60 6.98 -39.59
CA GLU B 297 -22.58 6.36 -40.48
C GLU B 297 -23.01 7.32 -41.59
N ALA B 298 -23.16 8.60 -41.25
CA ALA B 298 -23.46 9.61 -42.30
C ALA B 298 -22.35 9.75 -43.31
N LEU B 299 -21.10 9.72 -42.84
CA LEU B 299 -19.97 9.79 -43.75
C LEU B 299 -19.89 8.55 -44.69
N ILE B 300 -20.16 7.38 -44.14
CA ILE B 300 -20.27 6.17 -44.94
C ILE B 300 -21.36 6.34 -46.00
N ASN B 301 -22.50 6.91 -45.65
CA ASN B 301 -23.56 7.13 -46.67
C ASN B 301 -23.13 8.11 -47.75
N GLU B 302 -22.12 8.95 -47.45
CA GLU B 302 -21.61 9.91 -48.44
C GLU B 302 -20.43 9.32 -49.23
N GLY B 303 -20.15 8.04 -49.00
CA GLY B 303 -19.08 7.35 -49.75
C GLY B 303 -17.69 7.34 -49.11
N PHE B 304 -17.58 7.69 -47.83
CA PHE B 304 -16.27 7.66 -47.15
C PHE B 304 -16.05 6.33 -46.43
N ARG B 305 -14.82 5.83 -46.46
CA ARG B 305 -14.44 4.63 -45.73
C ARG B 305 -13.93 5.08 -44.37
N ILE B 306 -14.39 4.41 -43.33
CA ILE B 306 -13.99 4.66 -41.97
C ILE B 306 -13.06 3.55 -41.49
N VAL B 307 -11.95 3.96 -40.86
CA VAL B 307 -10.94 3.03 -40.40
C VAL B 307 -11.57 2.15 -39.33
N SER B 308 -11.42 0.84 -39.57
CA SER B 308 -12.08 -0.24 -38.80
C SER B 308 -13.58 -0.39 -39.11
N GLY B 309 -14.09 0.39 -40.05
CA GLY B 309 -15.48 0.27 -40.48
C GLY B 309 -16.48 1.07 -39.66
N GLY B 310 -16.02 1.77 -38.63
CA GLY B 310 -16.90 2.48 -37.70
C GLY B 310 -16.18 2.85 -36.43
N THR B 311 -16.91 2.98 -35.31
CA THR B 311 -16.34 3.42 -34.04
C THR B 311 -17.13 2.84 -32.91
N ASP B 312 -16.46 2.62 -31.76
CA ASP B 312 -17.13 2.35 -30.49
C ASP B 312 -17.11 3.53 -29.52
N ASN B 313 -16.41 4.61 -29.87
CA ASN B 313 -16.19 5.70 -28.93
C ASN B 313 -16.44 7.05 -29.59
N HIS B 314 -15.70 8.07 -29.17
CA HIS B 314 -15.91 9.44 -29.62
C HIS B 314 -15.13 9.77 -30.86
N LEU B 315 -14.36 8.81 -31.36
CA LEU B 315 -13.41 9.09 -32.42
C LEU B 315 -13.87 8.49 -33.71
N VAL B 316 -13.63 9.21 -34.81
CA VAL B 316 -13.97 8.69 -36.10
C VAL B 316 -12.76 8.95 -37.00
N ALA B 317 -12.15 7.89 -37.50
CA ALA B 317 -10.98 8.01 -38.36
C ALA B 317 -11.37 7.71 -39.78
N VAL B 318 -11.14 8.69 -40.67
CA VAL B 318 -11.63 8.62 -42.05
C VAL B 318 -10.45 8.38 -43.01
N ASP B 319 -10.58 7.42 -43.90
CA ASP B 319 -9.60 7.16 -44.97
C ASP B 319 -9.97 8.01 -46.17
N VAL B 320 -9.51 9.26 -46.16
CA VAL B 320 -9.87 10.19 -47.18
C VAL B 320 -9.21 9.79 -48.51
N LYS B 321 -7.95 9.38 -48.50
CA LYS B 321 -7.24 9.03 -49.73
C LYS B 321 -7.92 7.88 -50.44
N GLY B 322 -8.27 6.85 -49.69
CA GLY B 322 -8.96 5.73 -50.29
C GLY B 322 -10.40 6.00 -50.70
N SER B 323 -11.02 7.05 -50.18
CA SER B 323 -12.41 7.33 -50.49
C SER B 323 -12.55 8.29 -51.69
N ILE B 324 -11.84 9.41 -51.63
CA ILE B 324 -11.99 10.42 -52.69
C ILE B 324 -10.69 10.89 -53.33
N GLY B 325 -9.55 10.44 -52.80
CA GLY B 325 -8.28 10.62 -53.46
C GLY B 325 -7.57 11.88 -53.05
N LEU B 326 -8.06 12.55 -52.01
CA LEU B 326 -7.32 13.59 -51.29
C LEU B 326 -6.51 13.00 -50.17
N THR B 327 -5.35 13.61 -49.94
CA THR B 327 -4.49 13.24 -48.86
C THR B 327 -5.09 13.79 -47.57
N GLY B 328 -4.67 13.25 -46.43
CA GLY B 328 -5.13 13.78 -45.14
C GLY B 328 -4.79 15.25 -44.95
N LYS B 329 -3.63 15.64 -45.50
CA LYS B 329 -3.16 17.02 -45.44
C LYS B 329 -4.07 17.97 -46.25
N GLU B 330 -4.40 17.57 -47.47
CA GLU B 330 -5.33 18.32 -48.34
C GLU B 330 -6.69 18.41 -47.65
N ALA B 331 -7.14 17.31 -47.07
CA ALA B 331 -8.45 17.26 -46.39
C ALA B 331 -8.48 18.19 -45.21
N GLU B 332 -7.47 18.13 -44.36
CA GLU B 332 -7.37 19.00 -43.21
C GLU B 332 -7.42 20.48 -43.59
N GLU B 333 -6.72 20.83 -44.68
CA GLU B 333 -6.62 22.20 -45.16
C GLU B 333 -7.95 22.65 -45.71
N THR B 334 -8.54 21.82 -46.56
CA THR B 334 -9.84 22.17 -47.16
C THR B 334 -10.86 22.43 -46.05
N LEU B 335 -10.94 21.53 -45.07
CA LEU B 335 -11.89 21.70 -43.96
C LEU B 335 -11.58 22.92 -43.07
N ASP B 336 -10.31 23.19 -42.83
CA ASP B 336 -9.96 24.40 -42.07
C ASP B 336 -10.48 25.64 -42.81
N SER B 337 -10.36 25.67 -44.13
CA SER B 337 -10.83 26.83 -44.89
C SER B 337 -12.35 27.08 -44.78
N VAL B 338 -13.15 26.05 -44.41
CA VAL B 338 -14.59 26.20 -44.30
C VAL B 338 -15.05 26.35 -42.83
N GLY B 339 -14.10 26.26 -41.90
CA GLY B 339 -14.34 26.48 -40.49
C GLY B 339 -14.39 25.18 -39.68
N ILE B 340 -13.95 24.06 -40.24
CA ILE B 340 -13.92 22.79 -39.51
C ILE B 340 -12.48 22.38 -39.19
N THR B 341 -12.16 22.24 -37.91
CA THR B 341 -10.82 21.87 -37.45
C THR B 341 -10.73 20.40 -37.09
N CYS B 342 -9.80 19.72 -37.74
CA CYS B 342 -9.49 18.32 -37.49
C CYS B 342 -7.97 18.10 -37.77
N ASN B 343 -7.47 16.89 -37.54
CA ASN B 343 -6.05 16.56 -37.78
C ASN B 343 -5.93 15.54 -38.88
N LYS B 344 -4.96 15.69 -39.74
CA LYS B 344 -4.58 14.60 -40.61
C LYS B 344 -4.06 13.47 -39.71
N ASN B 345 -4.14 12.24 -40.20
CA ASN B 345 -3.56 11.12 -39.48
C ASN B 345 -3.24 9.98 -40.40
N THR B 346 -2.23 9.23 -39.97
CA THR B 346 -1.74 8.05 -40.63
C THR B 346 -2.73 6.95 -40.38
N ILE B 347 -3.31 6.43 -41.44
CA ILE B 347 -4.17 5.27 -41.34
C ILE B 347 -3.27 4.00 -41.19
N PRO B 348 -3.88 2.85 -40.93
CA PRO B 348 -3.02 1.67 -40.73
C PRO B 348 -2.32 1.30 -42.03
N PHE B 349 -1.01 1.05 -41.93
CA PHE B 349 -0.19 0.68 -43.08
C PHE B 349 -0.31 1.72 -44.20
N ASP B 350 -0.39 2.99 -43.78
CA ASP B 350 -0.61 4.12 -44.70
C ASP B 350 0.52 4.14 -45.73
N GLN B 351 0.17 4.17 -47.01
CA GLN B 351 1.17 4.29 -48.06
C GLN B 351 1.62 5.74 -48.36
N GLU B 352 0.97 6.75 -47.78
CA GLU B 352 1.39 8.16 -47.96
C GLU B 352 2.45 8.53 -46.95
N LYS B 353 3.22 9.58 -47.25
CA LYS B 353 4.26 10.01 -46.30
C LYS B 353 3.64 10.48 -44.98
N PRO B 354 4.41 10.41 -43.89
CA PRO B 354 3.98 10.77 -42.54
C PRO B 354 3.47 12.20 -42.32
N PHE B 355 3.91 13.15 -43.13
CA PHE B 355 3.35 14.49 -42.98
C PHE B 355 2.34 14.81 -44.11
N VAL B 356 1.94 13.79 -44.86
CA VAL B 356 0.93 13.92 -45.88
C VAL B 356 -0.28 13.10 -45.42
N THR B 357 -0.07 11.79 -45.24
CA THR B 357 -1.04 10.83 -44.69
C THR B 357 -2.26 10.64 -45.59
N SER B 358 -3.02 9.58 -45.32
CA SER B 358 -4.27 9.28 -46.03
C SER B 358 -5.56 9.61 -45.29
N GLY B 359 -5.44 9.99 -44.02
CA GLY B 359 -6.62 10.11 -43.18
C GLY B 359 -6.84 11.43 -42.49
N ILE B 360 -8.03 11.57 -41.89
CA ILE B 360 -8.25 12.64 -40.94
C ILE B 360 -8.95 12.03 -39.76
N ARG B 361 -8.71 12.59 -38.60
CA ARG B 361 -9.35 12.04 -37.41
C ARG B 361 -10.28 13.10 -36.85
N LEU B 362 -11.52 12.69 -36.56
CA LEU B 362 -12.56 13.59 -36.06
C LEU B 362 -12.96 13.07 -34.69
N GLY B 363 -13.27 13.97 -33.77
CA GLY B 363 -13.76 13.58 -32.48
C GLY B 363 -14.91 14.48 -32.10
N THR B 364 -15.85 13.92 -31.39
CA THR B 364 -17.08 14.61 -31.02
C THR B 364 -17.18 15.29 -29.65
N PRO B 365 -16.18 15.14 -28.75
CA PRO B 365 -16.41 15.70 -27.42
C PRO B 365 -16.68 17.20 -27.32
N ALA B 366 -15.95 18.01 -28.07
CA ALA B 366 -15.99 19.46 -27.91
C ALA B 366 -17.33 19.98 -28.48
N ALA B 367 -17.66 19.56 -29.70
CA ALA B 367 -18.94 20.00 -30.30
C ALA B 367 -20.12 19.51 -29.44
N THR B 368 -20.01 18.31 -28.91
CA THR B 368 -21.06 17.80 -28.01
C THR B 368 -21.19 18.69 -26.80
N THR B 369 -20.06 19.07 -26.21
CA THR B 369 -20.14 20.04 -25.08
C THR B 369 -20.87 21.33 -25.40
N ARG B 370 -20.72 21.84 -26.61
CA ARG B 370 -21.40 23.09 -26.93
C ARG B 370 -22.87 22.86 -27.36
N GLY B 371 -23.28 21.59 -27.37
CA GLY B 371 -24.68 21.22 -27.55
C GLY B 371 -25.05 20.45 -28.79
N PHE B 372 -24.11 20.10 -29.66
CA PHE B 372 -24.48 19.41 -30.89
C PHE B 372 -25.15 18.07 -30.49
N ASP B 373 -26.18 17.71 -31.26
CA ASP B 373 -26.85 16.43 -31.15
C ASP B 373 -26.71 15.66 -32.44
N GLU B 374 -27.50 14.58 -32.59
CA GLU B 374 -27.49 13.77 -33.82
C GLU B 374 -27.80 14.58 -35.05
N LYS B 375 -28.83 15.41 -34.97
CA LYS B 375 -29.19 16.24 -36.12
C LYS B 375 -28.02 17.17 -36.53
N ALA B 376 -27.39 17.79 -35.55
CA ALA B 376 -26.20 18.61 -35.81
C ALA B 376 -25.08 17.79 -36.47
N PHE B 377 -24.85 16.58 -35.98
CA PHE B 377 -23.73 15.79 -36.53
C PHE B 377 -23.99 15.20 -37.88
N GLU B 378 -25.24 14.92 -38.19
CA GLU B 378 -25.59 14.58 -39.56
CA GLU B 378 -25.53 14.56 -39.56
C GLU B 378 -25.25 15.76 -40.47
N GLU B 379 -25.59 16.96 -40.03
CA GLU B 379 -25.26 18.16 -40.87
C GLU B 379 -23.71 18.36 -41.02
N VAL B 380 -22.96 18.13 -39.95
CA VAL B 380 -21.47 18.13 -40.01
C VAL B 380 -20.96 17.14 -41.07
N ALA B 381 -21.50 15.90 -41.12
CA ALA B 381 -21.06 14.94 -42.14
C ALA B 381 -21.32 15.45 -43.53
N LYS B 382 -22.50 16.02 -43.74
CA LYS B 382 -22.85 16.53 -45.07
C LYS B 382 -21.95 17.69 -45.47
N ILE B 383 -21.61 18.53 -44.53
CA ILE B 383 -20.68 19.67 -44.76
C ILE B 383 -19.29 19.16 -45.14
N ILE B 384 -18.82 18.18 -44.38
CA ILE B 384 -17.54 17.56 -44.66
C ILE B 384 -17.55 16.97 -46.03
N SER B 385 -18.58 16.22 -46.38
CA SER B 385 -18.67 15.62 -47.71
C SER B 385 -18.71 16.70 -48.80
N LEU B 386 -19.49 17.74 -48.59
CA LEU B 386 -19.58 18.83 -49.59
C LEU B 386 -18.23 19.48 -49.86
N ALA B 387 -17.53 19.85 -48.80
CA ALA B 387 -16.21 20.50 -48.93
C ALA B 387 -15.19 19.57 -49.55
N LEU B 388 -15.09 18.34 -49.04
CA LEU B 388 -14.00 17.45 -49.50
C LEU B 388 -14.17 16.94 -50.90
N LYS B 389 -15.43 16.74 -51.30
CA LYS B 389 -15.70 16.27 -52.63
C LYS B 389 -15.64 17.38 -53.67
N ASN B 390 -15.61 18.63 -53.23
CA ASN B 390 -15.64 19.79 -54.10
C ASN B 390 -14.58 20.80 -53.65
N SER B 391 -13.36 20.31 -53.44
CA SER B 391 -12.29 21.08 -52.81
C SER B 391 -11.80 22.21 -53.67
N LYS B 392 -12.17 22.22 -54.95
CA LYS B 392 -11.76 23.26 -55.86
CA LYS B 392 -11.76 23.27 -55.88
C LYS B 392 -12.98 24.07 -56.35
N ASP B 393 -14.09 23.99 -55.64
CA ASP B 393 -15.33 24.60 -56.12
C ASP B 393 -15.69 25.69 -55.15
N GLU B 394 -15.41 26.94 -55.49
CA GLU B 394 -15.59 28.03 -54.54
C GLU B 394 -17.01 28.18 -54.04
N GLU B 395 -17.96 28.05 -54.93
CA GLU B 395 -19.36 28.20 -54.49
C GLU B 395 -19.74 27.14 -53.43
N LYS B 396 -19.39 25.87 -53.67
CA LYS B 396 -19.74 24.82 -52.67
C LYS B 396 -18.95 25.00 -51.35
N LEU B 397 -17.70 25.48 -51.43
CA LEU B 397 -16.94 25.77 -50.21
C LEU B 397 -17.59 26.90 -49.43
N GLN B 398 -18.06 27.93 -50.13
CA GLN B 398 -18.77 29.02 -49.45
C GLN B 398 -20.06 28.53 -48.81
N GLN B 399 -20.78 27.62 -49.48
CA GLN B 399 -21.96 26.96 -48.93
C GLN B 399 -21.62 26.19 -47.66
N ALA B 400 -20.56 25.41 -47.72
CA ALA B 400 -20.02 24.71 -46.51
C ALA B 400 -19.79 25.72 -45.40
N LYS B 401 -19.09 26.80 -45.72
CA LYS B 401 -18.76 27.87 -44.76
C LYS B 401 -20.03 28.47 -44.11
N GLU B 402 -21.04 28.75 -44.94
CA GLU B 402 -22.34 29.27 -44.44
C GLU B 402 -23.05 28.27 -43.52
N ARG B 403 -22.99 26.99 -43.88
CA ARG B 403 -23.60 25.95 -43.05
C ARG B 403 -22.88 25.73 -41.73
N VAL B 404 -21.56 25.86 -41.74
CA VAL B 404 -20.81 25.92 -40.50
C VAL B 404 -21.27 27.12 -39.67
N ALA B 405 -21.40 28.29 -40.30
CA ALA B 405 -21.83 29.49 -39.57
C ALA B 405 -23.23 29.33 -38.95
N LYS B 406 -24.13 28.59 -39.62
CA LYS B 406 -25.45 28.31 -39.04
C LYS B 406 -25.35 27.48 -37.76
N LEU B 407 -24.56 26.42 -37.77
CA LEU B 407 -24.34 25.62 -36.55
C LEU B 407 -23.66 26.36 -35.37
N THR B 408 -22.65 27.16 -35.66
CA THR B 408 -21.97 27.92 -34.64
C THR B 408 -22.87 29.02 -34.03
N ALA B 409 -23.73 29.61 -34.85
CA ALA B 409 -24.75 30.53 -34.37
C ALA B 409 -25.77 29.82 -33.53
N GLU B 410 -26.14 28.60 -33.92
CA GLU B 410 -27.11 27.81 -33.16
C GLU B 410 -26.56 27.38 -31.82
N TYR B 411 -25.26 27.05 -31.79
CA TYR B 411 -24.62 26.53 -30.56
C TYR B 411 -23.41 27.42 -30.11
N PRO B 412 -23.66 28.66 -29.68
CA PRO B 412 -22.59 29.56 -29.31
C PRO B 412 -21.83 29.08 -28.08
N LEU B 413 -20.53 29.31 -28.05
CA LEU B 413 -19.73 28.92 -26.90
C LEU B 413 -19.92 29.83 -25.71
N TYR B 414 -19.97 29.25 -24.52
CA TYR B 414 -19.95 29.94 -23.23
C TYR B 414 -21.08 30.96 -23.11
N ALA C 3 -17.43 -19.57 35.47
CA ALA C 3 -16.25 -19.53 34.54
C ALA C 3 -15.94 -20.92 33.97
N MET C 4 -16.11 -21.94 34.81
CA MET C 4 -15.72 -23.32 34.44
C MET C 4 -16.81 -24.35 34.74
N SER C 5 -18.04 -23.88 34.89
CA SER C 5 -19.12 -24.73 35.36
C SER C 5 -19.46 -25.77 34.28
N TYR C 6 -19.40 -25.39 33.00
CA TYR C 6 -19.80 -26.36 31.95
C TYR C 6 -18.77 -27.50 31.79
N ILE C 7 -17.49 -27.14 31.82
CA ILE C 7 -16.43 -28.15 31.64
C ILE C 7 -16.35 -29.03 32.89
N THR C 8 -16.54 -28.44 34.05
CA THR C 8 -16.60 -29.20 35.30
C THR C 8 -17.71 -30.23 35.26
N LYS C 9 -18.91 -29.84 34.81
CA LYS C 9 -20.01 -30.81 34.68
CA LYS C 9 -20.03 -30.79 34.63
C LYS C 9 -19.72 -31.89 33.61
N GLN C 10 -19.29 -31.51 32.44
CA GLN C 10 -19.08 -32.36 31.25
CA GLN C 10 -19.20 -32.54 31.41
C GLN C 10 -17.84 -33.28 31.31
N ASP C 11 -16.74 -32.70 31.81
CA ASP C 11 -15.44 -33.35 31.67
C ASP C 11 -14.55 -33.08 32.89
N LYS C 12 -14.81 -33.81 33.96
CA LYS C 12 -14.17 -33.58 35.23
CA LYS C 12 -14.16 -33.53 35.22
C LYS C 12 -12.64 -33.66 35.10
N VAL C 13 -12.14 -34.69 34.47
CA VAL C 13 -10.70 -34.84 34.38
C VAL C 13 -10.01 -33.62 33.72
N ILE C 14 -10.63 -33.05 32.68
CA ILE C 14 -9.99 -31.90 32.00
C ILE C 14 -10.13 -30.65 32.86
N ALA C 15 -11.32 -30.47 33.46
CA ALA C 15 -11.49 -29.34 34.44
C ALA C 15 -10.47 -29.35 35.53
N GLU C 16 -10.27 -30.54 36.13
CA GLU C 16 -9.35 -30.74 37.25
C GLU C 16 -7.93 -30.37 36.85
N ALA C 17 -7.52 -30.80 35.67
CA ALA C 17 -6.23 -30.50 35.16
C ALA C 17 -6.05 -28.98 34.93
N ILE C 18 -7.06 -28.33 34.39
CA ILE C 18 -6.98 -26.90 34.13
C ILE C 18 -6.83 -26.15 35.47
N GLU C 19 -7.64 -26.53 36.45
CA GLU C 19 -7.51 -25.98 37.78
C GLU C 19 -6.09 -26.23 38.37
N ARG C 20 -5.53 -27.42 38.20
CA ARG C 20 -4.15 -27.65 38.64
C ARG C 20 -3.15 -26.76 37.95
N GLU C 21 -3.40 -26.47 36.67
CA GLU C 21 -2.53 -25.59 35.93
C GLU C 21 -2.61 -24.19 36.48
N PHE C 22 -3.80 -23.69 36.78
CA PHE C 22 -3.91 -22.41 37.44
C PHE C 22 -3.16 -22.36 38.79
N GLN C 23 -3.34 -23.40 39.62
CA GLN C 23 -2.68 -23.40 40.92
C GLN C 23 -1.16 -23.49 40.79
N ARG C 24 -0.68 -24.20 39.78
CA ARG C 24 0.73 -24.25 39.48
C ARG C 24 1.27 -22.87 39.05
N GLN C 25 0.57 -22.18 38.17
CA GLN C 25 0.98 -20.83 37.78
C GLN C 25 1.03 -19.94 39.00
N ASN C 26 0.07 -20.14 39.90
CA ASN C 26 0.04 -19.30 41.09
C ASN C 26 1.15 -19.64 42.10
N SER C 27 1.40 -20.93 42.28
CA SER C 27 2.23 -21.40 43.38
CA SER C 27 2.25 -21.44 43.36
C SER C 27 3.73 -21.37 43.07
N ASN C 28 4.08 -21.19 41.81
CA ASN C 28 5.47 -21.13 41.39
C ASN C 28 5.71 -19.69 40.93
N ILE C 29 6.98 -19.26 41.04
CA ILE C 29 7.41 -18.02 40.46
C ILE C 29 8.01 -18.40 39.12
N GLU C 30 7.26 -18.09 38.09
CA GLU C 30 7.67 -18.40 36.76
C GLU C 30 8.53 -17.28 36.23
N LEU C 31 9.78 -17.59 35.94
CA LEU C 31 10.73 -16.65 35.34
C LEU C 31 11.16 -17.17 33.95
N ILE C 32 10.20 -17.73 33.21
CA ILE C 32 10.47 -18.32 31.93
C ILE C 32 10.54 -17.24 30.84
N ALA C 33 11.76 -16.84 30.49
CA ALA C 33 12.11 -15.85 29.49
C ALA C 33 11.03 -14.82 29.30
N SER C 34 10.37 -14.81 28.16
CA SER C 34 9.53 -13.70 27.81
C SER C 34 8.06 -13.98 28.05
N GLU C 35 7.72 -15.16 28.59
CA GLU C 35 6.34 -15.56 28.77
C GLU C 35 5.61 -14.60 29.74
N ASN C 36 4.28 -14.69 29.81
CA ASN C 36 3.47 -13.74 30.54
C ASN C 36 2.13 -14.29 30.97
N PHE C 37 1.36 -13.49 31.74
CA PHE C 37 -0.03 -13.76 32.11
C PHE C 37 -0.96 -12.81 31.38
N VAL C 38 -1.86 -13.34 30.57
CA VAL C 38 -2.80 -12.48 29.85
C VAL C 38 -3.95 -12.09 30.76
N SER C 39 -4.62 -11.03 30.41
CA SER C 39 -5.78 -10.57 31.16
C SER C 39 -7.02 -11.47 31.00
N GLU C 40 -7.96 -11.33 31.95
CA GLU C 40 -9.23 -11.98 31.81
C GLU C 40 -9.95 -11.58 30.51
N ALA C 41 -9.85 -10.31 30.09
CA ALA C 41 -10.52 -9.85 28.90
C ALA C 41 -9.94 -10.55 27.68
N VAL C 42 -8.64 -10.74 27.69
CA VAL C 42 -7.98 -11.43 26.57
C VAL C 42 -8.50 -12.88 26.51
N MET C 43 -8.59 -13.53 27.67
CA MET C 43 -9.09 -14.90 27.70
C MET C 43 -10.56 -14.99 27.30
N GLU C 44 -11.37 -14.00 27.68
CA GLU C 44 -12.79 -13.98 27.26
C GLU C 44 -12.97 -13.94 25.73
N ALA C 45 -12.18 -13.14 25.06
CA ALA C 45 -12.24 -13.05 23.61
C ALA C 45 -11.84 -14.43 23.03
N GLN C 46 -10.78 -15.03 23.57
CA GLN C 46 -10.34 -16.34 23.09
C GLN C 46 -11.36 -17.42 23.27
N GLY C 47 -12.12 -17.30 24.34
CA GLY C 47 -13.15 -18.24 24.71
C GLY C 47 -14.54 -17.91 24.19
N SER C 48 -14.60 -17.08 23.16
CA SER C 48 -15.88 -16.61 22.61
C SER C 48 -16.42 -17.48 21.48
N VAL C 49 -17.61 -17.13 20.98
CA VAL C 49 -18.27 -17.87 19.89
C VAL C 49 -17.63 -17.54 18.53
N LEU C 50 -16.63 -16.68 18.54
CA LEU C 50 -15.91 -16.41 17.31
C LEU C 50 -15.17 -17.66 16.80
N THR C 51 -14.95 -18.63 17.68
CA THR C 51 -14.36 -19.89 17.24
C THR C 51 -15.26 -20.60 16.22
N ASN C 52 -16.54 -20.26 16.20
CA ASN C 52 -17.47 -20.94 15.29
C ASN C 52 -17.39 -20.34 13.91
N LYS C 53 -16.67 -19.23 13.73
CA LYS C 53 -16.76 -18.50 12.43
C LYS C 53 -15.69 -18.91 11.42
N TYR C 54 -16.16 -19.30 10.24
CA TYR C 54 -15.26 -19.57 9.14
C TYR C 54 -15.09 -18.24 8.37
N ALA C 55 -13.86 -17.77 8.20
CA ALA C 55 -13.59 -16.41 7.67
C ALA C 55 -12.40 -16.33 6.74
N GLU C 56 -12.26 -17.29 5.86
CA GLU C 56 -11.25 -17.21 4.81
C GLU C 56 -11.25 -15.88 4.05
N GLY C 57 -10.06 -15.32 3.85
CA GLY C 57 -9.87 -14.04 3.18
C GLY C 57 -9.57 -12.94 4.21
N TYR C 58 -9.66 -11.69 3.76
CA TYR C 58 -9.29 -10.54 4.58
C TYR C 58 -10.47 -9.56 4.66
N PRO C 59 -10.51 -8.69 5.70
CA PRO C 59 -11.63 -7.74 5.89
C PRO C 59 -11.82 -6.86 4.67
N GLY C 60 -13.07 -6.66 4.27
CA GLY C 60 -13.38 -5.87 3.07
C GLY C 60 -13.32 -6.66 1.78
N ARG C 61 -12.71 -7.83 1.83
CA ARG C 61 -12.61 -8.72 0.68
CA ARG C 61 -12.60 -8.72 0.68
C ARG C 61 -13.09 -10.08 1.15
N ARG C 62 -14.29 -10.07 1.73
CA ARG C 62 -15.02 -11.25 2.20
C ARG C 62 -16.36 -10.79 2.84
N GLY C 65 -20.11 -13.80 3.49
CA GLY C 65 -20.81 -14.89 4.14
C GLY C 65 -20.90 -14.77 5.66
N GLY C 66 -21.35 -13.61 6.12
CA GLY C 66 -21.68 -13.43 7.53
C GLY C 66 -20.48 -12.96 8.35
N CYS C 67 -19.54 -12.29 7.67
CA CYS C 67 -18.25 -11.85 8.27
C CYS C 67 -18.29 -10.41 8.80
N GLU C 68 -19.46 -9.79 8.87
CA GLU C 68 -19.54 -8.36 9.22
C GLU C 68 -18.79 -8.05 10.50
N PHE C 69 -18.97 -8.89 11.50
CA PHE C 69 -18.46 -8.61 12.84
C PHE C 69 -17.02 -9.07 13.12
N VAL C 70 -16.64 -10.20 12.54
CA VAL C 70 -15.23 -10.54 12.54
C VAL C 70 -14.40 -9.55 11.70
N ASP C 71 -15.03 -8.87 10.73
CA ASP C 71 -14.34 -7.83 9.98
C ASP C 71 -14.05 -6.69 10.95
N VAL C 72 -15.00 -6.39 11.82
CA VAL C 72 -14.80 -5.35 12.80
C VAL C 72 -13.63 -5.70 13.71
N THR C 73 -13.61 -6.93 14.24
CA THR C 73 -12.58 -7.27 15.23
C THR C 73 -11.19 -7.40 14.59
N GLU C 74 -11.10 -8.03 13.44
CA GLU C 74 -9.87 -8.12 12.72
C GLU C 74 -9.35 -6.71 12.30
N SER C 75 -10.23 -5.83 11.84
CA SER C 75 -9.82 -4.47 11.44
C SER C 75 -9.33 -3.67 12.63
N ILE C 76 -10.00 -3.83 13.76
CA ILE C 76 -9.53 -3.14 14.97
C ILE C 76 -8.14 -3.63 15.42
N ALA C 77 -7.90 -4.93 15.34
CA ALA C 77 -6.59 -5.51 15.65
C ALA C 77 -5.56 -4.89 14.76
N ILE C 78 -5.84 -4.87 13.46
CA ILE C 78 -4.95 -4.20 12.53
C ILE C 78 -4.70 -2.71 12.85
N ASP C 79 -5.78 -1.95 13.02
CA ASP C 79 -5.66 -0.52 13.38
C ASP C 79 -4.83 -0.30 14.66
N ARG C 80 -5.06 -1.12 15.69
CA ARG C 80 -4.33 -0.92 16.92
C ARG C 80 -2.84 -1.28 16.76
N ALA C 81 -2.55 -2.34 16.02
CA ALA C 81 -1.17 -2.73 15.75
C ALA C 81 -0.45 -1.56 15.08
N LYS C 82 -1.15 -0.94 14.11
CA LYS C 82 -0.61 0.26 13.44
C LYS C 82 -0.34 1.40 14.40
N ALA C 83 -1.22 1.61 15.38
CA ALA C 83 -1.05 2.70 16.33
C ALA C 83 0.13 2.35 17.22
N LEU C 84 0.27 1.06 17.58
CA LEU C 84 1.39 0.66 18.45
C LEU C 84 2.75 0.73 17.78
N PHE C 85 2.82 0.30 16.53
CA PHE C 85 4.10 0.10 15.89
C PHE C 85 4.41 0.96 14.70
N GLY C 86 3.42 1.66 14.16
CA GLY C 86 3.61 2.49 12.96
C GLY C 86 3.90 1.78 11.64
N ALA C 87 3.49 0.52 11.53
CA ALA C 87 3.75 -0.28 10.35
C ALA C 87 2.87 0.20 9.21
N GLU C 88 3.34 0.05 7.97
CA GLU C 88 2.55 0.46 6.82
C GLU C 88 1.47 -0.57 6.55
N HIS C 89 1.82 -1.86 6.64
CA HIS C 89 0.88 -2.96 6.45
C HIS C 89 0.99 -3.95 7.63
N VAL C 90 -0.15 -4.48 8.04
CA VAL C 90 -0.24 -5.47 9.15
C VAL C 90 -1.13 -6.65 8.77
N ASN C 91 -0.63 -7.86 9.05
CA ASN C 91 -1.39 -9.08 8.89
C ASN C 91 -1.44 -9.73 10.27
N VAL C 92 -2.64 -9.80 10.83
CA VAL C 92 -2.86 -10.35 12.16
C VAL C 92 -3.36 -11.80 12.07
N GLN C 93 -3.37 -12.41 10.87
CA GLN C 93 -3.81 -13.81 10.80
C GLN C 93 -2.79 -14.93 11.13
N PRO C 94 -1.46 -14.67 11.14
CA PRO C 94 -0.59 -15.83 11.43
C PRO C 94 -0.98 -16.58 12.72
N HIS C 95 -1.09 -17.90 12.62
CA HIS C 95 -1.47 -18.71 13.76
C HIS C 95 -0.43 -18.73 14.84
N SER C 96 0.80 -18.50 14.46
CA SER C 96 1.92 -18.52 15.37
C SER C 96 3.06 -17.67 14.86
N GLY C 97 4.09 -17.48 15.71
CA GLY C 97 5.38 -16.92 15.25
C GLY C 97 5.99 -17.59 14.05
N PRO C 98 6.13 -18.92 14.08
CA PRO C 98 6.72 -19.59 12.92
C PRO C 98 5.92 -19.46 11.64
N GLN C 99 4.60 -19.36 11.73
CA GLN C 99 3.83 -19.12 10.50
C GLN C 99 4.13 -17.73 9.99
N ALA C 100 4.17 -16.75 10.90
CA ALA C 100 4.54 -15.42 10.49
C ALA C 100 5.92 -15.46 9.83
N ASN C 101 6.89 -16.12 10.47
CA ASN C 101 8.26 -16.23 9.91
C ASN C 101 8.33 -16.93 8.57
N MET C 102 7.66 -18.07 8.44
CA MET C 102 7.64 -18.76 7.17
C MET C 102 7.12 -17.91 5.99
N ALA C 103 6.11 -17.11 6.27
CA ALA C 103 5.50 -16.32 5.24
C ALA C 103 6.50 -15.33 4.72
N VAL C 104 7.20 -14.67 5.63
CA VAL C 104 8.22 -13.72 5.26
C VAL C 104 9.32 -14.42 4.44
N TYR C 105 9.81 -15.56 4.91
CA TYR C 105 10.86 -16.27 4.16
CA TYR C 105 10.85 -16.28 4.16
C TYR C 105 10.39 -16.57 2.74
N LEU C 106 9.15 -17.08 2.60
CA LEU C 106 8.61 -17.46 1.32
C LEU C 106 8.44 -16.25 0.37
N VAL C 107 8.14 -15.07 0.91
CA VAL C 107 8.13 -13.82 0.14
C VAL C 107 9.52 -13.26 -0.19
N ALA C 108 10.44 -13.28 0.77
CA ALA C 108 11.77 -12.66 0.58
C ALA C 108 12.74 -13.52 -0.21
N LEU C 109 12.56 -14.83 -0.20
CA LEU C 109 13.62 -15.74 -0.64
C LEU C 109 13.11 -16.72 -1.68
N GLU C 110 14.04 -17.27 -2.44
CA GLU C 110 13.83 -18.54 -3.12
C GLU C 110 14.52 -19.68 -2.33
N MET C 111 13.96 -20.89 -2.38
CA MET C 111 14.55 -22.09 -1.79
C MET C 111 16.02 -22.19 -2.21
N GLY C 112 16.90 -22.43 -1.24
CA GLY C 112 18.35 -22.48 -1.49
C GLY C 112 19.07 -21.17 -1.28
N ASP C 113 18.33 -20.05 -1.25
CA ASP C 113 18.93 -18.73 -1.03
C ASP C 113 19.65 -18.66 0.32
N THR C 114 20.52 -17.67 0.45
CA THR C 114 21.33 -17.48 1.63
C THR C 114 20.63 -16.43 2.52
N VAL C 115 20.50 -16.81 3.79
CA VAL C 115 19.95 -15.95 4.82
C VAL C 115 20.97 -15.86 5.95
N LEU C 116 21.17 -14.63 6.47
CA LEU C 116 22.07 -14.36 7.62
C LEU C 116 21.28 -13.98 8.86
N GLY C 117 21.32 -14.80 9.90
CA GLY C 117 20.53 -14.47 11.09
C GLY C 117 21.29 -14.82 12.35
N MET C 118 20.74 -14.43 13.50
CA MET C 118 21.41 -14.64 14.77
C MET C 118 21.24 -16.08 15.18
N ASN C 119 22.18 -16.70 15.83
CA ASN C 119 21.73 -17.88 16.62
C ASN C 119 22.42 -17.91 17.99
N VAL C 132 16.25 -29.52 10.93
CA VAL C 132 14.82 -29.84 10.92
C VAL C 132 13.93 -28.60 10.77
N ASN C 133 14.33 -27.50 11.42
CA ASN C 133 13.60 -26.23 11.35
C ASN C 133 13.60 -25.76 9.89
N PHE C 134 12.43 -25.32 9.42
CA PHE C 134 12.23 -24.94 8.02
CA PHE C 134 12.24 -24.93 8.01
C PHE C 134 13.28 -23.93 7.51
N SER C 135 13.68 -22.99 8.35
CA SER C 135 14.59 -21.92 7.96
C SER C 135 15.97 -22.45 7.57
N GLY C 136 16.43 -23.50 8.25
CA GLY C 136 17.73 -24.12 8.01
C GLY C 136 17.69 -25.24 6.97
N LYS C 137 16.49 -25.75 6.69
CA LYS C 137 16.34 -26.90 5.84
C LYS C 137 16.22 -26.46 4.42
N PHE C 138 15.37 -25.47 4.17
CA PHE C 138 15.11 -25.06 2.81
C PHE C 138 15.91 -23.88 2.31
N TYR C 139 16.65 -23.22 3.19
CA TYR C 139 17.53 -22.12 2.82
C TYR C 139 18.92 -22.37 3.39
N ASN C 140 19.88 -21.61 2.89
CA ASN C 140 21.26 -21.68 3.39
C ASN C 140 21.39 -20.69 4.51
N PHE C 141 21.15 -21.15 5.74
CA PHE C 141 21.11 -20.25 6.83
C PHE C 141 22.49 -20.10 7.42
N VAL C 142 23.00 -18.87 7.42
CA VAL C 142 24.30 -18.55 8.03
C VAL C 142 24.09 -17.82 9.35
N GLU C 143 24.75 -18.28 10.40
CA GLU C 143 24.53 -17.77 11.75
C GLU C 143 25.61 -16.78 12.07
N TYR C 144 25.20 -15.64 12.60
CA TYR C 144 26.05 -14.85 13.41
C TYR C 144 25.54 -15.14 14.84
N GLY C 145 26.39 -14.94 15.80
CA GLY C 145 25.96 -15.08 17.18
C GLY C 145 26.45 -13.81 17.80
N VAL C 146 27.20 -14.00 18.88
CA VAL C 146 27.83 -12.90 19.58
C VAL C 146 29.32 -13.12 19.63
N ASP C 147 30.03 -12.05 19.96
CA ASP C 147 31.45 -12.02 20.17
C ASP C 147 31.83 -12.82 21.44
N LYS C 148 32.90 -13.61 21.32
CA LYS C 148 33.35 -14.45 22.46
C LYS C 148 33.83 -13.61 23.65
N ASP C 149 34.39 -12.45 23.38
CA ASP C 149 34.88 -11.55 24.44
C ASP C 149 33.76 -10.73 25.08
N THR C 150 32.91 -10.09 24.29
CA THR C 150 31.89 -9.18 24.83
C THR C 150 30.58 -9.88 25.16
N GLU C 151 30.39 -11.08 24.60
CA GLU C 151 29.09 -11.79 24.59
C GLU C 151 27.95 -10.99 23.98
N ARG C 152 28.29 -10.08 23.09
CA ARG C 152 27.33 -9.21 22.42
C ARG C 152 27.57 -9.15 20.92
N ILE C 153 26.54 -8.73 20.19
CA ILE C 153 26.66 -8.55 18.75
C ILE C 153 27.85 -7.65 18.48
N ASN C 154 28.69 -8.09 17.55
CA ASN C 154 29.82 -7.34 17.04
C ASN C 154 29.41 -6.96 15.61
N TYR C 155 29.10 -5.69 15.39
CA TYR C 155 28.51 -5.29 14.11
C TYR C 155 29.57 -5.30 13.01
N ASP C 156 30.83 -5.16 13.38
CA ASP C 156 31.92 -5.30 12.41
CA ASP C 156 31.90 -5.30 12.39
C ASP C 156 31.88 -6.72 11.83
N GLU C 157 31.74 -7.71 12.72
CA GLU C 157 31.71 -9.13 12.31
CA GLU C 157 31.73 -9.10 12.27
C GLU C 157 30.44 -9.48 11.54
N VAL C 158 29.31 -8.88 11.91
CA VAL C 158 28.07 -9.09 11.13
C VAL C 158 28.26 -8.57 9.69
N ARG C 159 28.85 -7.39 9.56
CA ARG C 159 29.14 -6.79 8.24
C ARG C 159 30.09 -7.69 7.44
N LYS C 160 31.12 -8.21 8.11
CA LYS C 160 32.08 -9.12 7.48
CA LYS C 160 32.07 -9.10 7.46
C LYS C 160 31.34 -10.31 6.86
N LEU C 161 30.49 -10.94 7.66
CA LEU C 161 29.74 -12.10 7.20
C LEU C 161 28.75 -11.75 6.10
N ALA C 162 28.11 -10.57 6.17
CA ALA C 162 27.21 -10.17 5.12
C ALA C 162 27.98 -10.06 3.80
N LEU C 163 29.13 -9.38 3.85
CA LEU C 163 29.98 -9.20 2.66
C LEU C 163 30.52 -10.55 2.16
N GLU C 164 30.86 -11.46 3.07
CA GLU C 164 31.37 -12.78 2.66
C GLU C 164 30.30 -13.65 1.96
N HIS C 165 29.09 -13.66 2.53
CA HIS C 165 28.07 -14.63 2.13
C HIS C 165 27.00 -14.10 1.17
N LYS C 166 26.91 -12.79 1.03
CA LYS C 166 25.94 -12.18 0.13
C LYS C 166 24.50 -12.74 0.32
N PRO C 167 23.95 -12.59 1.54
CA PRO C 167 22.61 -13.03 1.81
C PRO C 167 21.57 -12.17 1.10
N LYS C 168 20.46 -12.81 0.72
CA LYS C 168 19.29 -12.11 0.22
C LYS C 168 18.49 -11.46 1.32
N LEU C 169 18.58 -12.05 2.53
CA LEU C 169 17.82 -11.59 3.72
C LEU C 169 18.71 -11.65 4.94
N ILE C 170 18.71 -10.57 5.73
CA ILE C 170 19.37 -10.55 7.03
C ILE C 170 18.28 -10.46 8.05
N VAL C 171 18.42 -11.26 9.10
CA VAL C 171 17.39 -11.33 10.14
C VAL C 171 18.10 -10.85 11.41
N ALA C 172 17.48 -9.91 12.11
CA ALA C 172 17.90 -9.52 13.43
C ALA C 172 16.80 -9.87 14.42
N GLY C 173 17.19 -10.00 15.68
CA GLY C 173 16.25 -10.46 16.68
C GLY C 173 16.11 -11.96 16.68
N ALA C 174 14.88 -12.45 16.94
CA ALA C 174 14.57 -13.89 17.01
C ALA C 174 15.07 -14.52 18.30
N SER C 175 16.37 -14.46 18.56
CA SER C 175 16.96 -15.03 19.79
C SER C 175 16.57 -14.26 21.05
N ALA C 176 16.54 -14.95 22.18
CA ALA C 176 16.25 -14.34 23.47
C ALA C 176 17.57 -13.67 23.94
N TYR C 177 17.93 -12.59 23.27
CA TYR C 177 19.15 -11.81 23.52
C TYR C 177 18.82 -10.73 24.56
N SER C 178 19.70 -10.58 25.55
CA SER C 178 19.45 -9.69 26.67
C SER C 178 19.95 -8.23 26.52
N ARG C 179 20.50 -7.89 25.35
CA ARG C 179 20.92 -6.54 25.12
C ARG C 179 20.26 -5.94 23.89
N THR C 180 20.43 -4.64 23.78
CA THR C 180 19.81 -3.86 22.71
C THR C 180 20.31 -4.25 21.33
N ILE C 181 19.41 -4.23 20.38
CA ILE C 181 19.75 -4.50 18.98
C ILE C 181 19.62 -3.19 18.24
N ASP C 182 20.69 -2.82 17.52
CA ASP C 182 20.72 -1.58 16.76
C ASP C 182 20.24 -1.82 15.34
N PHE C 183 18.98 -1.49 15.06
CA PHE C 183 18.38 -1.87 13.78
C PHE C 183 18.87 -0.95 12.66
N LYS C 184 19.31 0.25 12.99
CA LYS C 184 19.88 1.17 12.01
C LYS C 184 21.16 0.58 11.43
N LYS C 185 22.01 0.05 12.29
CA LYS C 185 23.25 -0.63 11.86
C LYS C 185 22.99 -1.88 11.00
N PHE C 186 22.01 -2.68 11.38
CA PHE C 186 21.56 -3.80 10.53
C PHE C 186 21.04 -3.33 9.16
N LYS C 187 20.23 -2.29 9.15
CA LYS C 187 19.77 -1.68 7.88
C LYS C 187 20.95 -1.15 7.05
N GLU C 188 21.95 -0.55 7.68
CA GLU C 188 23.14 -0.08 6.93
C GLU C 188 23.86 -1.26 6.30
N ILE C 189 23.95 -2.36 7.05
CA ILE C 189 24.61 -3.55 6.54
C ILE C 189 23.82 -4.17 5.39
N ALA C 190 22.51 -4.35 5.58
CA ALA C 190 21.63 -4.88 4.55
C ALA C 190 21.72 -4.05 3.25
N ASP C 191 21.61 -2.73 3.37
CA ASP C 191 21.74 -1.84 2.21
C ASP C 191 23.08 -2.04 1.49
N GLU C 192 24.16 -2.15 2.25
CA GLU C 192 25.48 -2.36 1.65
C GLU C 192 25.50 -3.63 0.76
N VAL C 193 24.86 -4.71 1.19
CA VAL C 193 24.88 -5.93 0.39
C VAL C 193 23.61 -6.16 -0.42
N ASN C 194 22.78 -5.13 -0.54
CA ASN C 194 21.51 -5.27 -1.26
C ASN C 194 20.65 -6.44 -0.75
N ALA C 195 20.64 -6.66 0.57
CA ALA C 195 19.75 -7.65 1.19
C ALA C 195 18.54 -6.97 1.83
N LYS C 196 17.44 -7.70 1.86
CA LYS C 196 16.28 -7.30 2.64
C LYS C 196 16.56 -7.57 4.14
N LEU C 197 15.93 -6.75 5.00
CA LEU C 197 16.05 -6.85 6.45
C LEU C 197 14.72 -7.28 7.07
N MET C 198 14.78 -8.34 7.87
CA MET C 198 13.64 -8.85 8.65
C MET C 198 14.02 -8.75 10.08
N VAL C 199 13.11 -8.32 10.95
CA VAL C 199 13.35 -8.38 12.38
C VAL C 199 12.27 -9.23 13.02
N ASP C 200 12.67 -10.25 13.77
CA ASP C 200 11.72 -10.98 14.60
C ASP C 200 11.78 -10.40 15.98
N MET C 201 10.72 -9.65 16.34
CA MET C 201 10.74 -8.93 17.60
C MET C 201 9.91 -9.58 18.68
N ALA C 202 9.66 -10.87 18.55
CA ALA C 202 8.77 -11.57 19.49
C ALA C 202 9.11 -11.31 20.98
N HIS C 203 10.38 -11.40 21.34
CA HIS C 203 10.73 -11.26 22.76
C HIS C 203 10.55 -9.85 23.27
N ILE C 204 10.86 -8.88 22.40
CA ILE C 204 10.88 -7.48 22.77
C ILE C 204 9.68 -6.62 22.35
N ALA C 205 8.68 -7.20 21.67
CA ALA C 205 7.63 -6.38 21.03
C ALA C 205 6.93 -5.49 22.05
N GLY C 206 6.72 -5.99 23.26
CA GLY C 206 6.11 -5.17 24.30
C GLY C 206 6.95 -3.98 24.75
N LEU C 207 8.25 -4.20 24.80
CA LEU C 207 9.19 -3.13 25.06
C LEU C 207 9.20 -2.11 23.94
N VAL C 208 9.11 -2.59 22.70
CA VAL C 208 9.04 -1.71 21.53
C VAL C 208 7.76 -0.88 21.60
N ALA C 209 6.65 -1.53 21.89
CA ALA C 209 5.40 -0.84 22.07
C ALA C 209 5.41 0.25 23.16
N ALA C 210 6.17 0.06 24.24
CA ALA C 210 6.23 1.02 25.34
C ALA C 210 7.26 2.12 25.12
N GLY C 211 8.00 2.04 24.02
CA GLY C 211 9.10 2.95 23.73
C GLY C 211 10.41 2.67 24.45
N LEU C 212 10.58 1.47 25.01
CA LEU C 212 11.77 1.12 25.78
C LEU C 212 12.83 0.33 24.99
N HIS C 213 12.60 0.11 23.70
CA HIS C 213 13.59 -0.50 22.81
C HIS C 213 13.34 0.19 21.48
N PRO C 214 14.41 0.49 20.76
CA PRO C 214 14.18 1.05 19.42
C PRO C 214 13.22 0.18 18.58
N ASN C 215 12.42 0.84 17.77
CA ASN C 215 11.41 0.18 16.91
C ASN C 215 11.99 -0.29 15.58
N PRO C 216 11.97 -1.61 15.30
CA PRO C 216 12.53 -2.03 14.01
C PRO C 216 11.71 -1.63 12.81
N VAL C 217 10.46 -1.21 13.01
CA VAL C 217 9.57 -0.96 11.88
C VAL C 217 10.12 0.10 10.91
N GLU C 218 10.76 1.12 11.48
CA GLU C 218 11.41 2.22 10.74
CA GLU C 218 11.26 2.19 10.61
C GLU C 218 12.34 1.69 9.64
N TYR C 219 13.12 0.70 10.03
CA TYR C 219 14.20 0.23 9.18
C TYR C 219 13.95 -1.04 8.41
N ALA C 220 13.12 -1.92 8.95
CA ALA C 220 12.99 -3.27 8.38
C ALA C 220 11.97 -3.33 7.24
N ASP C 221 12.25 -4.20 6.27
CA ASP C 221 11.29 -4.57 5.26
C ASP C 221 10.11 -5.35 5.84
N PHE C 222 10.43 -6.24 6.79
CA PHE C 222 9.45 -7.09 7.44
C PHE C 222 9.77 -7.17 8.94
N VAL C 223 8.74 -7.05 9.77
CA VAL C 223 8.83 -7.32 11.24
C VAL C 223 7.85 -8.42 11.56
N THR C 224 8.31 -9.49 12.19
CA THR C 224 7.42 -10.53 12.68
C THR C 224 7.42 -10.47 14.21
N THR C 225 6.36 -10.99 14.79
CA THR C 225 6.28 -11.06 16.21
C THR C 225 5.25 -12.07 16.60
N THR C 226 5.36 -12.54 17.84
CA THR C 226 4.31 -13.21 18.43
C THR C 226 3.44 -12.15 19.13
N THR C 227 2.21 -12.50 19.42
CA THR C 227 1.31 -11.58 20.09
C THR C 227 1.33 -11.87 21.58
N HIS C 228 1.85 -13.04 21.93
CA HIS C 228 2.12 -13.32 23.33
C HIS C 228 3.56 -12.86 23.64
N LYS C 229 3.94 -13.04 24.91
CA LYS C 229 5.27 -12.69 25.51
C LYS C 229 5.24 -11.30 26.08
N THR C 230 6.22 -10.45 25.74
CA THR C 230 6.24 -9.09 26.31
C THR C 230 5.00 -8.28 25.89
N LEU C 231 4.43 -8.57 24.69
CA LEU C 231 3.21 -7.89 24.26
C LEU C 231 1.98 -8.31 25.04
N ARG C 232 2.10 -9.43 25.76
CA ARG C 232 1.10 -9.85 26.75
C ARG C 232 -0.28 -10.13 26.16
N GLY C 233 -0.30 -10.60 24.93
CA GLY C 233 -1.50 -11.08 24.30
C GLY C 233 -1.63 -12.59 24.18
N PRO C 234 -2.61 -13.02 23.38
CA PRO C 234 -2.84 -14.43 23.19
C PRO C 234 -1.73 -15.02 22.36
N ARG C 235 -1.59 -16.34 22.42
CA ARG C 235 -0.56 -16.98 21.63
C ARG C 235 -0.97 -16.89 20.15
N GLY C 236 -0.06 -16.34 19.35
CA GLY C 236 -0.23 -16.22 17.92
C GLY C 236 0.83 -15.35 17.29
N GLY C 237 0.69 -15.14 16.01
CA GLY C 237 1.66 -14.38 15.25
C GLY C 237 1.12 -13.15 14.58
N MET C 238 2.05 -12.35 14.05
CA MET C 238 1.71 -11.09 13.39
C MET C 238 2.84 -10.69 12.47
N ILE C 239 2.47 -10.22 11.27
CA ILE C 239 3.47 -9.66 10.35
C ILE C 239 3.21 -8.17 10.16
N LEU C 240 4.26 -7.38 10.29
CA LEU C 240 4.25 -5.97 9.89
C LEU C 240 5.25 -5.83 8.75
N CYS C 241 4.88 -5.07 7.73
CA CYS C 241 5.79 -4.91 6.65
C CYS C 241 5.54 -3.63 5.86
N LYS C 242 6.53 -3.30 5.06
CA LYS C 242 6.42 -2.16 4.14
C LYS C 242 5.28 -2.42 3.15
N GLU C 243 4.69 -1.35 2.61
CA GLU C 243 3.52 -1.45 1.73
C GLU C 243 3.79 -2.28 0.49
N GLU C 244 5.02 -2.21 0.01
CA GLU C 244 5.41 -2.89 -1.24
C GLU C 244 5.14 -4.37 -1.19
N TYR C 245 5.19 -4.93 0.02
CA TYR C 245 5.06 -6.37 0.22
C TYR C 245 3.66 -6.85 0.61
N LYS C 246 2.70 -5.94 0.72
CA LYS C 246 1.41 -6.31 1.26
CA LYS C 246 1.37 -6.29 1.24
C LYS C 246 0.73 -7.48 0.55
N LYS C 247 0.65 -7.41 -0.78
CA LYS C 247 -0.05 -8.42 -1.57
CA LYS C 247 -0.03 -8.42 -1.59
C LYS C 247 0.65 -9.78 -1.48
N ASP C 248 1.98 -9.79 -1.53
CA ASP C 248 2.69 -11.07 -1.47
C ASP C 248 2.60 -11.71 -0.04
N ILE C 249 2.71 -10.88 0.98
CA ILE C 249 2.59 -11.34 2.39
C ILE C 249 1.19 -11.87 2.62
N ASP C 250 0.18 -11.10 2.21
CA ASP C 250 -1.19 -11.53 2.49
C ASP C 250 -1.58 -12.83 1.81
N LYS C 251 -1.19 -12.98 0.54
CA LYS C 251 -1.54 -14.16 -0.21
C LYS C 251 -0.68 -15.35 0.17
N THR C 252 0.49 -15.12 0.75
CA THR C 252 1.30 -16.21 1.30
C THR C 252 0.66 -16.78 2.59
N ILE C 253 0.16 -15.91 3.44
CA ILE C 253 -0.55 -16.35 4.66
C ILE C 253 -1.86 -17.05 4.26
N PHE C 254 -2.65 -16.43 3.39
CA PHE C 254 -3.84 -17.11 2.86
C PHE C 254 -3.99 -16.88 1.34
N PRO C 255 -4.10 -17.96 0.53
CA PRO C 255 -4.14 -19.40 0.85
C PRO C 255 -2.81 -20.12 0.84
N GLY C 256 -1.69 -19.40 0.85
CA GLY C 256 -0.38 -20.07 0.69
C GLY C 256 -0.16 -21.17 1.74
N ILE C 257 -0.21 -20.79 3.00
CA ILE C 257 0.18 -21.69 4.08
C ILE C 257 -0.87 -21.80 5.18
N GLN C 258 -1.88 -20.96 5.16
CA GLN C 258 -3.01 -21.10 6.10
C GLN C 258 -4.33 -21.10 5.35
N GLY C 259 -5.39 -21.45 6.09
CA GLY C 259 -6.75 -21.39 5.56
C GLY C 259 -7.46 -20.30 6.31
N GLY C 260 -8.51 -20.66 7.05
CA GLY C 260 -9.27 -19.67 7.78
C GLY C 260 -8.46 -19.19 8.99
N PRO C 261 -8.62 -17.92 9.39
CA PRO C 261 -7.90 -17.37 10.55
C PRO C 261 -8.66 -17.78 11.83
N LEU C 262 -8.01 -17.71 12.98
CA LEU C 262 -8.63 -17.95 14.29
C LEU C 262 -9.20 -16.62 14.80
N GLU C 263 -10.43 -16.32 14.42
CA GLU C 263 -11.02 -15.02 14.69
C GLU C 263 -11.20 -14.71 16.18
N HIS C 264 -11.46 -15.74 16.99
CA HIS C 264 -11.51 -15.60 18.45
C HIS C 264 -10.17 -15.17 19.03
N VAL C 265 -9.08 -15.70 18.44
CA VAL C 265 -7.75 -15.36 18.89
C VAL C 265 -7.41 -13.98 18.37
N ILE C 266 -7.80 -13.67 17.12
CA ILE C 266 -7.58 -12.33 16.58
C ILE C 266 -8.34 -11.27 17.39
N ALA C 267 -9.57 -11.55 17.80
CA ALA C 267 -10.27 -10.70 18.75
C ALA C 267 -9.49 -10.49 20.06
N ALA C 268 -8.88 -11.57 20.60
CA ALA C 268 -7.95 -11.46 21.75
C ALA C 268 -6.72 -10.60 21.49
N LYS C 269 -6.18 -10.66 20.28
CA LYS C 269 -5.10 -9.82 19.91
C LYS C 269 -5.55 -8.36 19.93
N ALA C 270 -6.74 -8.07 19.39
CA ALA C 270 -7.27 -6.71 19.37
C ALA C 270 -7.38 -6.19 20.84
N VAL C 271 -7.84 -7.05 21.74
CA VAL C 271 -7.99 -6.69 23.17
C VAL C 271 -6.62 -6.43 23.75
N ALA C 272 -5.66 -7.30 23.46
CA ALA C 272 -4.32 -7.12 23.95
C ALA C 272 -3.69 -5.83 23.42
N PHE C 273 -3.95 -5.51 22.17
CA PHE C 273 -3.38 -4.30 21.60
C PHE C 273 -3.96 -3.04 22.26
N GLY C 274 -5.25 -3.07 22.57
CA GLY C 274 -5.87 -1.98 23.31
C GLY C 274 -5.23 -1.75 24.68
N GLU C 275 -5.03 -2.83 25.43
CA GLU C 275 -4.29 -2.75 26.66
C GLU C 275 -2.91 -2.15 26.45
N ALA C 276 -2.23 -2.52 25.36
CA ALA C 276 -0.86 -2.05 25.18
C ALA C 276 -0.81 -0.56 24.84
N LEU C 277 -1.93 0.01 24.39
CA LEU C 277 -2.01 1.43 24.06
C LEU C 277 -2.31 2.30 25.28
N GLU C 278 -2.67 1.68 26.38
CA GLU C 278 -2.92 2.44 27.59
C GLU C 278 -1.60 2.94 28.24
N ASN C 279 -1.62 4.10 28.91
CA ASN C 279 -0.43 4.61 29.63
C ASN C 279 0.14 3.64 30.67
N ASN C 280 -0.73 2.91 31.33
CA ASN C 280 -0.26 1.95 32.32
C ASN C 280 0.57 0.79 31.69
N PHE C 281 0.46 0.53 30.39
CA PHE C 281 1.32 -0.48 29.76
C PHE C 281 2.78 -0.03 29.74
N LYS C 282 3.03 1.26 29.51
CA LYS C 282 4.41 1.77 29.51
CA LYS C 282 4.41 1.78 29.52
C LYS C 282 4.95 1.69 30.93
N THR C 283 4.13 2.03 31.91
CA THR C 283 4.51 1.90 33.33
C THR C 283 4.91 0.48 33.67
N TYR C 284 4.10 -0.48 33.22
CA TYR C 284 4.38 -1.89 33.40
C TYR C 284 5.71 -2.27 32.80
N GLN C 285 5.96 -1.86 31.56
CA GLN C 285 7.18 -2.25 30.92
C GLN C 285 8.42 -1.58 31.53
N GLN C 286 8.28 -0.36 32.06
CA GLN C 286 9.37 0.27 32.79
C GLN C 286 9.67 -0.55 34.04
N GLN C 287 8.65 -1.06 34.70
CA GLN C 287 8.82 -1.94 35.85
C GLN C 287 9.50 -3.28 35.48
N VAL C 288 9.06 -3.85 34.37
CA VAL C 288 9.67 -5.07 33.81
C VAL C 288 11.19 -4.92 33.66
N VAL C 289 11.62 -3.82 33.05
CA VAL C 289 13.03 -3.61 32.75
C VAL C 289 13.79 -3.24 34.03
N LYS C 290 13.17 -2.44 34.90
CA LYS C 290 13.79 -2.13 36.18
CA LYS C 290 13.76 -2.14 36.21
C LYS C 290 13.98 -3.40 37.03
N ASN C 291 12.99 -4.29 37.04
CA ASN C 291 13.03 -5.52 37.82
C ASN C 291 14.16 -6.38 37.31
N ALA C 292 14.34 -6.39 35.99
CA ALA C 292 15.38 -7.21 35.41
C ALA C 292 16.77 -6.69 35.83
N LYS C 293 16.93 -5.38 35.86
CA LYS C 293 18.24 -4.81 36.28
C LYS C 293 18.53 -5.16 37.73
N VAL C 294 17.50 -5.06 38.56
CA VAL C 294 17.64 -5.37 39.99
C VAL C 294 18.04 -6.81 40.18
N LEU C 295 17.35 -7.69 39.49
CA LEU C 295 17.64 -9.11 39.51
C LEU C 295 19.07 -9.40 39.11
N ALA C 296 19.50 -8.81 38.01
CA ALA C 296 20.87 -9.01 37.53
C ALA C 296 21.91 -8.50 38.53
N GLU C 297 21.69 -7.28 39.03
CA GLU C 297 22.62 -6.65 39.97
CA GLU C 297 22.56 -6.64 39.99
C GLU C 297 22.68 -7.44 41.28
N ALA C 298 21.54 -7.84 41.79
CA ALA C 298 21.52 -8.61 43.03
C ALA C 298 22.22 -9.93 42.88
N LEU C 299 22.10 -10.56 41.71
CA LEU C 299 22.81 -11.83 41.46
C LEU C 299 24.31 -11.54 41.36
N ILE C 300 24.66 -10.46 40.66
CA ILE C 300 26.06 -10.07 40.59
C ILE C 300 26.67 -9.86 41.97
N ASN C 301 25.91 -9.21 42.86
CA ASN C 301 26.36 -8.92 44.20
C ASN C 301 26.74 -10.16 45.00
N GLU C 302 26.24 -11.35 44.61
CA GLU C 302 26.55 -12.62 45.31
C GLU C 302 27.56 -13.44 44.54
N GLY C 303 28.08 -12.90 43.44
CA GLY C 303 29.09 -13.59 42.67
C GLY C 303 28.63 -14.35 41.45
N PHE C 304 27.39 -14.13 41.00
CA PHE C 304 26.93 -14.73 39.75
C PHE C 304 27.30 -13.87 38.55
N ARG C 305 28.03 -14.45 37.60
CA ARG C 305 28.34 -13.79 36.36
C ARG C 305 27.08 -13.81 35.51
N ILE C 306 26.80 -12.68 34.88
CA ILE C 306 25.68 -12.54 33.99
C ILE C 306 26.27 -12.46 32.59
N VAL C 307 25.68 -13.19 31.63
CA VAL C 307 26.12 -13.13 30.25
C VAL C 307 26.02 -11.67 29.72
N SER C 308 27.11 -11.18 29.15
CA SER C 308 27.31 -9.76 28.72
C SER C 308 27.44 -8.76 29.86
N GLY C 309 27.43 -9.23 31.10
CA GLY C 309 27.60 -8.36 32.24
C GLY C 309 26.35 -7.68 32.74
N GLY C 310 25.20 -8.03 32.21
CA GLY C 310 23.97 -7.29 32.56
C GLY C 310 22.89 -7.47 31.47
N THR C 311 21.90 -6.59 31.52
CA THR C 311 20.80 -6.61 30.63
C THR C 311 20.32 -5.18 30.30
N ASP C 312 19.76 -5.04 29.10
CA ASP C 312 19.07 -3.85 28.66
C ASP C 312 17.57 -4.09 28.57
N ASN C 313 17.13 -5.31 28.86
CA ASN C 313 15.72 -5.63 28.65
C ASN C 313 15.14 -6.44 29.80
N HIS C 314 14.20 -7.35 29.52
CA HIS C 314 13.52 -8.14 30.58
C HIS C 314 14.21 -9.49 30.88
N LEU C 315 15.27 -9.81 30.14
CA LEU C 315 15.96 -11.09 30.20
C LEU C 315 17.28 -10.96 30.96
N VAL C 316 17.56 -11.95 31.82
CA VAL C 316 18.84 -12.06 32.54
C VAL C 316 19.39 -13.45 32.30
N ALA C 317 20.53 -13.56 31.63
CA ALA C 317 21.11 -14.88 31.33
C ALA C 317 22.26 -15.07 32.32
N VAL C 318 22.15 -16.09 33.19
CA VAL C 318 23.12 -16.36 34.22
C VAL C 318 24.10 -17.48 33.85
N ASP C 319 25.40 -17.25 34.00
CA ASP C 319 26.40 -18.32 33.79
C ASP C 319 26.60 -19.03 35.13
N VAL C 320 25.84 -20.09 35.35
CA VAL C 320 25.89 -20.81 36.62
CA VAL C 320 25.91 -20.78 36.64
C VAL C 320 27.17 -21.66 36.72
N LYS C 321 27.55 -22.31 35.62
CA LYS C 321 28.74 -23.19 35.67
C LYS C 321 29.98 -22.41 36.04
N GLY C 322 30.21 -21.33 35.33
CA GLY C 322 31.34 -20.47 35.56
C GLY C 322 31.31 -19.77 36.88
N SER C 323 30.12 -19.61 37.49
CA SER C 323 29.99 -18.91 38.76
C SER C 323 30.14 -19.81 39.99
N ILE C 324 29.41 -20.92 40.02
CA ILE C 324 29.48 -21.80 41.16
C ILE C 324 29.70 -23.24 40.81
N GLY C 325 29.91 -23.57 39.54
CA GLY C 325 30.19 -24.96 39.14
C GLY C 325 29.00 -25.90 38.98
N LEU C 326 27.76 -25.39 38.91
CA LEU C 326 26.59 -26.21 38.56
CA LEU C 326 26.59 -26.21 38.55
C LEU C 326 26.28 -26.04 37.09
N THR C 327 25.77 -27.10 36.47
CA THR C 327 25.32 -26.99 35.10
C THR C 327 23.96 -26.27 35.13
N GLY C 328 23.55 -25.77 33.99
CA GLY C 328 22.24 -25.11 33.88
C GLY C 328 21.12 -26.09 34.13
N LYS C 329 21.35 -27.33 33.66
CA LYS C 329 20.43 -28.41 34.01
C LYS C 329 20.25 -28.62 35.52
N GLU C 330 21.34 -28.74 36.26
CA GLU C 330 21.28 -28.85 37.75
C GLU C 330 20.58 -27.66 38.36
N ALA C 331 20.94 -26.45 37.90
CA ALA C 331 20.34 -25.21 38.44
C ALA C 331 18.84 -25.12 38.20
N GLU C 332 18.44 -25.44 36.98
CA GLU C 332 17.02 -25.49 36.63
C GLU C 332 16.25 -26.43 37.55
N GLU C 333 16.79 -27.63 37.78
CA GLU C 333 16.16 -28.62 38.64
CA GLU C 333 16.12 -28.60 38.65
C GLU C 333 16.06 -28.13 40.09
N THR C 334 17.16 -27.57 40.60
CA THR C 334 17.21 -27.10 41.97
C THR C 334 16.20 -25.99 42.18
N LEU C 335 16.17 -25.05 41.24
CA LEU C 335 15.21 -23.93 41.33
C LEU C 335 13.79 -24.47 41.21
N ASP C 336 13.57 -25.41 40.30
CA ASP C 336 12.20 -25.98 40.20
C ASP C 336 11.74 -26.55 41.53
N SER C 337 12.64 -27.22 42.25
CA SER C 337 12.30 -27.86 43.54
C SER C 337 11.88 -26.90 44.64
N VAL C 338 12.27 -25.64 44.54
CA VAL C 338 11.90 -24.62 45.56
C VAL C 338 10.80 -23.68 45.02
N GLY C 339 10.32 -23.93 43.81
CA GLY C 339 9.18 -23.21 43.27
C GLY C 339 9.54 -22.09 42.32
N ILE C 340 10.76 -22.11 41.76
CA ILE C 340 11.12 -21.11 40.77
C ILE C 340 11.33 -21.81 39.41
N THR C 341 10.56 -21.39 38.38
CA THR C 341 10.58 -22.03 37.11
C THR C 341 11.37 -21.18 36.14
N CYS C 342 12.42 -21.74 35.55
CA CYS C 342 13.23 -21.07 34.54
C CYS C 342 13.79 -22.16 33.66
N ASN C 343 14.57 -21.80 32.65
CA ASN C 343 15.14 -22.81 31.77
C ASN C 343 16.64 -22.74 31.59
N LYS C 344 17.25 -23.91 31.57
CA LYS C 344 18.66 -24.05 31.26
C LYS C 344 18.84 -23.39 29.92
N ASN C 345 20.05 -22.86 29.71
CA ASN C 345 20.40 -22.06 28.56
CA ASN C 345 20.38 -22.29 28.43
C ASN C 345 21.86 -22.27 28.18
N THR C 346 22.14 -22.40 26.90
CA THR C 346 23.50 -22.41 26.38
C THR C 346 24.05 -20.97 26.47
N ILE C 347 25.16 -20.81 27.16
CA ILE C 347 25.87 -19.54 27.13
C ILE C 347 26.70 -19.43 25.86
N PRO C 348 27.21 -18.23 25.58
CA PRO C 348 28.00 -18.11 24.39
C PRO C 348 29.23 -19.01 24.41
N PHE C 349 29.43 -19.73 23.31
CA PHE C 349 30.55 -20.68 23.15
C PHE C 349 30.57 -21.74 24.27
N ASP C 350 29.41 -22.19 24.71
CA ASP C 350 29.29 -23.06 25.91
C ASP C 350 30.18 -24.32 25.76
N GLN C 351 31.01 -24.61 26.74
CA GLN C 351 31.76 -25.88 26.77
C GLN C 351 30.88 -27.11 27.18
N GLU C 352 29.73 -26.86 27.81
CA GLU C 352 28.82 -27.94 28.12
C GLU C 352 27.93 -28.30 26.93
N LYS C 353 27.54 -29.57 26.88
CA LYS C 353 26.54 -30.07 25.91
C LYS C 353 25.22 -29.29 25.88
N PRO C 354 24.53 -29.31 24.74
CA PRO C 354 23.25 -28.59 24.59
C PRO C 354 22.14 -28.94 25.56
N PHE C 355 22.13 -30.16 26.11
CA PHE C 355 21.07 -30.43 27.09
C PHE C 355 21.55 -30.51 28.54
N VAL C 356 22.82 -30.14 28.75
CA VAL C 356 23.40 -29.92 30.06
C VAL C 356 23.49 -28.37 30.28
N THR C 357 24.28 -27.72 29.42
CA THR C 357 24.49 -26.24 29.37
C THR C 357 25.19 -25.67 30.60
N SER C 358 25.65 -24.40 30.49
CA SER C 358 26.31 -23.72 31.63
C SER C 358 25.41 -22.65 32.28
N GLY C 359 24.22 -22.44 31.72
CA GLY C 359 23.45 -21.23 31.95
C GLY C 359 22.02 -21.47 32.31
N ILE C 360 21.41 -20.45 32.90
CA ILE C 360 19.95 -20.40 33.00
C ILE C 360 19.51 -19.04 32.54
N ARG C 361 18.30 -19.01 32.00
CA ARG C 361 17.72 -17.79 31.58
C ARG C 361 16.46 -17.44 32.36
N LEU C 362 16.45 -16.22 32.85
CA LEU C 362 15.38 -15.71 33.71
C LEU C 362 14.75 -14.55 33.02
N GLY C 363 13.41 -14.41 33.10
CA GLY C 363 12.76 -13.22 32.58
C GLY C 363 11.79 -12.68 33.60
N THR C 364 11.62 -11.38 33.60
CA THR C 364 10.74 -10.70 34.53
C THR C 364 9.27 -10.41 34.09
N PRO C 365 8.90 -10.62 32.81
CA PRO C 365 7.54 -10.14 32.45
C PRO C 365 6.36 -10.68 33.25
N ALA C 366 6.37 -11.99 33.51
CA ALA C 366 5.23 -12.65 34.10
C ALA C 366 5.09 -12.26 35.56
N ALA C 367 6.22 -12.30 36.25
CA ALA C 367 6.21 -11.98 37.67
C ALA C 367 5.94 -10.47 37.87
N THR C 368 6.32 -9.64 36.91
CA THR C 368 5.99 -8.23 36.98
C THR C 368 4.44 -8.03 36.82
N THR C 369 3.85 -8.76 35.88
CA THR C 369 2.43 -8.72 35.67
C THR C 369 1.69 -9.03 36.97
N ARG C 370 2.17 -9.98 37.76
CA ARG C 370 1.46 -10.33 39.02
C ARG C 370 1.68 -9.36 40.16
N GLY C 371 2.53 -8.38 39.94
CA GLY C 371 2.74 -7.28 40.90
C GLY C 371 4.16 -7.12 41.43
N PHE C 372 5.10 -7.99 41.04
CA PHE C 372 6.46 -7.92 41.61
C PHE C 372 7.11 -6.56 41.32
N ASP C 373 7.72 -5.99 42.35
CA ASP C 373 8.46 -4.72 42.23
C ASP C 373 9.96 -4.99 42.48
N GLU C 374 10.74 -3.94 42.67
CA GLU C 374 12.17 -4.09 42.86
CA GLU C 374 12.19 -4.11 42.85
C GLU C 374 12.51 -4.86 44.12
N LYS C 375 11.80 -4.57 45.20
CA LYS C 375 12.04 -5.26 46.43
C LYS C 375 11.83 -6.75 46.20
N ALA C 376 10.76 -7.10 45.49
CA ALA C 376 10.41 -8.49 45.30
C ALA C 376 11.49 -9.18 44.48
N PHE C 377 11.96 -8.51 43.44
CA PHE C 377 13.00 -9.13 42.62
C PHE C 377 14.37 -9.17 43.28
N GLU C 378 14.63 -8.29 44.25
CA GLU C 378 15.85 -8.44 45.02
C GLU C 378 15.75 -9.71 45.89
N GLU C 379 14.56 -9.96 46.45
CA GLU C 379 14.31 -11.19 47.19
C GLU C 379 14.41 -12.44 46.29
N VAL C 380 13.90 -12.37 45.06
CA VAL C 380 14.04 -13.50 44.10
C VAL C 380 15.51 -13.83 43.90
N ALA C 381 16.30 -12.80 43.70
CA ALA C 381 17.74 -12.99 43.51
C ALA C 381 18.38 -13.66 44.73
N LYS C 382 17.98 -13.23 45.92
CA LYS C 382 18.52 -13.83 47.12
C LYS C 382 18.09 -15.27 47.28
N ILE C 383 16.87 -15.56 46.91
CA ILE C 383 16.35 -16.95 46.92
C ILE C 383 17.15 -17.80 45.94
N ILE C 384 17.34 -17.30 44.74
CA ILE C 384 18.12 -18.00 43.75
C ILE C 384 19.52 -18.30 44.25
N SER C 385 20.18 -17.30 44.85
CA SER C 385 21.51 -17.48 45.34
C SER C 385 21.54 -18.55 46.44
N LEU C 386 20.61 -18.45 47.39
CA LEU C 386 20.55 -19.42 48.48
C LEU C 386 20.41 -20.86 48.00
N ALA C 387 19.53 -21.07 47.04
CA ALA C 387 19.22 -22.40 46.57
C ALA C 387 20.38 -22.94 45.75
N LEU C 388 20.93 -22.10 44.89
CA LEU C 388 21.95 -22.60 43.98
C LEU C 388 23.32 -22.86 44.68
N LYS C 389 23.65 -22.01 45.63
CA LYS C 389 24.84 -22.19 46.43
C LYS C 389 24.76 -23.32 47.44
N ASN C 390 23.55 -23.84 47.69
CA ASN C 390 23.33 -24.81 48.79
C ASN C 390 22.39 -25.92 48.29
N SER C 391 22.68 -26.40 47.07
CA SER C 391 21.82 -27.30 46.32
C SER C 391 21.70 -28.68 46.94
N LYS C 392 22.56 -28.99 47.90
CA LYS C 392 22.44 -30.26 48.62
C LYS C 392 22.06 -30.09 50.08
N ASP C 393 21.53 -28.92 50.42
CA ASP C 393 21.31 -28.57 51.81
C ASP C 393 19.78 -28.39 52.01
N GLU C 394 19.13 -29.40 52.58
CA GLU C 394 17.66 -29.41 52.69
C GLU C 394 17.14 -28.27 53.55
N GLU C 395 17.87 -27.89 54.59
CA GLU C 395 17.46 -26.79 55.42
C GLU C 395 17.35 -25.52 54.56
N LYS C 396 18.37 -25.29 53.74
CA LYS C 396 18.40 -24.05 52.95
C LYS C 396 17.45 -24.09 51.77
N LEU C 397 17.23 -25.27 51.23
CA LEU C 397 16.23 -25.44 50.17
C LEU C 397 14.81 -25.19 50.71
N GLN C 398 14.53 -25.64 51.91
CA GLN C 398 13.26 -25.39 52.49
C GLN C 398 13.08 -23.91 52.77
N GLN C 399 14.13 -23.24 53.22
CA GLN C 399 14.11 -21.80 53.44
C GLN C 399 13.80 -21.09 52.15
N ALA C 400 14.42 -21.52 51.05
CA ALA C 400 14.11 -20.94 49.77
C ALA C 400 12.66 -21.13 49.38
N LYS C 401 12.18 -22.36 49.52
CA LYS C 401 10.78 -22.69 49.28
C LYS C 401 9.84 -21.85 50.08
N GLU C 402 10.16 -21.66 51.35
CA GLU C 402 9.27 -20.87 52.22
C GLU C 402 9.26 -19.40 51.79
N ARG C 403 10.40 -18.91 51.33
CA ARG C 403 10.50 -17.52 50.89
C ARG C 403 9.81 -17.33 49.53
N VAL C 404 9.86 -18.34 48.66
CA VAL C 404 8.99 -18.35 47.50
C VAL C 404 7.50 -18.26 47.87
N ALA C 405 7.09 -19.05 48.87
CA ALA C 405 5.69 -19.06 49.27
C ALA C 405 5.25 -17.71 49.80
N LYS C 406 6.12 -17.00 50.49
CA LYS C 406 5.78 -15.64 50.94
CA LYS C 406 5.80 -15.64 50.94
C LYS C 406 5.41 -14.71 49.80
N LEU C 407 6.19 -14.78 48.70
CA LEU C 407 5.97 -13.91 47.55
C LEU C 407 4.69 -14.27 46.77
N THR C 408 4.44 -15.57 46.65
CA THR C 408 3.29 -16.03 45.92
C THR C 408 2.03 -15.66 46.67
N ALA C 409 2.11 -15.70 47.99
CA ALA C 409 1.00 -15.30 48.86
C ALA C 409 0.80 -13.78 48.80
N GLU C 410 1.90 -13.03 48.69
CA GLU C 410 1.83 -11.60 48.57
C GLU C 410 1.24 -11.16 47.22
N TYR C 411 1.53 -11.91 46.16
CA TYR C 411 1.13 -11.52 44.83
C TYR C 411 0.30 -12.66 44.17
N PRO C 412 -0.92 -12.89 44.65
CA PRO C 412 -1.69 -13.95 44.03
C PRO C 412 -2.10 -13.66 42.59
N LEU C 413 -2.23 -14.73 41.81
CA LEU C 413 -2.54 -14.68 40.41
C LEU C 413 -4.04 -14.52 40.25
N TYR C 414 -4.45 -13.61 39.37
CA TYR C 414 -5.84 -13.43 38.98
C TYR C 414 -6.82 -13.18 40.18
N ASN D 2 -21.02 -17.89 28.44
CA ASN D 2 -19.79 -17.30 27.82
C ASN D 2 -19.35 -16.08 28.64
N ALA D 3 -18.36 -16.24 29.52
CA ALA D 3 -17.86 -15.11 30.35
C ALA D 3 -17.52 -13.86 29.50
N MET D 4 -18.12 -12.72 29.81
CA MET D 4 -17.96 -11.49 28.97
C MET D 4 -17.82 -10.16 29.76
N SER D 5 -17.83 -10.29 31.06
CA SER D 5 -17.93 -9.15 31.90
C SER D 5 -16.61 -8.37 31.91
N TYR D 6 -15.47 -9.06 31.75
CA TYR D 6 -14.17 -8.36 31.77
C TYR D 6 -13.92 -7.59 30.49
N ILE D 7 -14.24 -8.16 29.33
CA ILE D 7 -14.06 -7.40 28.06
C ILE D 7 -14.93 -6.20 27.96
N THR D 8 -16.15 -6.31 28.44
CA THR D 8 -17.10 -5.20 28.41
C THR D 8 -16.60 -3.98 29.20
N LYS D 9 -16.09 -4.22 30.39
CA LYS D 9 -15.51 -3.15 31.23
C LYS D 9 -14.32 -2.47 30.58
N GLN D 10 -13.58 -3.27 29.84
CA GLN D 10 -12.24 -2.99 29.33
CA GLN D 10 -12.27 -2.84 29.39
C GLN D 10 -12.27 -2.36 27.93
N ASP D 11 -13.09 -2.97 27.07
CA ASP D 11 -13.03 -2.74 25.64
C ASP D 11 -14.44 -2.90 25.04
N LYS D 12 -15.21 -1.82 25.09
CA LYS D 12 -16.62 -1.78 24.70
CA LYS D 12 -16.62 -1.90 24.74
C LYS D 12 -16.81 -2.15 23.25
N VAL D 13 -15.94 -1.61 22.42
CA VAL D 13 -16.07 -1.78 20.99
C VAL D 13 -15.85 -3.23 20.60
N ILE D 14 -14.88 -3.92 21.23
CA ILE D 14 -14.68 -5.34 20.94
C ILE D 14 -15.80 -6.15 21.56
N ALA D 15 -16.21 -5.81 22.78
CA ALA D 15 -17.25 -6.57 23.44
C ALA D 15 -18.58 -6.52 22.63
N GLU D 16 -18.90 -5.32 22.13
CA GLU D 16 -20.06 -5.09 21.29
C GLU D 16 -20.04 -5.96 20.04
N ALA D 17 -18.88 -6.01 19.38
CA ALA D 17 -18.73 -6.77 18.13
C ALA D 17 -18.89 -8.26 18.39
N ILE D 18 -18.39 -8.72 19.55
CA ILE D 18 -18.58 -10.10 19.97
C ILE D 18 -20.06 -10.42 20.27
N GLU D 19 -20.76 -9.54 21.01
CA GLU D 19 -22.17 -9.75 21.28
CA GLU D 19 -22.18 -9.73 21.27
C GLU D 19 -22.97 -9.74 19.96
N ARG D 20 -22.60 -8.88 19.02
CA ARG D 20 -23.31 -8.84 17.73
C ARG D 20 -23.10 -10.10 16.92
N GLU D 21 -21.87 -10.66 17.00
CA GLU D 21 -21.54 -11.90 16.30
C GLU D 21 -22.35 -13.05 16.87
N PHE D 22 -22.48 -13.11 18.19
CA PHE D 22 -23.39 -14.06 18.78
C PHE D 22 -24.84 -13.90 18.24
N GLN D 23 -25.34 -12.68 18.21
CA GLN D 23 -26.68 -12.38 17.69
C GLN D 23 -26.88 -12.77 16.23
N ARG D 24 -25.86 -12.52 15.41
CA ARG D 24 -25.82 -12.97 14.05
C ARG D 24 -25.81 -14.51 13.90
N GLN D 25 -25.03 -15.19 14.72
CA GLN D 25 -25.05 -16.66 14.69
C GLN D 25 -26.47 -17.16 15.05
N ASN D 26 -27.12 -16.44 15.96
CA ASN D 26 -28.45 -16.87 16.34
C ASN D 26 -29.55 -16.51 15.30
N SER D 27 -29.44 -15.31 14.71
CA SER D 27 -30.46 -14.78 13.79
CA SER D 27 -30.46 -14.78 13.80
C SER D 27 -30.34 -15.32 12.38
N ASN D 28 -29.20 -15.87 12.02
CA ASN D 28 -29.06 -16.46 10.68
CA ASN D 28 -29.07 -16.43 10.68
C ASN D 28 -29.14 -17.95 10.80
N ILE D 29 -29.49 -18.59 9.68
CA ILE D 29 -29.46 -20.04 9.62
C ILE D 29 -28.19 -20.29 8.81
N GLU D 30 -27.18 -20.82 9.49
CA GLU D 30 -25.87 -21.03 8.94
CA GLU D 30 -25.89 -20.99 8.84
C GLU D 30 -25.81 -22.38 8.26
N LEU D 31 -25.66 -22.43 6.95
CA LEU D 31 -25.58 -23.67 6.26
C LEU D 31 -24.22 -23.76 5.59
N ILE D 32 -23.21 -23.14 6.20
CA ILE D 32 -21.88 -23.13 5.60
C ILE D 32 -21.23 -24.52 5.78
N ALA D 33 -20.95 -25.16 4.65
CA ALA D 33 -20.48 -26.55 4.50
C ALA D 33 -20.47 -27.32 5.80
N SER D 34 -19.27 -27.49 6.38
CA SER D 34 -19.09 -28.41 7.44
C SER D 34 -19.00 -27.69 8.81
N GLU D 35 -19.10 -26.35 8.80
CA GLU D 35 -18.94 -25.48 10.00
C GLU D 35 -20.01 -25.79 11.11
N ASN D 36 -19.83 -25.32 12.34
CA ASN D 36 -20.59 -25.90 13.48
C ASN D 36 -20.62 -24.99 14.67
N PHE D 37 -21.34 -25.42 15.74
CA PHE D 37 -21.40 -24.70 17.01
C PHE D 37 -20.81 -25.55 18.13
N VAL D 38 -19.74 -25.06 18.78
CA VAL D 38 -19.02 -25.88 19.74
C VAL D 38 -19.72 -25.72 21.04
N SER D 39 -19.50 -26.67 21.93
CA SER D 39 -20.08 -26.59 23.26
C SER D 39 -19.54 -25.45 24.15
N GLU D 40 -20.26 -25.07 25.19
CA GLU D 40 -19.75 -24.12 26.15
C GLU D 40 -18.47 -24.69 26.80
N ALA D 41 -18.39 -25.99 27.01
CA ALA D 41 -17.23 -26.60 27.66
C ALA D 41 -15.98 -26.49 26.75
N VAL D 42 -16.16 -26.62 25.43
CA VAL D 42 -15.05 -26.45 24.50
C VAL D 42 -14.51 -25.00 24.61
N MET D 43 -15.43 -24.05 24.63
CA MET D 43 -15.04 -22.63 24.71
C MET D 43 -14.41 -22.27 26.06
N GLU D 44 -14.92 -22.82 27.16
CA GLU D 44 -14.27 -22.64 28.42
C GLU D 44 -12.79 -23.11 28.44
N ALA D 45 -12.49 -24.22 27.80
CA ALA D 45 -11.14 -24.67 27.67
C ALA D 45 -10.33 -23.71 26.84
N GLN D 46 -10.90 -23.20 25.73
CA GLN D 46 -10.12 -22.31 24.86
C GLN D 46 -9.84 -21.02 25.54
N GLY D 47 -10.74 -20.64 26.43
CA GLY D 47 -10.64 -19.44 27.21
C GLY D 47 -9.91 -19.54 28.55
N SER D 48 -9.09 -20.57 28.75
CA SER D 48 -8.50 -20.86 30.08
C SER D 48 -7.10 -20.28 30.18
N VAL D 49 -6.54 -20.35 31.36
CA VAL D 49 -5.13 -19.91 31.58
C VAL D 49 -4.09 -20.73 30.90
N LEU D 50 -4.49 -21.84 30.27
CA LEU D 50 -3.51 -22.63 29.51
C LEU D 50 -2.87 -21.84 28.34
N THR D 51 -3.50 -20.73 27.96
CA THR D 51 -2.88 -19.81 26.98
C THR D 51 -1.52 -19.26 27.42
N ASN D 52 -1.30 -19.18 28.72
CA ASN D 52 -0.05 -18.66 29.27
C ASN D 52 1.13 -19.67 29.14
N LYS D 53 0.86 -20.93 28.88
CA LYS D 53 1.89 -21.95 29.01
C LYS D 53 2.68 -22.16 27.71
N TYR D 54 4.00 -22.05 27.83
CA TYR D 54 4.96 -22.34 26.79
C TYR D 54 5.32 -23.83 26.98
N ALA D 55 5.00 -24.64 25.99
CA ALA D 55 5.14 -26.12 26.12
C ALA D 55 5.76 -26.75 24.90
N GLU D 56 6.76 -26.12 24.32
CA GLU D 56 7.48 -26.78 23.20
C GLU D 56 7.89 -28.18 23.55
N GLY D 57 7.75 -29.07 22.59
CA GLY D 57 8.05 -30.51 22.77
C GLY D 57 6.77 -31.30 22.88
N TYR D 58 6.88 -32.52 23.41
CA TYR D 58 5.74 -33.43 23.50
C TYR D 58 5.62 -33.97 24.94
N PRO D 59 4.45 -34.46 25.33
CA PRO D 59 4.26 -34.85 26.74
C PRO D 59 5.35 -35.80 27.24
N GLY D 60 5.93 -35.48 28.39
CA GLY D 60 6.99 -36.29 28.97
C GLY D 60 8.37 -36.03 28.38
N ARG D 61 8.44 -35.22 27.33
CA ARG D 61 9.70 -34.90 26.66
C ARG D 61 9.67 -33.46 26.22
N ARG D 62 9.50 -32.55 27.17
CA ARG D 62 9.37 -31.14 26.87
C ARG D 62 10.71 -30.41 26.95
N TYR D 63 10.78 -29.25 26.27
CA TYR D 63 12.00 -28.45 26.25
C TYR D 63 12.08 -27.50 27.45
N TYR D 64 10.92 -27.18 28.02
CA TYR D 64 10.78 -26.32 29.19
C TYR D 64 10.09 -27.11 30.35
N GLY D 65 10.39 -26.73 31.59
CA GLY D 65 9.75 -27.31 32.79
C GLY D 65 8.35 -26.72 33.03
N GLY D 66 7.63 -27.26 34.02
CA GLY D 66 6.32 -26.73 34.41
C GLY D 66 5.12 -27.26 33.59
N CYS D 67 5.34 -28.32 32.82
CA CYS D 67 4.36 -28.87 31.89
C CYS D 67 3.54 -30.05 32.45
N GLU D 68 3.63 -30.32 33.75
CA GLU D 68 2.93 -31.46 34.36
CA GLU D 68 2.96 -31.49 34.32
C GLU D 68 1.48 -31.55 33.88
N PHE D 69 0.77 -30.42 33.94
CA PHE D 69 -0.66 -30.42 33.70
C PHE D 69 -1.11 -30.27 32.25
N VAL D 70 -0.37 -29.52 31.43
CA VAL D 70 -0.63 -29.61 30.01
C VAL D 70 -0.23 -31.00 29.45
N ASP D 71 0.68 -31.76 30.09
CA ASP D 71 0.99 -33.11 29.63
C ASP D 71 -0.25 -33.95 29.79
N VAL D 72 -0.99 -33.72 30.89
CA VAL D 72 -2.20 -34.45 31.13
C VAL D 72 -3.28 -34.13 30.07
N THR D 73 -3.55 -32.85 29.83
CA THR D 73 -4.58 -32.48 28.84
C THR D 73 -4.17 -32.87 27.42
N GLU D 74 -2.93 -32.67 27.03
CA GLU D 74 -2.52 -33.12 25.69
C GLU D 74 -2.54 -34.68 25.56
N SER D 75 -2.05 -35.37 26.59
CA SER D 75 -2.09 -36.86 26.57
C SER D 75 -3.52 -37.40 26.45
N ILE D 76 -4.48 -36.79 27.15
CA ILE D 76 -5.86 -37.17 27.08
C ILE D 76 -6.42 -36.87 25.68
N ALA D 77 -6.02 -35.74 25.07
CA ALA D 77 -6.49 -35.43 23.75
C ALA D 77 -6.03 -36.56 22.81
N ILE D 78 -4.79 -36.94 22.97
CA ILE D 78 -4.19 -38.04 22.19
C ILE D 78 -4.93 -39.36 22.38
N ASP D 79 -5.13 -39.73 23.63
CA ASP D 79 -5.80 -40.99 24.00
C ASP D 79 -7.20 -41.05 23.41
N ARG D 80 -7.96 -39.95 23.55
CA ARG D 80 -9.32 -39.87 23.04
C ARG D 80 -9.37 -39.93 21.51
N ALA D 81 -8.41 -39.30 20.84
CA ALA D 81 -8.34 -39.40 19.38
C ALA D 81 -8.08 -40.85 18.97
N LYS D 82 -7.22 -41.54 19.70
CA LYS D 82 -7.06 -43.00 19.51
C LYS D 82 -8.33 -43.79 19.74
N ALA D 83 -9.09 -43.45 20.78
CA ALA D 83 -10.35 -44.17 21.05
C ALA D 83 -11.34 -43.97 19.94
N LEU D 84 -11.38 -42.79 19.34
CA LEU D 84 -12.29 -42.47 18.29
C LEU D 84 -11.87 -43.05 16.94
N PHE D 85 -10.58 -43.03 16.64
CA PHE D 85 -10.11 -43.33 15.28
C PHE D 85 -9.20 -44.55 15.09
N GLY D 86 -8.69 -45.07 16.20
CA GLY D 86 -7.89 -46.32 16.20
C GLY D 86 -6.52 -46.14 15.62
N ALA D 87 -6.03 -44.90 15.62
CA ALA D 87 -4.76 -44.57 14.95
C ALA D 87 -3.57 -45.14 15.76
N GLU D 88 -2.49 -45.53 15.08
CA GLU D 88 -1.27 -45.97 15.77
C GLU D 88 -0.52 -44.83 16.49
N HIS D 89 -0.38 -43.70 15.79
CA HIS D 89 0.19 -42.50 16.39
C HIS D 89 -0.70 -41.27 16.10
N VAL D 90 -0.83 -40.40 17.08
CA VAL D 90 -1.60 -39.16 16.96
C VAL D 90 -0.73 -37.95 17.38
N ASN D 91 -0.81 -36.88 16.59
CA ASN D 91 -0.20 -35.61 16.96
C ASN D 91 -1.35 -34.61 16.99
N VAL D 92 -1.59 -34.03 18.18
CA VAL D 92 -2.70 -33.07 18.34
C VAL D 92 -2.20 -31.61 18.35
N GLN D 93 -0.94 -31.38 18.01
CA GLN D 93 -0.38 -30.02 17.97
C GLN D 93 -0.61 -29.14 16.75
N PRO D 94 -0.97 -29.69 15.58
CA PRO D 94 -1.11 -28.78 14.40
C PRO D 94 -2.07 -27.64 14.72
N HIS D 95 -1.65 -26.39 14.49
CA HIS D 95 -2.49 -25.20 14.75
C HIS D 95 -3.69 -25.13 13.81
N SER D 96 -3.60 -25.81 12.67
CA SER D 96 -4.67 -25.81 11.70
C SER D 96 -4.60 -27.07 10.83
N GLY D 97 -5.67 -27.23 10.03
CA GLY D 97 -5.69 -28.28 9.01
C GLY D 97 -4.55 -28.15 8.02
N PRO D 98 -4.32 -26.93 7.50
CA PRO D 98 -3.17 -26.75 6.60
C PRO D 98 -1.79 -26.98 7.21
N GLN D 99 -1.62 -26.76 8.52
CA GLN D 99 -0.36 -27.19 9.18
C GLN D 99 -0.20 -28.71 9.23
N ALA D 100 -1.29 -29.43 9.55
CA ALA D 100 -1.32 -30.88 9.51
C ALA D 100 -0.96 -31.40 8.10
N ASN D 101 -1.65 -30.86 7.12
CA ASN D 101 -1.40 -31.27 5.76
C ASN D 101 0.02 -31.02 5.34
N MET D 102 0.52 -29.81 5.59
CA MET D 102 1.91 -29.48 5.22
C MET D 102 2.94 -30.40 5.90
N ALA D 103 2.73 -30.75 7.17
CA ALA D 103 3.63 -31.70 7.81
C ALA D 103 3.67 -33.04 7.08
N VAL D 104 2.50 -33.59 6.71
CA VAL D 104 2.45 -34.89 6.05
C VAL D 104 3.18 -34.78 4.71
N TYR D 105 2.93 -33.71 3.93
CA TYR D 105 3.59 -33.55 2.64
CA TYR D 105 3.59 -33.51 2.65
C TYR D 105 5.10 -33.47 2.79
N LEU D 106 5.59 -32.74 3.79
CA LEU D 106 7.01 -32.59 3.99
C LEU D 106 7.67 -33.92 4.37
N VAL D 107 6.94 -34.77 5.09
CA VAL D 107 7.44 -36.11 5.39
C VAL D 107 7.37 -37.08 4.18
N ALA D 108 6.27 -37.05 3.42
CA ALA D 108 6.00 -38.05 2.39
C ALA D 108 6.76 -37.75 1.10
N LEU D 109 7.05 -36.47 0.87
CA LEU D 109 7.54 -36.03 -0.41
C LEU D 109 8.84 -35.26 -0.27
N GLU D 110 9.55 -35.18 -1.39
CA GLU D 110 10.59 -34.21 -1.62
C GLU D 110 9.99 -33.15 -2.50
N MET D 111 10.58 -31.97 -2.45
CA MET D 111 10.13 -30.84 -3.23
C MET D 111 10.13 -31.22 -4.72
N GLY D 112 9.03 -30.90 -5.41
CA GLY D 112 8.93 -31.17 -6.84
C GLY D 112 8.30 -32.51 -7.20
N ASP D 113 8.10 -33.38 -6.20
CA ASP D 113 7.47 -34.67 -6.41
C ASP D 113 6.01 -34.56 -6.86
N THR D 114 5.51 -35.65 -7.44
CA THR D 114 4.15 -35.72 -7.92
C THR D 114 3.19 -36.20 -6.84
N VAL D 115 2.09 -35.45 -6.70
CA VAL D 115 0.99 -35.81 -5.84
C VAL D 115 -0.27 -35.89 -6.67
N LEU D 116 -1.10 -36.89 -6.38
CA LEU D 116 -2.42 -37.02 -6.99
C LEU D 116 -3.50 -36.80 -5.91
N GLY D 117 -4.33 -35.78 -6.09
CA GLY D 117 -5.37 -35.47 -5.07
C GLY D 117 -6.68 -35.00 -5.69
N MET D 118 -7.75 -35.02 -4.91
CA MET D 118 -9.04 -34.57 -5.46
C MET D 118 -8.99 -33.06 -5.60
N ASN D 119 -9.40 -32.54 -6.73
CA ASN D 119 -9.28 -31.10 -6.96
C ASN D 119 -7.95 -30.41 -6.54
N PRO D 131 -0.31 -21.23 -9.04
CA PRO D 131 -0.86 -21.91 -7.85
C PRO D 131 -0.29 -21.34 -6.54
N VAL D 132 -1.14 -20.73 -5.71
CA VAL D 132 -0.65 -20.04 -4.51
C VAL D 132 -0.42 -21.04 -3.36
N ASN D 133 -1.35 -21.97 -3.20
CA ASN D 133 -1.31 -22.92 -2.06
C ASN D 133 0.03 -23.72 -2.11
N PHE D 134 0.63 -23.92 -0.94
CA PHE D 134 1.97 -24.52 -0.82
C PHE D 134 2.02 -25.88 -1.56
N SER D 135 0.96 -26.67 -1.42
CA SER D 135 0.85 -28.00 -2.01
C SER D 135 0.95 -28.06 -3.54
N GLY D 136 0.37 -27.05 -4.19
CA GLY D 136 0.52 -26.87 -5.62
C GLY D 136 1.77 -26.10 -6.04
N LYS D 137 2.38 -25.35 -5.11
CA LYS D 137 3.56 -24.54 -5.46
C LYS D 137 4.80 -25.37 -5.45
N PHE D 138 4.96 -26.17 -4.42
CA PHE D 138 6.22 -26.87 -4.24
C PHE D 138 6.23 -28.34 -4.65
N TYR D 139 5.06 -28.79 -5.09
CA TYR D 139 4.89 -30.13 -5.61
C TYR D 139 4.10 -30.12 -6.92
N ASN D 140 4.22 -31.20 -7.68
CA ASN D 140 3.48 -31.32 -8.92
C ASN D 140 2.15 -31.96 -8.58
N PHE D 141 1.13 -31.13 -8.36
CA PHE D 141 -0.16 -31.61 -7.89
C PHE D 141 -1.04 -31.95 -9.08
N VAL D 142 -1.47 -33.20 -9.18
CA VAL D 142 -2.34 -33.62 -10.24
C VAL D 142 -3.70 -33.94 -9.67
N GLU D 143 -4.71 -33.42 -10.35
CA GLU D 143 -6.05 -33.44 -9.86
C GLU D 143 -6.84 -34.57 -10.48
N TYR D 144 -7.59 -35.29 -9.65
CA TYR D 144 -8.68 -36.09 -10.19
C TYR D 144 -9.92 -35.36 -9.71
N GLY D 145 -11.01 -35.49 -10.44
CA GLY D 145 -12.24 -34.86 -10.00
C GLY D 145 -13.27 -35.96 -9.94
N VAL D 146 -14.41 -35.71 -10.58
CA VAL D 146 -15.51 -36.66 -10.56
C VAL D 146 -15.94 -36.84 -11.98
N ASP D 147 -16.69 -37.91 -12.22
CA ASP D 147 -17.19 -38.21 -13.55
C ASP D 147 -18.24 -37.20 -13.97
N LYS D 148 -18.18 -36.78 -15.24
CA LYS D 148 -19.09 -35.74 -15.76
C LYS D 148 -20.57 -36.13 -15.69
N ASP D 149 -20.88 -37.40 -15.86
CA ASP D 149 -22.25 -37.85 -15.81
C ASP D 149 -22.71 -38.18 -14.40
N THR D 150 -21.95 -38.96 -13.66
CA THR D 150 -22.43 -39.42 -12.34
C THR D 150 -22.17 -38.38 -11.26
N GLU D 151 -21.21 -37.51 -11.54
CA GLU D 151 -20.70 -36.51 -10.58
C GLU D 151 -20.16 -37.18 -9.32
N ARG D 152 -19.70 -38.42 -9.49
CA ARG D 152 -19.03 -39.16 -8.43
C ARG D 152 -17.62 -39.54 -8.88
N ILE D 153 -16.78 -39.90 -7.92
CA ILE D 153 -15.44 -40.35 -8.21
C ILE D 153 -15.51 -41.57 -9.13
N ASN D 154 -14.63 -41.59 -10.11
CA ASN D 154 -14.43 -42.73 -10.94
C ASN D 154 -13.06 -43.33 -10.65
N TYR D 155 -13.07 -44.41 -9.87
CA TYR D 155 -11.89 -45.07 -9.39
C TYR D 155 -11.01 -45.63 -10.51
N ASP D 156 -11.60 -46.09 -11.62
CA ASP D 156 -10.77 -46.49 -12.79
C ASP D 156 -10.04 -45.28 -13.35
N GLU D 157 -10.67 -44.11 -13.32
CA GLU D 157 -10.00 -42.89 -13.80
C GLU D 157 -8.90 -42.50 -12.83
N VAL D 158 -9.18 -42.54 -11.52
CA VAL D 158 -8.13 -42.31 -10.56
C VAL D 158 -6.96 -43.29 -10.78
N ARG D 159 -7.26 -44.57 -11.02
CA ARG D 159 -6.23 -45.57 -11.21
C ARG D 159 -5.48 -45.26 -12.48
N LYS D 160 -6.20 -44.91 -13.55
CA LYS D 160 -5.55 -44.46 -14.79
C LYS D 160 -4.53 -43.33 -14.51
N LEU D 161 -4.98 -42.22 -13.92
CA LEU D 161 -4.07 -41.10 -13.64
C LEU D 161 -2.86 -41.52 -12.76
N ALA D 162 -3.08 -42.40 -11.79
CA ALA D 162 -2.00 -42.89 -10.94
C ALA D 162 -0.93 -43.67 -11.73
N LEU D 163 -1.36 -44.57 -12.61
CA LEU D 163 -0.43 -45.34 -13.44
C LEU D 163 0.31 -44.40 -14.39
N GLU D 164 -0.42 -43.42 -14.93
CA GLU D 164 0.17 -42.44 -15.83
C GLU D 164 1.15 -41.46 -15.15
N HIS D 165 0.83 -40.98 -13.95
CA HIS D 165 1.60 -39.86 -13.38
C HIS D 165 2.60 -40.27 -12.32
N LYS D 166 2.46 -41.49 -11.81
CA LYS D 166 3.41 -42.08 -10.87
C LYS D 166 3.59 -41.20 -9.61
N PRO D 167 2.47 -40.85 -8.97
CA PRO D 167 2.55 -40.03 -7.75
C PRO D 167 3.25 -40.78 -6.63
N LYS D 168 4.09 -40.07 -5.88
CA LYS D 168 4.68 -40.55 -4.63
C LYS D 168 3.65 -40.54 -3.51
N LEU D 169 2.63 -39.70 -3.64
CA LEU D 169 1.58 -39.59 -2.65
C LEU D 169 0.23 -39.45 -3.36
N ILE D 170 -0.78 -40.14 -2.86
CA ILE D 170 -2.15 -40.00 -3.38
C ILE D 170 -2.97 -39.50 -2.23
N VAL D 171 -3.81 -38.51 -2.45
CA VAL D 171 -4.61 -37.95 -1.36
C VAL D 171 -6.07 -38.18 -1.64
N ALA D 172 -6.80 -38.70 -0.65
CA ALA D 172 -8.24 -38.89 -0.80
C ALA D 172 -8.90 -37.97 0.22
N GLY D 173 -10.16 -37.60 -0.03
CA GLY D 173 -10.80 -36.59 0.83
C GLY D 173 -10.38 -35.19 0.41
N ALA D 174 -10.23 -34.30 1.38
CA ALA D 174 -9.85 -32.87 1.21
C ALA D 174 -11.02 -32.03 0.72
N SER D 175 -11.58 -32.37 -0.44
CA SER D 175 -12.68 -31.60 -1.02
C SER D 175 -14.01 -31.87 -0.33
N ALA D 176 -14.90 -30.89 -0.36
CA ALA D 176 -16.22 -31.04 0.24
C ALA D 176 -17.13 -31.88 -0.69
N TYR D 177 -16.86 -33.18 -0.73
CA TYR D 177 -17.53 -34.12 -1.62
C TYR D 177 -18.71 -34.75 -0.93
N SER D 178 -19.82 -34.91 -1.67
CA SER D 178 -21.11 -35.30 -1.08
C SER D 178 -21.34 -36.82 -0.94
N ARG D 179 -20.44 -37.64 -1.47
CA ARG D 179 -20.66 -39.07 -1.46
C ARG D 179 -19.59 -39.82 -0.68
N THR D 180 -19.91 -41.03 -0.27
CA THR D 180 -18.97 -41.86 0.47
C THR D 180 -17.71 -42.13 -0.38
N ILE D 181 -16.53 -42.08 0.24
CA ILE D 181 -15.23 -42.38 -0.43
C ILE D 181 -14.76 -43.77 -0.01
N ASP D 182 -14.34 -44.57 -1.01
CA ASP D 182 -13.89 -45.93 -0.77
C ASP D 182 -12.37 -45.93 -0.61
N PHE D 183 -11.94 -46.00 0.62
CA PHE D 183 -10.53 -45.91 0.95
C PHE D 183 -9.80 -47.20 0.65
N LYS D 184 -10.53 -48.30 0.60
CA LYS D 184 -9.93 -49.56 0.16
C LYS D 184 -9.47 -49.47 -1.27
N LYS D 185 -10.31 -48.88 -2.12
CA LYS D 185 -9.93 -48.72 -3.53
C LYS D 185 -8.74 -47.77 -3.73
N PHE D 186 -8.71 -46.69 -2.93
CA PHE D 186 -7.56 -45.79 -2.95
C PHE D 186 -6.32 -46.50 -2.53
N LYS D 187 -6.42 -47.33 -1.51
CA LYS D 187 -5.26 -48.07 -1.05
C LYS D 187 -4.78 -49.08 -2.11
N GLU D 188 -5.70 -49.73 -2.83
CA GLU D 188 -5.29 -50.67 -3.89
C GLU D 188 -4.57 -49.92 -5.00
N ILE D 189 -5.07 -48.73 -5.32
CA ILE D 189 -4.44 -47.91 -6.38
C ILE D 189 -3.07 -47.47 -5.88
N ALA D 190 -2.99 -46.97 -4.65
CA ALA D 190 -1.70 -46.52 -4.09
C ALA D 190 -0.62 -47.63 -4.09
N ASP D 191 -1.01 -48.81 -3.62
CA ASP D 191 -0.09 -49.96 -3.59
C ASP D 191 0.38 -50.39 -4.95
N GLU D 192 -0.54 -50.36 -5.91
CA GLU D 192 -0.22 -50.73 -7.26
C GLU D 192 0.92 -49.87 -7.81
N VAL D 193 0.89 -48.56 -7.54
CA VAL D 193 1.89 -47.63 -8.05
C VAL D 193 2.96 -47.28 -7.02
N ASN D 194 2.94 -47.99 -5.90
CA ASN D 194 3.90 -47.79 -4.83
C ASN D 194 3.93 -46.37 -4.27
N ALA D 195 2.74 -45.78 -4.15
CA ALA D 195 2.55 -44.47 -3.49
C ALA D 195 2.08 -44.63 -2.07
N LYS D 196 2.37 -43.60 -1.26
CA LYS D 196 1.80 -43.49 0.08
C LYS D 196 0.40 -42.98 -0.07
N LEU D 197 -0.48 -43.29 0.88
CA LEU D 197 -1.86 -42.80 0.83
C LEU D 197 -2.10 -41.89 2.03
N MET D 198 -2.55 -40.67 1.72
CA MET D 198 -2.98 -39.73 2.74
C MET D 198 -4.47 -39.54 2.58
N VAL D 199 -5.21 -39.48 3.69
CA VAL D 199 -6.60 -39.06 3.63
C VAL D 199 -6.81 -37.81 4.48
N ASP D 200 -7.33 -36.75 3.87
CA ASP D 200 -7.70 -35.55 4.62
C ASP D 200 -9.21 -35.67 4.90
N MET D 201 -9.52 -36.05 6.12
CA MET D 201 -10.90 -36.30 6.49
C MET D 201 -11.60 -35.13 7.18
N ALA D 202 -11.12 -33.91 6.97
CA ALA D 202 -11.65 -32.72 7.70
C ALA D 202 -13.17 -32.63 7.59
N HIS D 203 -13.69 -32.82 6.39
CA HIS D 203 -15.13 -32.69 6.22
C HIS D 203 -15.91 -33.78 6.90
N ILE D 204 -15.38 -35.00 6.94
CA ILE D 204 -16.17 -36.13 7.42
C ILE D 204 -15.77 -36.73 8.78
N ALA D 205 -14.85 -36.09 9.46
CA ALA D 205 -14.26 -36.67 10.64
C ALA D 205 -15.30 -37.01 11.66
N GLY D 206 -16.33 -36.16 11.82
CA GLY D 206 -17.39 -36.45 12.79
C GLY D 206 -18.25 -37.64 12.37
N LEU D 207 -18.39 -37.84 11.05
CA LEU D 207 -19.14 -39.03 10.54
C LEU D 207 -18.29 -40.29 10.71
N VAL D 208 -16.98 -40.17 10.48
CA VAL D 208 -16.06 -41.29 10.79
C VAL D 208 -16.14 -41.67 12.26
N ALA D 209 -16.11 -40.63 13.10
CA ALA D 209 -16.09 -40.84 14.55
C ALA D 209 -17.35 -41.59 15.02
N ALA D 210 -18.47 -41.28 14.36
CA ALA D 210 -19.78 -41.85 14.68
C ALA D 210 -20.04 -43.22 14.03
N GLY D 211 -19.09 -43.69 13.23
CA GLY D 211 -19.19 -44.97 12.53
C GLY D 211 -20.11 -44.92 11.34
N LEU D 212 -20.41 -43.73 10.85
CA LEU D 212 -21.33 -43.61 9.71
C LEU D 212 -20.60 -43.60 8.38
N HIS D 213 -19.35 -43.18 8.39
CA HIS D 213 -18.51 -43.27 7.20
C HIS D 213 -17.35 -44.19 7.51
N PRO D 214 -16.94 -45.02 6.53
CA PRO D 214 -15.83 -45.89 6.87
C PRO D 214 -14.57 -45.09 7.24
N ASN D 215 -13.86 -45.63 8.20
CA ASN D 215 -12.66 -45.00 8.75
C ASN D 215 -11.42 -45.18 7.84
N PRO D 216 -10.76 -44.08 7.40
CA PRO D 216 -9.57 -44.15 6.53
C PRO D 216 -8.31 -44.69 7.22
N VAL D 217 -8.29 -44.63 8.54
CA VAL D 217 -7.18 -45.13 9.31
C VAL D 217 -6.89 -46.63 8.99
N GLU D 218 -7.91 -47.41 8.68
CA GLU D 218 -7.74 -48.83 8.32
C GLU D 218 -6.75 -49.03 7.15
N TYR D 219 -6.64 -48.05 6.28
CA TYR D 219 -5.86 -48.16 5.05
C TYR D 219 -4.78 -47.09 4.83
N ALA D 220 -4.95 -45.89 5.41
CA ALA D 220 -4.08 -44.77 5.02
C ALA D 220 -2.75 -44.87 5.73
N ASP D 221 -1.68 -44.43 5.08
CA ASP D 221 -0.44 -44.11 5.81
C ASP D 221 -0.54 -42.90 6.75
N PHE D 222 -1.27 -41.88 6.31
CA PHE D 222 -1.48 -40.64 7.07
C PHE D 222 -2.94 -40.21 6.93
N VAL D 223 -3.57 -39.80 8.03
CA VAL D 223 -4.88 -39.20 8.02
C VAL D 223 -4.73 -37.80 8.71
N THR D 224 -5.17 -36.76 8.02
CA THR D 224 -5.21 -35.42 8.61
C THR D 224 -6.63 -35.02 8.80
N THR D 225 -6.87 -34.14 9.76
CA THR D 225 -8.19 -33.60 9.94
C THR D 225 -8.10 -32.23 10.60
N THR D 226 -9.16 -31.45 10.44
CA THR D 226 -9.38 -30.35 11.33
C THR D 226 -10.10 -30.93 12.53
N THR D 227 -10.07 -30.19 13.62
CA THR D 227 -10.83 -30.58 14.84
C THR D 227 -12.19 -29.93 14.95
N HIS D 228 -12.40 -28.88 14.15
CA HIS D 228 -13.66 -28.29 13.96
C HIS D 228 -14.33 -28.95 12.77
N LYS D 229 -15.54 -28.53 12.51
CA LYS D 229 -16.41 -28.99 11.39
C LYS D 229 -17.34 -30.07 11.91
N THR D 230 -17.49 -31.19 11.21
CA THR D 230 -18.33 -32.27 11.72
C THR D 230 -17.83 -32.87 13.04
N LEU D 231 -16.52 -32.83 13.31
CA LEU D 231 -16.04 -33.26 14.64
C LEU D 231 -16.44 -32.31 15.78
N ARG D 232 -16.90 -31.11 15.43
CA ARG D 232 -17.54 -30.18 16.35
C ARG D 232 -16.66 -29.70 17.54
N GLY D 233 -15.37 -29.62 17.29
CA GLY D 233 -14.41 -29.11 18.24
C GLY D 233 -13.86 -27.72 17.89
N PRO D 234 -12.79 -27.29 18.60
CA PRO D 234 -12.21 -25.99 18.34
C PRO D 234 -11.50 -26.00 16.99
N ARG D 235 -11.18 -24.82 16.46
CA ARG D 235 -10.44 -24.75 15.23
C ARG D 235 -9.01 -25.17 15.52
N GLY D 236 -8.53 -26.11 14.74
CA GLY D 236 -7.17 -26.60 14.82
C GLY D 236 -7.05 -27.87 14.01
N GLY D 237 -5.86 -28.45 14.01
CA GLY D 237 -5.65 -29.65 13.24
C GLY D 237 -5.13 -30.84 14.03
N MET D 238 -4.96 -31.97 13.35
CA MET D 238 -4.48 -33.22 13.96
C MET D 238 -3.96 -34.09 12.87
N ILE D 239 -2.94 -34.89 13.17
CA ILE D 239 -2.41 -35.92 12.28
C ILE D 239 -2.54 -37.26 12.96
N LEU D 240 -2.99 -38.27 12.21
CA LEU D 240 -3.01 -39.64 12.63
C LEU D 240 -2.11 -40.34 11.65
N CYS D 241 -1.26 -41.22 12.13
CA CYS D 241 -0.39 -41.94 11.19
C CYS D 241 0.11 -43.28 11.71
N LYS D 242 0.61 -44.08 10.78
CA LYS D 242 1.23 -45.34 11.17
C LYS D 242 2.47 -45.07 12.02
N GLU D 243 2.81 -46.06 12.85
CA GLU D 243 3.91 -45.95 13.81
CA GLU D 243 3.89 -45.89 13.81
C GLU D 243 5.21 -45.56 13.10
N GLU D 244 5.45 -46.12 11.92
CA GLU D 244 6.73 -45.90 11.23
C GLU D 244 7.02 -44.41 10.90
N TYR D 245 5.98 -43.59 10.80
CA TYR D 245 6.16 -42.19 10.48
C TYR D 245 6.14 -41.29 11.70
N LYS D 246 5.95 -41.84 12.89
CA LYS D 246 5.75 -40.98 14.04
C LYS D 246 6.88 -40.02 14.37
N LYS D 247 8.14 -40.48 14.25
CA LYS D 247 9.29 -39.62 14.54
CA LYS D 247 9.28 -39.63 14.55
C LYS D 247 9.40 -38.48 13.54
N ASP D 248 9.26 -38.79 12.25
CA ASP D 248 9.36 -37.75 11.22
C ASP D 248 8.20 -36.76 11.34
N ILE D 249 6.99 -37.27 11.53
CA ILE D 249 5.81 -36.39 11.69
C ILE D 249 5.98 -35.48 12.88
N ASP D 250 6.37 -36.02 14.03
CA ASP D 250 6.45 -35.19 15.21
C ASP D 250 7.53 -34.12 15.14
N LYS D 251 8.67 -34.48 14.55
CA LYS D 251 9.83 -33.60 14.33
C LYS D 251 9.45 -32.48 13.32
N THR D 252 8.65 -32.86 12.33
CA THR D 252 8.19 -31.92 11.31
C THR D 252 7.23 -30.87 11.90
N ILE D 253 6.34 -31.29 12.78
CA ILE D 253 5.49 -30.33 13.49
C ILE D 253 6.31 -29.46 14.42
N PHE D 254 7.13 -30.06 15.30
CA PHE D 254 8.02 -29.30 16.17
C PHE D 254 9.43 -29.98 16.20
N PRO D 255 10.50 -29.27 15.81
CA PRO D 255 10.60 -27.83 15.52
C PRO D 255 10.48 -27.43 14.05
N GLY D 256 10.06 -28.35 13.16
CA GLY D 256 10.04 -28.09 11.73
C GLY D 256 9.25 -26.85 11.32
N ILE D 257 7.94 -26.83 11.58
CA ILE D 257 7.05 -25.75 11.11
C ILE D 257 6.23 -25.01 12.19
N GLN D 258 6.25 -25.52 13.42
CA GLN D 258 5.63 -24.89 14.57
C GLN D 258 6.65 -24.79 15.72
N GLY D 259 6.31 -23.94 16.68
CA GLY D 259 7.00 -23.87 17.98
C GLY D 259 6.15 -24.47 19.08
N GLY D 260 5.77 -23.67 20.06
CA GLY D 260 4.93 -24.16 21.13
C GLY D 260 3.52 -24.43 20.66
N PRO D 261 2.85 -25.45 21.19
CA PRO D 261 1.51 -25.76 20.80
C PRO D 261 0.53 -24.85 21.57
N LEU D 262 -0.72 -24.75 21.08
CA LEU D 262 -1.72 -23.95 21.76
C LEU D 262 -2.42 -24.86 22.78
N GLU D 263 -1.92 -24.92 24.02
CA GLU D 263 -2.41 -25.92 24.96
C GLU D 263 -3.85 -25.72 25.39
N HIS D 264 -4.28 -24.47 25.41
CA HIS D 264 -5.69 -24.17 25.63
C HIS D 264 -6.54 -24.73 24.54
N VAL D 265 -6.10 -24.63 23.28
CA VAL D 265 -6.87 -25.16 22.19
C VAL D 265 -6.85 -26.70 22.26
N ILE D 266 -5.69 -27.25 22.59
CA ILE D 266 -5.54 -28.70 22.76
C ILE D 266 -6.41 -29.28 23.87
N ALA D 267 -6.56 -28.54 24.95
CA ALA D 267 -7.50 -28.96 25.98
C ALA D 267 -8.93 -28.96 25.44
N ALA D 268 -9.24 -27.98 24.59
CA ALA D 268 -10.54 -27.96 23.91
C ALA D 268 -10.73 -29.12 22.96
N LYS D 269 -9.66 -29.53 22.28
CA LYS D 269 -9.75 -30.71 21.48
C LYS D 269 -10.09 -31.93 22.33
N ALA D 270 -9.44 -32.07 23.45
CA ALA D 270 -9.78 -33.16 24.40
C ALA D 270 -11.26 -33.17 24.76
N VAL D 271 -11.78 -32.01 25.11
CA VAL D 271 -13.18 -31.91 25.50
C VAL D 271 -14.10 -32.36 24.35
N ALA D 272 -13.79 -31.88 23.14
CA ALA D 272 -14.56 -32.22 21.97
C ALA D 272 -14.49 -33.71 21.67
N PHE D 273 -13.32 -34.29 21.83
CA PHE D 273 -13.15 -35.70 21.56
C PHE D 273 -13.95 -36.52 22.55
N GLY D 274 -13.95 -36.08 23.81
CA GLY D 274 -14.80 -36.72 24.81
C GLY D 274 -16.29 -36.65 24.47
N GLU D 275 -16.76 -35.50 23.99
CA GLU D 275 -18.15 -35.40 23.51
C GLU D 275 -18.43 -36.34 22.36
N ALA D 276 -17.48 -36.46 21.43
CA ALA D 276 -17.67 -37.29 20.26
C ALA D 276 -17.69 -38.79 20.62
N LEU D 277 -17.14 -39.15 21.79
CA LEU D 277 -17.19 -40.54 22.25
C LEU D 277 -18.55 -40.92 22.84
N GLU D 278 -19.41 -39.96 23.15
CA GLU D 278 -20.70 -40.24 23.73
C GLU D 278 -21.67 -40.85 22.74
N ASN D 279 -22.57 -41.68 23.22
CA ASN D 279 -23.53 -42.30 22.31
C ASN D 279 -24.39 -41.25 21.59
N ASN D 280 -24.64 -40.12 22.23
CA ASN D 280 -25.51 -39.11 21.62
C ASN D 280 -24.86 -38.41 20.44
N PHE D 281 -23.55 -38.61 20.26
CA PHE D 281 -22.85 -38.01 19.15
C PHE D 281 -23.19 -38.77 17.91
N LYS D 282 -23.35 -40.09 18.06
CA LYS D 282 -23.80 -40.92 16.96
C LYS D 282 -25.19 -40.53 16.52
N THR D 283 -26.06 -40.32 17.50
CA THR D 283 -27.42 -39.89 17.19
C THR D 283 -27.47 -38.54 16.51
N TYR D 284 -26.60 -37.63 16.93
CA TYR D 284 -26.50 -36.33 16.31
C TYR D 284 -26.08 -36.47 14.87
N GLN D 285 -25.05 -37.26 14.61
CA GLN D 285 -24.55 -37.37 13.25
C GLN D 285 -25.58 -38.11 12.35
N GLN D 286 -26.27 -39.06 12.92
CA GLN D 286 -27.37 -39.68 12.17
C GLN D 286 -28.40 -38.62 11.74
N GLN D 287 -28.74 -37.72 12.66
CA GLN D 287 -29.70 -36.67 12.37
C GLN D 287 -29.14 -35.68 11.34
N VAL D 288 -27.86 -35.35 11.49
CA VAL D 288 -27.16 -34.54 10.49
C VAL D 288 -27.36 -35.08 9.07
N VAL D 289 -27.15 -36.38 8.90
CA VAL D 289 -27.18 -36.97 7.55
C VAL D 289 -28.64 -37.12 7.06
N LYS D 290 -29.57 -37.49 7.96
CA LYS D 290 -31.00 -37.55 7.62
CA LYS D 290 -30.98 -37.56 7.60
C LYS D 290 -31.46 -36.17 7.14
N ASN D 291 -31.04 -35.13 7.85
CA ASN D 291 -31.41 -33.77 7.53
C ASN D 291 -30.94 -33.32 6.16
N ALA D 292 -29.72 -33.69 5.81
CA ALA D 292 -29.18 -33.38 4.48
C ALA D 292 -29.93 -34.09 3.40
N LYS D 293 -30.32 -35.32 3.68
CA LYS D 293 -31.02 -36.08 2.68
C LYS D 293 -32.40 -35.45 2.46
N VAL D 294 -33.08 -35.10 3.53
CA VAL D 294 -34.35 -34.38 3.48
C VAL D 294 -34.21 -33.08 2.72
N LEU D 295 -33.13 -32.34 3.00
CA LEU D 295 -32.92 -31.06 2.34
C LEU D 295 -32.70 -31.21 0.83
N ALA D 296 -31.90 -32.17 0.44
CA ALA D 296 -31.64 -32.42 -0.98
C ALA D 296 -32.92 -32.86 -1.72
N GLU D 297 -33.69 -33.77 -1.10
CA GLU D 297 -34.91 -34.23 -1.75
C GLU D 297 -35.95 -33.13 -1.85
N ALA D 298 -36.14 -32.40 -0.75
CA ALA D 298 -37.04 -31.28 -0.76
C ALA D 298 -36.66 -30.24 -1.80
N LEU D 299 -35.38 -30.04 -2.04
CA LEU D 299 -34.94 -29.08 -3.06
C LEU D 299 -35.25 -29.62 -4.46
N ILE D 300 -35.06 -30.93 -4.62
CA ILE D 300 -35.42 -31.62 -5.85
C ILE D 300 -36.93 -31.43 -6.13
N ASN D 301 -37.77 -31.56 -5.09
CA ASN D 301 -39.21 -31.40 -5.29
C ASN D 301 -39.60 -29.95 -5.57
N GLU D 302 -38.73 -29.00 -5.24
CA GLU D 302 -38.96 -27.61 -5.62
C GLU D 302 -38.32 -27.27 -6.96
N GLY D 303 -37.70 -28.25 -7.61
CA GLY D 303 -37.15 -28.08 -8.94
C GLY D 303 -35.69 -27.73 -9.04
N PHE D 304 -34.91 -28.01 -8.01
CA PHE D 304 -33.48 -27.78 -8.11
C PHE D 304 -32.78 -29.07 -8.50
N ARG D 305 -31.65 -28.95 -9.18
CA ARG D 305 -30.80 -30.08 -9.44
C ARG D 305 -29.70 -30.10 -8.37
N ILE D 306 -29.44 -31.28 -7.81
CA ILE D 306 -28.40 -31.51 -6.82
C ILE D 306 -27.25 -32.21 -7.50
N VAL D 307 -26.03 -31.76 -7.23
CA VAL D 307 -24.83 -32.39 -7.83
C VAL D 307 -24.75 -33.82 -7.32
N SER D 308 -24.54 -34.78 -8.23
CA SER D 308 -24.66 -36.24 -8.00
C SER D 308 -26.06 -36.73 -7.70
N GLY D 309 -27.06 -35.86 -7.77
CA GLY D 309 -28.44 -36.29 -7.57
C GLY D 309 -28.86 -36.42 -6.12
N GLY D 310 -27.97 -36.08 -5.20
CA GLY D 310 -28.26 -36.25 -3.77
C GLY D 310 -27.00 -36.24 -2.93
N THR D 311 -27.09 -36.81 -1.71
CA THR D 311 -25.97 -36.91 -0.83
C THR D 311 -25.97 -38.18 -0.02
N ASP D 312 -24.78 -38.66 0.33
CA ASP D 312 -24.60 -39.67 1.36
C ASP D 312 -24.24 -39.06 2.71
N ASN D 313 -23.99 -37.76 2.79
CA ASN D 313 -23.47 -37.17 4.04
C ASN D 313 -24.21 -35.88 4.44
N HIS D 314 -23.50 -34.96 5.11
CA HIS D 314 -24.06 -33.72 5.60
C HIS D 314 -24.05 -32.61 4.55
N LEU D 315 -23.46 -32.85 3.40
CA LEU D 315 -23.31 -31.82 2.34
C LEU D 315 -24.31 -31.93 1.19
N VAL D 316 -24.87 -30.79 0.75
CA VAL D 316 -25.81 -30.73 -0.35
C VAL D 316 -25.29 -29.63 -1.30
N ALA D 317 -24.86 -30.05 -2.49
CA ALA D 317 -24.32 -29.13 -3.48
C ALA D 317 -25.43 -28.90 -4.52
N VAL D 318 -25.91 -27.67 -4.65
CA VAL D 318 -27.02 -27.34 -5.52
C VAL D 318 -26.52 -26.64 -6.78
N ASP D 319 -26.93 -27.10 -7.97
CA ASP D 319 -26.61 -26.46 -9.26
C ASP D 319 -27.68 -25.42 -9.55
N VAL D 320 -27.46 -24.18 -9.10
CA VAL D 320 -28.52 -23.18 -9.15
C VAL D 320 -28.69 -22.64 -10.57
N LYS D 321 -27.58 -22.55 -11.29
CA LYS D 321 -27.58 -22.03 -12.67
C LYS D 321 -28.42 -22.96 -13.52
N GLY D 322 -28.13 -24.25 -13.42
CA GLY D 322 -28.86 -25.28 -14.18
C GLY D 322 -30.29 -25.50 -13.72
N SER D 323 -30.67 -24.93 -12.58
CA SER D 323 -32.01 -25.12 -12.06
C SER D 323 -32.91 -23.93 -12.31
N ILE D 324 -32.44 -22.74 -11.96
CA ILE D 324 -33.27 -21.56 -12.05
C ILE D 324 -32.57 -20.39 -12.73
N GLY D 325 -31.36 -20.62 -13.26
CA GLY D 325 -30.67 -19.59 -14.01
C GLY D 325 -29.92 -18.54 -13.21
N LEU D 326 -29.86 -18.65 -11.87
CA LEU D 326 -29.03 -17.71 -11.11
C LEU D 326 -27.63 -18.30 -11.01
N THR D 327 -26.62 -17.43 -10.89
CA THR D 327 -25.26 -17.86 -10.58
C THR D 327 -25.16 -18.26 -9.10
N GLY D 328 -24.07 -18.93 -8.75
CA GLY D 328 -23.76 -19.24 -7.35
C GLY D 328 -23.67 -18.00 -6.51
N LYS D 329 -22.98 -16.99 -7.05
CA LYS D 329 -22.81 -15.70 -6.38
C LYS D 329 -24.14 -15.01 -6.12
N GLU D 330 -25.01 -14.94 -7.15
CA GLU D 330 -26.33 -14.36 -7.00
C GLU D 330 -27.13 -15.11 -5.92
N ALA D 331 -27.11 -16.44 -5.96
CA ALA D 331 -27.88 -17.24 -5.03
C ALA D 331 -27.40 -17.02 -3.61
N GLU D 332 -26.08 -17.03 -3.40
CA GLU D 332 -25.47 -16.72 -2.11
CA GLU D 332 -25.48 -16.72 -2.09
C GLU D 332 -25.92 -15.35 -1.54
N GLU D 333 -25.91 -14.34 -2.38
CA GLU D 333 -26.25 -12.99 -1.99
C GLU D 333 -27.69 -12.90 -1.65
N THR D 334 -28.54 -13.55 -2.45
CA THR D 334 -29.96 -13.57 -2.21
C THR D 334 -30.26 -14.26 -0.87
N LEU D 335 -29.72 -15.46 -0.67
CA LEU D 335 -29.92 -16.16 0.60
C LEU D 335 -29.44 -15.34 1.78
N ASP D 336 -28.25 -14.76 1.64
CA ASP D 336 -27.73 -13.91 2.72
C ASP D 336 -28.71 -12.79 3.15
N SER D 337 -29.42 -12.22 2.17
CA SER D 337 -30.32 -11.11 2.42
C SER D 337 -31.58 -11.57 3.18
N VAL D 338 -31.87 -12.86 3.17
CA VAL D 338 -33.01 -13.39 3.94
C VAL D 338 -32.60 -14.09 5.24
N GLY D 339 -31.31 -14.18 5.48
CA GLY D 339 -30.79 -14.71 6.74
C GLY D 339 -30.26 -16.14 6.67
N ILE D 340 -29.96 -16.62 5.47
CA ILE D 340 -29.36 -17.94 5.28
C ILE D 340 -27.99 -17.78 4.68
N THR D 341 -26.98 -18.31 5.37
CA THR D 341 -25.59 -18.20 4.93
CA THR D 341 -25.60 -18.20 4.96
C THR D 341 -25.14 -19.53 4.34
N CYS D 342 -24.47 -19.45 3.21
CA CYS D 342 -23.90 -20.60 2.52
C CYS D 342 -22.78 -20.05 1.65
N ASN D 343 -22.02 -20.93 0.99
CA ASN D 343 -20.95 -20.51 0.05
C ASN D 343 -21.31 -20.84 -1.37
N LYS D 344 -21.05 -19.93 -2.30
CA LYS D 344 -21.09 -20.29 -3.70
C LYS D 344 -20.07 -21.39 -3.92
N ASN D 345 -20.26 -22.16 -4.98
CA ASN D 345 -19.58 -23.41 -5.19
C ASN D 345 -19.40 -23.67 -6.68
N THR D 346 -18.17 -23.92 -7.10
CA THR D 346 -17.89 -24.44 -8.44
C THR D 346 -18.30 -25.90 -8.59
N ILE D 347 -19.29 -26.15 -9.43
CA ILE D 347 -19.78 -27.51 -9.68
C ILE D 347 -18.82 -28.25 -10.63
N PRO D 348 -18.93 -29.58 -10.67
CA PRO D 348 -18.16 -30.33 -11.62
C PRO D 348 -18.39 -29.80 -13.02
N PHE D 349 -17.30 -29.54 -13.72
CA PHE D 349 -17.32 -29.01 -15.07
C PHE D 349 -18.09 -27.70 -15.21
N ASP D 350 -18.01 -26.86 -14.16
CA ASP D 350 -18.71 -25.59 -14.14
C ASP D 350 -18.32 -24.72 -15.34
N GLN D 351 -19.33 -24.17 -16.02
CA GLN D 351 -19.09 -23.27 -17.14
CA GLN D 351 -19.14 -23.26 -17.15
C GLN D 351 -19.04 -21.80 -16.70
N GLU D 352 -19.60 -21.50 -15.52
CA GLU D 352 -19.56 -20.12 -15.03
C GLU D 352 -18.16 -19.82 -14.52
N LYS D 353 -17.84 -18.54 -14.48
CA LYS D 353 -16.52 -18.05 -14.09
CA LYS D 353 -16.50 -18.09 -14.12
C LYS D 353 -16.16 -18.54 -12.68
N PRO D 354 -14.86 -18.68 -12.40
CA PRO D 354 -14.45 -19.21 -11.09
C PRO D 354 -14.80 -18.37 -9.84
N PHE D 355 -15.23 -17.11 -10.04
CA PHE D 355 -15.64 -16.21 -8.97
CA PHE D 355 -15.68 -16.32 -8.90
C PHE D 355 -17.14 -15.90 -9.07
N VAL D 356 -17.84 -16.61 -9.94
CA VAL D 356 -19.27 -16.46 -10.12
C VAL D 356 -19.94 -17.83 -9.78
N THR D 357 -19.49 -18.89 -10.47
CA THR D 357 -19.89 -20.29 -10.25
C THR D 357 -21.35 -20.58 -10.61
N SER D 358 -21.68 -21.87 -10.66
CA SER D 358 -23.05 -22.33 -10.93
C SER D 358 -23.74 -22.81 -9.67
N GLY D 359 -23.01 -23.02 -8.57
CA GLY D 359 -23.55 -23.74 -7.42
C GLY D 359 -23.55 -23.02 -6.08
N ILE D 360 -24.33 -23.55 -5.13
CA ILE D 360 -24.13 -23.23 -3.74
C ILE D 360 -23.95 -24.51 -3.00
N ARG D 361 -23.17 -24.49 -1.94
CA ARG D 361 -22.95 -25.68 -1.14
CA ARG D 361 -22.95 -25.68 -1.14
C ARG D 361 -23.56 -25.46 0.24
N LEU D 362 -24.45 -26.36 0.63
CA LEU D 362 -25.19 -26.29 1.89
C LEU D 362 -24.69 -27.41 2.76
N GLY D 363 -24.66 -27.18 4.07
CA GLY D 363 -24.30 -28.21 5.02
C GLY D 363 -25.22 -28.15 6.24
N THR D 364 -25.59 -29.31 6.75
CA THR D 364 -26.49 -29.39 7.92
C THR D 364 -25.86 -29.49 9.35
N PRO D 365 -24.53 -29.64 9.50
CA PRO D 365 -24.09 -29.84 10.90
C PRO D 365 -24.50 -28.76 11.87
N ALA D 366 -24.38 -27.50 11.48
CA ALA D 366 -24.60 -26.40 12.47
C ALA D 366 -26.03 -26.27 12.86
N ALA D 367 -26.93 -26.22 11.88
CA ALA D 367 -28.34 -26.14 12.17
C ALA D 367 -28.82 -27.38 12.94
N THR D 368 -28.27 -28.56 12.64
CA THR D 368 -28.62 -29.76 13.36
C THR D 368 -28.18 -29.64 14.82
N THR D 369 -26.97 -29.11 15.06
CA THR D 369 -26.52 -28.90 16.41
C THR D 369 -27.48 -28.02 17.19
N ARG D 370 -28.07 -27.04 16.53
CA ARG D 370 -29.05 -26.16 17.27
C ARG D 370 -30.46 -26.73 17.38
N GLY D 371 -30.66 -27.88 16.77
CA GLY D 371 -31.87 -28.70 17.02
C GLY D 371 -32.74 -28.98 15.80
N PHE D 372 -32.32 -28.52 14.64
CA PHE D 372 -33.12 -28.70 13.43
C PHE D 372 -33.36 -30.17 13.14
N ASP D 373 -34.59 -30.47 12.76
CA ASP D 373 -34.94 -31.81 12.38
C ASP D 373 -35.42 -31.84 10.94
N GLU D 374 -36.00 -32.97 10.57
CA GLU D 374 -36.44 -33.15 9.20
C GLU D 374 -37.49 -32.13 8.81
N LYS D 375 -38.45 -31.91 9.70
CA LYS D 375 -39.47 -30.86 9.47
C LYS D 375 -38.86 -29.46 9.25
N ALA D 376 -37.84 -29.13 10.02
CA ALA D 376 -37.21 -27.82 9.90
C ALA D 376 -36.48 -27.74 8.57
N PHE D 377 -35.83 -28.83 8.15
CA PHE D 377 -35.13 -28.75 6.88
C PHE D 377 -36.01 -28.74 5.62
N GLU D 378 -37.17 -29.40 5.66
CA GLU D 378 -38.17 -29.21 4.62
C GLU D 378 -38.53 -27.74 4.55
N GLU D 379 -38.71 -27.08 5.70
CA GLU D 379 -39.00 -25.64 5.70
C GLU D 379 -37.86 -24.81 5.16
N VAL D 380 -36.60 -25.13 5.53
CA VAL D 380 -35.43 -24.51 4.90
C VAL D 380 -35.49 -24.63 3.37
N ALA D 381 -35.77 -25.82 2.85
CA ALA D 381 -35.85 -26.01 1.39
C ALA D 381 -36.87 -25.08 0.79
N LYS D 382 -38.04 -24.96 1.43
CA LYS D 382 -39.10 -24.12 0.90
C LYS D 382 -38.72 -22.65 0.92
N ILE D 383 -37.99 -22.23 1.94
CA ILE D 383 -37.53 -20.87 2.06
C ILE D 383 -36.49 -20.51 0.98
N ILE D 384 -35.55 -21.44 0.77
CA ILE D 384 -34.53 -21.27 -0.24
C ILE D 384 -35.18 -21.13 -1.58
N SER D 385 -36.15 -22.00 -1.86
CA SER D 385 -36.86 -21.94 -3.15
C SER D 385 -37.65 -20.64 -3.30
N LEU D 386 -38.40 -20.26 -2.27
CA LEU D 386 -39.08 -18.98 -2.26
C LEU D 386 -38.12 -17.83 -2.61
N ALA D 387 -36.97 -17.73 -1.93
CA ALA D 387 -36.06 -16.59 -2.11
C ALA D 387 -35.38 -16.60 -3.47
N LEU D 388 -34.92 -17.78 -3.90
CA LEU D 388 -34.16 -17.83 -5.14
C LEU D 388 -35.03 -17.74 -6.37
N LYS D 389 -36.27 -18.21 -6.32
CA LYS D 389 -37.16 -18.11 -7.47
C LYS D 389 -37.81 -16.73 -7.59
N ASN D 390 -37.59 -15.86 -6.60
CA ASN D 390 -38.21 -14.53 -6.57
C ASN D 390 -37.17 -13.55 -6.04
N SER D 391 -35.97 -13.61 -6.59
CA SER D 391 -34.84 -12.88 -6.03
C SER D 391 -34.99 -11.36 -6.21
N LYS D 392 -35.91 -10.94 -7.05
CA LYS D 392 -36.14 -9.49 -7.24
C LYS D 392 -37.47 -9.03 -6.68
N ASP D 393 -38.17 -9.90 -5.96
CA ASP D 393 -39.48 -9.54 -5.41
C ASP D 393 -39.32 -9.24 -3.93
N GLU D 394 -39.34 -7.94 -3.56
CA GLU D 394 -39.07 -7.53 -2.18
C GLU D 394 -40.08 -8.12 -1.18
N GLU D 395 -41.34 -8.26 -1.59
CA GLU D 395 -42.36 -8.84 -0.72
C GLU D 395 -42.11 -10.32 -0.41
N LYS D 396 -41.67 -11.09 -1.41
CA LYS D 396 -41.41 -12.51 -1.24
C LYS D 396 -40.16 -12.69 -0.39
N LEU D 397 -39.13 -11.89 -0.66
CA LEU D 397 -37.91 -11.92 0.15
C LEU D 397 -38.25 -11.61 1.62
N GLN D 398 -39.12 -10.63 1.84
CA GLN D 398 -39.58 -10.33 3.18
C GLN D 398 -40.30 -11.53 3.83
N GLN D 399 -41.19 -12.22 3.11
CA GLN D 399 -41.81 -13.44 3.63
C GLN D 399 -40.75 -14.50 4.01
N ALA D 400 -39.76 -14.70 3.15
CA ALA D 400 -38.66 -15.65 3.41
C ALA D 400 -37.97 -15.37 4.74
N LYS D 401 -37.66 -14.09 4.94
CA LYS D 401 -36.90 -13.61 6.09
C LYS D 401 -37.72 -13.77 7.40
N GLU D 402 -39.05 -13.59 7.31
CA GLU D 402 -39.95 -13.89 8.44
C GLU D 402 -39.98 -15.38 8.66
N ARG D 403 -39.87 -16.15 7.60
CA ARG D 403 -39.91 -17.59 7.80
C ARG D 403 -38.62 -18.08 8.48
N VAL D 404 -37.50 -17.47 8.10
CA VAL D 404 -36.22 -17.72 8.79
C VAL D 404 -36.33 -17.38 10.29
N ALA D 405 -36.93 -16.24 10.61
CA ALA D 405 -37.09 -15.81 12.01
C ALA D 405 -37.85 -16.83 12.83
N LYS D 406 -38.91 -17.43 12.26
CA LYS D 406 -39.68 -18.43 13.01
C LYS D 406 -38.82 -19.62 13.40
N LEU D 407 -38.00 -20.05 12.45
CA LEU D 407 -37.08 -21.16 12.65
C LEU D 407 -36.04 -20.86 13.69
N THR D 408 -35.43 -19.68 13.60
CA THR D 408 -34.37 -19.31 14.54
C THR D 408 -34.93 -19.09 15.93
N ALA D 409 -36.20 -18.67 16.04
CA ALA D 409 -36.87 -18.54 17.34
C ALA D 409 -37.20 -19.91 17.93
N GLU D 410 -37.52 -20.85 17.06
CA GLU D 410 -37.80 -22.20 17.51
C GLU D 410 -36.51 -22.87 18.04
N TYR D 411 -35.36 -22.47 17.54
CA TYR D 411 -34.11 -23.18 17.87
C TYR D 411 -33.03 -22.19 18.21
N PRO D 412 -33.20 -21.50 19.33
CA PRO D 412 -32.26 -20.47 19.73
C PRO D 412 -30.88 -21.05 20.06
N LEU D 413 -29.87 -20.26 19.78
CA LEU D 413 -28.47 -20.65 20.04
C LEU D 413 -28.14 -20.59 21.52
N TYR D 414 -27.44 -21.63 21.96
CA TYR D 414 -26.91 -21.75 23.30
C TYR D 414 -28.01 -21.53 24.34
C1 CIT E . 12.81 31.50 -30.07
O1 CIT E . 12.07 30.62 -29.58
O2 CIT E . 13.82 31.98 -29.42
C2 CIT E . 12.43 31.93 -31.48
C3 CIT E . 13.39 31.32 -32.50
O7 CIT E . 13.39 29.90 -32.27
C4 CIT E . 12.83 31.60 -33.92
C5 CIT E . 13.77 31.21 -35.04
O3 CIT E . 13.37 31.34 -36.23
O4 CIT E . 14.92 30.76 -34.86
C6 CIT E . 14.83 31.82 -32.26
O5 CIT E . 15.16 32.98 -32.52
O6 CIT E . 15.70 31.08 -31.76
N GLY F . 4.09 34.75 -0.41
CA GLY F . 4.25 33.27 -0.37
C GLY F . 3.00 32.76 -1.00
O GLY F . 2.43 31.72 -0.67
OXT GLY F . 2.53 33.50 -1.84
C1 CIT G . 0.06 16.08 -23.10
O1 CIT G . 1.11 16.70 -23.02
O2 CIT G . -0.79 15.97 -22.17
C2 CIT G . 0.14 15.50 -24.45
C3 CIT G . -1.02 14.78 -25.02
O7 CIT G . -1.91 14.45 -23.93
C4 CIT G . -1.57 15.75 -26.04
C5 CIT G . -2.05 16.99 -25.29
O3 CIT G . -1.26 17.94 -25.00
O4 CIT G . -3.25 17.08 -24.97
C6 CIT G . -0.25 13.61 -25.61
O5 CIT G . -0.74 12.71 -26.36
O6 CIT G . 0.95 13.60 -25.31
C1 CIT H . -2.76 7.11 2.18
O1 CIT H . -2.54 7.41 3.36
O2 CIT H . -2.20 6.11 1.68
C2 CIT H . -3.69 7.99 1.37
C3 CIT H . -3.45 7.82 -0.14
O7 CIT H . -2.07 7.89 -0.52
C4 CIT H . -4.22 8.96 -0.79
C5 CIT H . -3.96 8.95 -2.27
O3 CIT H . -3.36 9.92 -2.75
O4 CIT H . -4.36 7.99 -2.96
C6 CIT H . -3.96 6.46 -0.59
O5 CIT H . -5.09 6.11 -0.24
O6 CIT H . -3.25 5.68 -1.29
C1 CIT I . 8.78 25.37 -6.90
O1 CIT I . 8.64 26.59 -6.89
O2 CIT I . 7.74 24.76 -7.29
C2 CIT I . 10.10 24.74 -6.44
C3 CIT I . 10.79 24.35 -7.69
O7 CIT I . 10.99 25.53 -8.50
C4 CIT I . 9.66 23.50 -8.03
C5 CIT I . 9.47 23.55 -9.44
O3 CIT I . 9.63 24.59 -10.11
O4 CIT I . 9.16 22.43 -9.82
C6 CIT I . 11.95 23.35 -7.80
O5 CIT I . 12.69 23.29 -8.83
O6 CIT I . 12.13 22.51 -6.90
N GLY J . -20.09 24.08 -22.08
CA GLY J . -19.37 25.37 -22.10
C GLY J . -19.54 25.92 -23.50
O GLY J . -18.98 25.37 -24.44
OXT GLY J . -20.29 26.88 -23.74
N GLY K . -13.44 29.61 -47.50
CA GLY K . -13.32 28.52 -48.51
C GLY K . -12.60 29.08 -49.70
O GLY K . -12.79 30.25 -50.02
OXT GLY K . -11.80 28.40 -50.36
C1 CIT L . -5.41 -1.45 2.75
O1 CIT L . -6.37 -1.36 1.94
O2 CIT L . -4.25 -1.18 2.34
C2 CIT L . -5.70 -1.85 4.19
C3 CIT L . -4.48 -2.55 4.81
O7 CIT L . -4.11 -3.75 4.09
C4 CIT L . -4.86 -2.92 6.23
C5 CIT L . -3.74 -3.79 6.73
O3 CIT L . -3.97 -5.03 6.80
O4 CIT L . -2.60 -3.28 6.97
C6 CIT L . -3.23 -1.68 4.79
O5 CIT L . -3.29 -0.53 5.24
O6 CIT L . -2.12 -2.12 4.32
C1 EDO M . 11.09 -18.30 24.47
O1 EDO M . 10.51 -18.09 23.15
C2 EDO M . 10.01 -18.09 25.57
O2 EDO M . 9.78 -16.74 26.08
C1 EDO N . 25.23 -15.56 49.79
O1 EDO N . 25.84 -15.48 48.46
C2 EDO N . 23.69 -15.79 49.81
O2 EDO N . 23.30 -16.90 48.99
C1 CIT O . 6.00 -20.00 18.60
O1 CIT O . 5.36 -18.93 18.78
O2 CIT O . 5.54 -21.09 18.48
C2 CIT O . 7.43 -20.11 18.48
C3 CIT O . 8.04 -19.48 19.65
O7 CIT O . 7.58 -18.12 19.75
C4 CIT O . 7.75 -20.25 20.93
C5 CIT O . 6.38 -20.09 21.57
O3 CIT O . 5.46 -20.93 21.34
O4 CIT O . 6.07 -19.14 22.37
C6 CIT O . 9.41 -19.60 18.98
O5 CIT O . 9.49 -19.32 17.74
O6 CIT O . 10.41 -20.01 19.65
C1 CIT P . 0.88 -40.44 20.56
O1 CIT P . 1.19 -39.22 20.45
O2 CIT P . 0.13 -40.99 19.71
C2 CIT P . 1.42 -41.22 21.75
C3 CIT P . 2.67 -41.98 21.31
O7 CIT P . 3.58 -41.09 20.60
C4 CIT P . 3.38 -42.54 22.57
C5 CIT P . 4.59 -43.41 22.27
O3 CIT P . 5.15 -43.43 21.12
O4 CIT P . 5.06 -44.13 23.20
C6 CIT P . 2.24 -43.14 20.42
O5 CIT P . 2.56 -43.25 19.20
O6 CIT P . 1.48 -44.00 20.94
C1 CIT Q . -8.41 -25.45 4.93
O1 CIT Q . -7.86 -25.29 3.82
O2 CIT Q . -8.21 -26.50 5.57
C2 CIT Q . -9.30 -24.38 5.47
C3 CIT Q . -9.54 -24.55 6.96
O7 CIT Q . -10.10 -25.89 7.21
C4 CIT Q . -10.37 -23.37 7.43
C5 CIT Q . -11.66 -23.99 7.70
O3 CIT Q . -12.15 -24.71 6.80
O4 CIT Q . -12.24 -23.81 8.77
C6 CIT Q . -8.33 -24.50 7.85
O5 CIT Q . -8.30 -25.21 8.90
O6 CIT Q . -7.42 -23.72 7.54
#